data_8YY0
#
_entry.id   8YY0
#
_cell.length_a   1.00
_cell.length_b   1.00
_cell.length_c   1.00
_cell.angle_alpha   90.00
_cell.angle_beta   90.00
_cell.angle_gamma   90.00
#
_symmetry.space_group_name_H-M   'P 1'
#
loop_
_entity.id
_entity.type
_entity.pdbx_description
1 polymer 'V-type ATP synthase subunit C'
2 polymer 'V-type ATP synthase subunit I'
3 polymer 'V-type ATP synthase, subunit K'
#
loop_
_entity_poly.entity_id
_entity_poly.type
_entity_poly.pdbx_seq_one_letter_code
_entity_poly.pdbx_strand_id
1 'polypeptide(L)'
;MADDFAYLNARVRVRRGTLLKESFFQEALDLSFADFLRLLSETVYGGELAGQGLPDVDRAVLRTQAKLVGDLPRLVTGEA
REAVRLLLLRNDLHNLQALLRAKATGRPFEEVLLLPGTLREEVWRQAYEAQDPAGMAQVLAVPGHPLARALRAVLRETQD
LARVEALLAKRFFEDVAKAAKGLDQPALRDYLALEVDAENLRTAFKLQGSGLAPDAFFLKGGRFVDRVRFARLMEGDYAV
LDELSGTPFSGLSGVRDLKALERGLRCVLLKEAKKGVQDPLGVGLVLAYVKEREWEAVRLRLLARRAYFGLPRAQVEEEV
VCP
;
M
2 'polypeptide(L)'
;MIAPMEKLVLAGPKGRAKELLQSLQQAGVVHLETLRPEALSAYQLSPEERAELRRWEAVSAGAEHTLSLLGLEAEPARPF
PEGLEAAEKALSPIQAHAEGLTRQKQELEEELALAQAYLEPLERLAALAHGLDKSPFLRVIPFLLTEKELPLVEEALRKA
LEDRYLLAHEAYAGGVAALVVVHRKEVDQAKAALSRAGVAELRLPGALGELPLSEAARRLKERAEAAPRELSEVRQHLAK
LARESASTLQSLWTRAQDEVARLKALEELASGRFGFALLGYVPVKAKPKVEEALARHKESVVYAFEPVDEHHEADRIPVV
LDNPPWAKPFELLVSFLNTPKYGTFDPTPVVPVFFPFWFGMIVGDIGYALLFYLVGRWLSGYVKRNEPLVIDLFALKLKP
QVIGKLVHILNWMVFWTVVWGVIYGEFFGTFLEHLGVFGTPEHPGLIPILIHRIDTAKTANLLILLSVAFGVVLVFFGLA
LRAYLGLKHRHMAHFWEGVGYLGGLVGVLALAASYLGNLQAGWLQGLMYLGFGVFLLAVLMSRIWLMIPEIFTQAGHILS
HIRIYAVGAAGGILAGLLTDVGFALAERLGLLGVLLGLLVAGVLHLLILLLTTLGHMLQPIRLLWVEFFTKFGFYEENGR
PYRPFKSVREAQ
;
N
3 'polypeptide(L)'
;MKKLLVTVLLAVFGALAFAAEEAAASGGLDRGLIAVGMGLAVGLAALGTGVAQARIGAAGVGAIAEDRSNFGTALIFLLL
PETLVIFGLLIAFILNGRLHHH
;
O,P,Q,R,S,T,U,V,W,X,Y,Z
#
# COMPACT_ATOMS: atom_id res chain seq x y z
N ASP A 3 8.57 8.98 -2.55
CA ASP A 3 8.16 8.71 -1.18
C ASP A 3 9.36 8.48 -0.29
N ASP A 4 10.43 9.23 -0.53
CA ASP A 4 11.68 9.08 0.21
C ASP A 4 11.89 10.31 1.07
N PHE A 5 11.84 10.13 2.39
CA PHE A 5 11.97 11.25 3.31
C PHE A 5 13.31 11.95 3.16
N ALA A 6 14.36 11.22 2.76
CA ALA A 6 15.66 11.85 2.56
C ALA A 6 15.61 12.90 1.47
N TYR A 7 14.93 12.59 0.36
CA TYR A 7 14.83 13.54 -0.75
C TYR A 7 14.15 14.82 -0.30
N LEU A 8 13.01 14.69 0.38
CA LEU A 8 12.32 15.87 0.89
C LEU A 8 13.14 16.57 1.95
N ASN A 9 13.81 15.80 2.82
CA ASN A 9 14.49 16.40 3.96
C ASN A 9 15.72 17.20 3.55
N ALA A 10 16.42 16.81 2.48
CA ALA A 10 17.54 17.63 2.03
C ALA A 10 17.06 18.99 1.52
N ARG A 11 15.98 18.99 0.71
CA ARG A 11 15.42 20.25 0.24
C ARG A 11 14.91 21.09 1.41
N VAL A 12 14.26 20.45 2.37
CA VAL A 12 13.79 21.19 3.54
C VAL A 12 14.95 21.74 4.34
N ARG A 13 16.08 21.03 4.40
CA ARG A 13 17.24 21.54 5.09
C ARG A 13 17.79 22.79 4.40
N VAL A 14 17.83 22.78 3.07
CA VAL A 14 18.25 23.99 2.36
C VAL A 14 17.28 25.14 2.65
N ARG A 15 15.98 24.87 2.57
CA ARG A 15 15.00 25.94 2.77
C ARG A 15 15.06 26.49 4.19
N ARG A 16 15.20 25.61 5.18
CA ARG A 16 15.37 26.04 6.57
C ARG A 16 16.68 26.78 6.77
N GLY A 17 17.70 26.47 5.97
CA GLY A 17 18.89 27.31 5.96
C GLY A 17 18.62 28.69 5.40
N THR A 18 17.60 28.83 4.56
CA THR A 18 17.15 30.14 4.10
C THR A 18 16.10 30.68 5.07
N LEU A 19 16.57 31.17 6.21
CA LEU A 19 15.69 31.68 7.26
C LEU A 19 16.23 32.98 7.81
N LEU A 20 15.36 33.71 8.51
CA LEU A 20 15.69 35.00 9.11
C LEU A 20 16.06 34.81 10.57
N LYS A 21 17.18 35.38 10.98
CA LYS A 21 17.71 35.16 12.31
C LYS A 21 16.98 36.01 13.34
N GLU A 22 17.22 35.70 14.62
CA GLU A 22 16.58 36.45 15.70
C GLU A 22 17.05 37.90 15.73
N SER A 23 18.22 38.18 15.12
CA SER A 23 18.68 39.56 15.03
C SER A 23 17.73 40.40 14.18
N PHE A 24 17.14 39.80 13.14
CA PHE A 24 16.18 40.53 12.33
C PHE A 24 14.97 40.94 13.15
N PHE A 25 14.47 40.03 13.99
CA PHE A 25 13.31 40.36 14.82
C PHE A 25 13.67 41.38 15.89
N GLN A 26 14.85 41.29 16.50
CA GLN A 26 15.31 42.25 17.51
C GLN A 26 15.63 43.66 16.96
N GLU A 27 16.25 43.75 15.78
CA GLU A 27 16.62 45.03 15.16
C GLU A 27 15.41 45.82 14.61
N ALA A 28 14.43 45.13 14.03
CA ALA A 28 13.16 45.74 13.64
C ALA A 28 12.27 46.12 14.84
N LEU A 29 12.53 45.55 16.03
CA LEU A 29 11.77 45.77 17.27
C LEU A 29 11.82 47.21 17.83
N ASP A 30 12.56 48.11 17.18
CA ASP A 30 12.64 49.53 17.49
C ASP A 30 12.77 50.39 16.22
N LEU A 31 12.08 50.01 15.14
CA LEU A 31 12.14 50.68 13.83
C LEU A 31 10.77 51.16 13.33
N SER A 32 10.76 52.24 12.56
CA SER A 32 9.56 52.75 11.89
C SER A 32 9.10 51.87 10.72
N PHE A 33 7.87 52.05 10.25
CA PHE A 33 7.30 51.25 9.15
C PHE A 33 8.12 51.30 7.86
N ALA A 34 8.80 52.42 7.58
CA ALA A 34 9.73 52.56 6.46
C ALA A 34 11.02 51.75 6.64
N ASP A 35 11.55 51.69 7.87
CA ASP A 35 12.70 50.85 8.21
C ASP A 35 12.35 49.36 8.12
N PHE A 36 11.22 48.96 8.69
CA PHE A 36 10.69 47.61 8.51
C PHE A 36 10.46 47.27 7.04
N LEU A 37 9.97 48.21 6.21
CA LEU A 37 9.83 48.01 4.77
C LEU A 37 11.19 47.81 4.06
N ARG A 38 12.18 48.67 4.31
CA ARG A 38 13.49 48.59 3.68
C ARG A 38 14.28 47.34 4.08
N LEU A 39 14.30 46.98 5.35
CA LEU A 39 14.91 45.75 5.82
C LEU A 39 14.19 44.52 5.28
N LEU A 40 12.85 44.53 5.27
CA LEU A 40 12.06 43.44 4.70
C LEU A 40 12.39 43.22 3.23
N SER A 41 12.46 44.29 2.43
CA SER A 41 12.82 44.26 1.01
C SER A 41 14.22 43.67 0.74
N GLU A 42 15.17 43.92 1.64
CA GLU A 42 16.53 43.40 1.55
C GLU A 42 16.59 41.93 1.96
N THR A 43 15.67 41.48 2.81
CA THR A 43 15.62 40.07 3.19
C THR A 43 14.88 39.26 2.14
N VAL A 44 15.03 37.94 2.23
CA VAL A 44 14.33 37.02 1.33
C VAL A 44 12.83 37.11 1.51
N TYR A 45 12.37 37.57 2.68
CA TYR A 45 10.94 37.80 2.87
C TYR A 45 10.42 38.90 1.96
N GLY A 46 11.30 39.75 1.46
CA GLY A 46 10.90 40.84 0.58
C GLY A 46 11.08 40.53 -0.89
N GLY A 47 11.03 39.24 -1.23
CA GLY A 47 11.12 38.87 -2.64
C GLY A 47 9.96 39.43 -3.43
N GLU A 48 8.74 39.28 -2.91
CA GLU A 48 7.54 39.75 -3.59
C GLU A 48 6.96 41.01 -2.95
N LEU A 49 7.70 41.68 -2.07
CA LEU A 49 7.20 42.90 -1.44
C LEU A 49 7.02 43.98 -2.49
N ALA A 50 5.77 44.28 -2.83
CA ALA A 50 5.49 45.17 -3.95
C ALA A 50 5.69 46.63 -3.60
N GLY A 51 4.90 47.15 -2.66
CA GLY A 51 4.96 48.56 -2.32
C GLY A 51 5.17 48.81 -0.84
N GLN A 52 4.41 49.76 -0.29
CA GLN A 52 4.50 50.11 1.12
C GLN A 52 3.10 50.18 1.71
N GLY A 53 3.00 49.84 2.99
CA GLY A 53 1.72 49.83 3.65
C GLY A 53 1.39 48.48 4.26
N LEU A 54 0.60 48.50 5.34
CA LEU A 54 0.29 47.25 6.03
C LEU A 54 -0.40 46.22 5.14
N PRO A 55 -1.38 46.57 4.28
CA PRO A 55 -1.89 45.56 3.35
C PRO A 55 -0.81 44.96 2.48
N ASP A 56 0.13 45.77 2.00
CA ASP A 56 1.21 45.23 1.17
C ASP A 56 2.08 44.28 1.96
N VAL A 57 2.42 44.65 3.20
CA VAL A 57 3.23 43.76 4.04
C VAL A 57 2.51 42.45 4.26
N ASP A 58 1.21 42.51 4.58
CA ASP A 58 0.46 41.29 4.85
C ASP A 58 0.37 40.40 3.61
N ARG A 59 0.08 40.99 2.44
CA ARG A 59 0.00 40.20 1.23
C ARG A 59 1.34 39.59 0.87
N ALA A 60 2.43 40.35 1.03
CA ALA A 60 3.75 39.81 0.73
C ALA A 60 4.09 38.66 1.65
N VAL A 61 3.77 38.79 2.93
CA VAL A 61 4.02 37.68 3.86
C VAL A 61 3.21 36.45 3.44
N LEU A 62 1.94 36.65 3.09
CA LEU A 62 1.12 35.51 2.68
C LEU A 62 1.70 34.84 1.45
N ARG A 63 2.14 35.63 0.47
CA ARG A 63 2.65 35.06 -0.78
C ARG A 63 3.95 34.32 -0.56
N THR A 64 4.89 34.92 0.20
CA THR A 64 6.15 34.25 0.46
C THR A 64 5.94 32.95 1.24
N GLN A 65 5.06 32.98 2.24
CA GLN A 65 4.77 31.77 3.00
C GLN A 65 4.14 30.70 2.12
N ALA A 66 3.21 31.09 1.24
CA ALA A 66 2.63 30.13 0.32
C ALA A 66 3.69 29.51 -0.58
N LYS A 67 4.57 30.33 -1.14
CA LYS A 67 5.59 29.82 -2.05
C LYS A 67 6.52 28.85 -1.35
N LEU A 68 6.99 29.19 -0.15
CA LEU A 68 8.06 28.44 0.50
C LEU A 68 7.56 27.46 1.55
N VAL A 69 6.26 27.30 1.72
CA VAL A 69 5.77 26.26 2.63
C VAL A 69 4.62 25.47 2.02
N GLY A 70 4.04 25.97 0.94
CA GLY A 70 2.95 25.26 0.29
C GLY A 70 3.39 24.21 -0.70
N ASP A 71 4.69 24.13 -0.98
CA ASP A 71 5.22 23.11 -1.87
C ASP A 71 5.43 21.78 -1.17
N LEU A 72 5.19 21.71 0.14
CA LEU A 72 5.49 20.48 0.87
C LEU A 72 4.66 19.29 0.42
N PRO A 73 3.33 19.37 0.33
CA PRO A 73 2.56 18.17 -0.09
C PRO A 73 2.89 17.71 -1.48
N ARG A 74 3.24 18.60 -2.40
CA ARG A 74 3.77 18.20 -3.68
C ARG A 74 5.26 17.89 -3.51
N LEU A 75 5.89 17.40 -4.57
CA LEU A 75 7.29 16.99 -4.54
C LEU A 75 7.53 15.86 -3.54
N VAL A 76 6.48 15.14 -3.15
CA VAL A 76 6.59 13.96 -2.30
C VAL A 76 5.30 13.18 -2.41
N THR A 77 5.40 11.85 -2.48
CA THR A 77 4.25 11.00 -2.75
C THR A 77 4.21 9.84 -1.76
N GLY A 78 3.22 8.98 -1.95
CA GLY A 78 3.11 7.78 -1.14
C GLY A 78 2.76 8.08 0.31
N GLU A 79 3.21 7.19 1.21
CA GLU A 79 3.02 7.43 2.63
C GLU A 79 3.74 8.68 3.10
N ALA A 80 4.82 9.07 2.42
CA ALA A 80 5.46 10.33 2.75
C ALA A 80 4.49 11.49 2.56
N ARG A 81 3.78 11.51 1.43
CA ARG A 81 2.76 12.53 1.23
C ARG A 81 1.63 12.38 2.22
N GLU A 82 1.19 11.14 2.46
CA GLU A 82 0.07 10.93 3.38
C GLU A 82 0.41 11.35 4.79
N ALA A 83 1.69 11.43 5.14
CA ALA A 83 2.09 11.89 6.46
C ALA A 83 2.34 13.40 6.47
N VAL A 84 3.04 13.93 5.47
CA VAL A 84 3.29 15.37 5.43
C VAL A 84 2.05 16.17 5.12
N ARG A 85 0.98 15.53 4.66
CA ARG A 85 -0.25 16.27 4.42
C ARG A 85 -0.97 16.61 5.72
N LEU A 86 -0.82 15.78 6.75
CA LEU A 86 -1.42 16.13 8.04
C LEU A 86 -0.50 17.01 8.86
N LEU A 87 0.09 18.02 8.23
CA LEU A 87 0.83 19.05 8.95
C LEU A 87 0.23 20.41 8.58
N LEU A 88 0.01 20.62 7.28
CA LEU A 88 -0.58 21.85 6.76
C LEU A 88 -2.02 21.55 6.35
N LEU A 89 -2.91 21.61 7.33
CA LEU A 89 -4.34 21.40 7.09
C LEU A 89 -5.23 22.44 7.77
N ARG A 90 -4.69 23.28 8.65
CA ARG A 90 -5.50 24.28 9.34
C ARG A 90 -6.05 25.31 8.35
N ASN A 91 -5.25 25.73 7.38
CA ASN A 91 -5.73 26.69 6.40
C ASN A 91 -6.89 26.11 5.61
N ASP A 92 -6.81 24.84 5.23
CA ASP A 92 -7.92 24.21 4.55
C ASP A 92 -9.15 24.13 5.44
N LEU A 93 -8.95 23.81 6.72
CA LEU A 93 -10.08 23.77 7.64
C LEU A 93 -10.76 25.13 7.72
N HIS A 94 -9.95 26.19 7.83
CA HIS A 94 -10.50 27.54 7.93
C HIS A 94 -11.23 27.93 6.66
N ASN A 95 -10.66 27.62 5.49
CA ASN A 95 -11.32 27.98 4.24
C ASN A 95 -12.64 27.26 4.09
N LEU A 96 -12.67 25.96 4.42
CA LEU A 96 -13.92 25.21 4.32
C LEU A 96 -14.96 25.74 5.31
N GLN A 97 -14.53 26.07 6.53
CA GLN A 97 -15.46 26.63 7.51
C GLN A 97 -16.02 27.96 7.04
N ALA A 98 -15.15 28.81 6.47
CA ALA A 98 -15.60 30.10 5.97
C ALA A 98 -16.61 29.94 4.83
N LEU A 99 -16.33 29.02 3.91
CA LEU A 99 -17.27 28.78 2.81
C LEU A 99 -18.59 28.26 3.34
N LEU A 100 -18.55 27.35 4.32
CA LEU A 100 -19.78 26.82 4.90
C LEU A 100 -20.60 27.93 5.54
N ARG A 101 -19.94 28.81 6.31
CA ARG A 101 -20.66 29.90 6.97
C ARG A 101 -21.24 30.88 5.94
N ALA A 102 -20.47 31.21 4.91
CA ALA A 102 -20.96 32.12 3.89
C ALA A 102 -22.17 31.53 3.16
N LYS A 103 -22.11 30.24 2.84
CA LYS A 103 -23.26 29.60 2.20
C LYS A 103 -24.46 29.58 3.13
N ALA A 104 -24.23 29.31 4.42
CA ALA A 104 -25.33 29.25 5.37
C ALA A 104 -26.03 30.60 5.51
N THR A 105 -25.24 31.67 5.60
CA THR A 105 -25.83 33.01 5.75
C THR A 105 -26.46 33.47 4.44
N GLY A 106 -25.68 33.52 3.37
CA GLY A 106 -26.18 33.93 2.07
C GLY A 106 -25.26 34.88 1.34
N ARG A 107 -24.09 35.15 1.92
CA ARG A 107 -23.14 36.07 1.32
C ARG A 107 -22.57 35.49 0.03
N PRO A 108 -22.16 36.34 -0.91
CA PRO A 108 -21.60 35.84 -2.16
C PRO A 108 -20.35 35.02 -1.95
N PHE A 109 -20.13 34.05 -2.84
CA PHE A 109 -18.94 33.21 -2.83
C PHE A 109 -17.69 33.97 -3.27
N GLU A 110 -17.82 35.20 -3.74
CA GLU A 110 -16.70 36.02 -4.16
C GLU A 110 -16.24 36.98 -3.06
N GLU A 111 -16.78 36.84 -1.86
CA GLU A 111 -16.36 37.68 -0.73
C GLU A 111 -15.39 36.97 0.21
N VAL A 112 -15.39 35.64 0.24
CA VAL A 112 -14.50 34.91 1.14
C VAL A 112 -13.04 35.19 0.75
N LEU A 113 -12.14 34.87 1.67
CA LEU A 113 -10.71 35.13 1.46
C LEU A 113 -10.00 34.00 0.73
N LEU A 114 -10.44 32.75 0.92
CA LEU A 114 -9.88 31.59 0.24
C LEU A 114 -8.37 31.48 0.49
N LEU A 115 -8.04 31.23 1.76
CA LEU A 115 -6.65 31.17 2.17
C LEU A 115 -5.94 30.01 1.45
N PRO A 116 -4.67 30.21 1.06
CA PRO A 116 -3.90 29.15 0.40
C PRO A 116 -3.73 27.95 1.32
N GLY A 117 -4.25 26.80 0.90
CA GLY A 117 -4.17 25.61 1.72
C GLY A 117 -3.54 24.42 1.03
N THR A 118 -4.13 23.24 1.20
CA THR A 118 -3.61 22.01 0.62
C THR A 118 -4.45 21.48 -0.54
N LEU A 119 -5.70 21.92 -0.66
CA LEU A 119 -6.57 21.49 -1.74
C LEU A 119 -6.34 22.37 -2.97
N ARG A 120 -7.29 22.33 -3.91
CA ARG A 120 -7.21 23.08 -5.15
C ARG A 120 -8.15 24.29 -5.12
N GLU A 121 -7.63 25.43 -5.57
CA GLU A 121 -8.41 26.67 -5.54
C GLU A 121 -9.65 26.57 -6.42
N GLU A 122 -9.52 25.95 -7.59
CA GLU A 122 -10.70 25.71 -8.42
C GLU A 122 -11.70 24.82 -7.70
N VAL A 123 -11.22 23.85 -6.93
CA VAL A 123 -12.12 23.02 -6.14
C VAL A 123 -12.87 23.86 -5.14
N TRP A 124 -12.16 24.78 -4.47
CA TRP A 124 -12.80 25.64 -3.48
C TRP A 124 -13.87 26.51 -4.13
N ARG A 125 -13.57 27.08 -5.30
CA ARG A 125 -14.55 27.91 -5.99
C ARG A 125 -15.76 27.10 -6.43
N GLN A 126 -15.53 25.91 -6.98
CA GLN A 126 -16.64 25.11 -7.49
C GLN A 126 -17.47 24.53 -6.36
N ALA A 127 -16.88 24.36 -5.18
CA ALA A 127 -17.62 23.77 -4.07
C ALA A 127 -18.73 24.68 -3.58
N TYR A 128 -18.56 25.99 -3.73
CA TYR A 128 -19.60 26.91 -3.30
C TYR A 128 -20.87 26.74 -4.14
N GLU A 129 -20.72 26.42 -5.42
CA GLU A 129 -21.85 26.29 -6.32
C GLU A 129 -22.53 24.94 -6.24
N ALA A 130 -22.02 24.02 -5.42
CA ALA A 130 -22.64 22.71 -5.28
C ALA A 130 -24.04 22.85 -4.70
N GLN A 131 -25.00 22.15 -5.31
CA GLN A 131 -26.40 22.28 -4.93
C GLN A 131 -26.74 21.47 -3.68
N ASP A 132 -25.83 20.65 -3.17
CA ASP A 132 -26.05 19.93 -1.94
C ASP A 132 -24.76 19.90 -1.14
N PRO A 133 -24.84 19.83 0.19
CA PRO A 133 -23.61 19.67 0.98
C PRO A 133 -22.84 18.41 0.62
N ALA A 134 -23.54 17.34 0.22
CA ALA A 134 -22.83 16.17 -0.28
C ALA A 134 -22.05 16.49 -1.54
N GLY A 135 -22.63 17.27 -2.44
CA GLY A 135 -21.90 17.68 -3.63
C GLY A 135 -20.71 18.56 -3.31
N MET A 136 -20.86 19.45 -2.31
CA MET A 136 -19.73 20.26 -1.88
C MET A 136 -18.63 19.39 -1.30
N ALA A 137 -18.99 18.38 -0.52
CA ALA A 137 -17.99 17.45 0.01
C ALA A 137 -17.28 16.70 -1.12
N GLN A 138 -18.05 16.23 -2.11
CA GLN A 138 -17.46 15.50 -3.22
C GLN A 138 -16.51 16.39 -4.02
N VAL A 139 -16.90 17.65 -4.25
CA VAL A 139 -16.02 18.58 -4.93
C VAL A 139 -14.77 18.82 -4.09
N LEU A 140 -14.91 18.83 -2.77
CA LEU A 140 -13.77 18.97 -1.89
C LEU A 140 -13.14 17.64 -1.51
N ALA A 141 -13.70 16.53 -1.99
CA ALA A 141 -13.19 15.20 -1.63
C ALA A 141 -11.84 14.95 -2.28
N VAL A 142 -10.93 14.35 -1.51
CA VAL A 142 -9.62 13.94 -2.02
C VAL A 142 -9.45 12.46 -1.66
N PRO A 143 -8.41 11.78 -2.18
CA PRO A 143 -8.24 10.36 -1.81
C PRO A 143 -8.22 10.11 -0.31
N GLY A 144 -7.43 10.88 0.44
CA GLY A 144 -7.29 10.64 1.85
C GLY A 144 -7.31 11.89 2.71
N HIS A 145 -8.08 12.90 2.31
CA HIS A 145 -8.12 14.15 3.05
C HIS A 145 -8.95 13.98 4.33
N PRO A 146 -8.36 14.24 5.50
CA PRO A 146 -9.19 14.25 6.72
C PRO A 146 -10.33 15.24 6.64
N LEU A 147 -10.16 16.34 5.91
CA LEU A 147 -11.25 17.29 5.75
C LEU A 147 -12.44 16.62 5.05
N ALA A 148 -12.17 15.89 3.97
CA ALA A 148 -13.23 15.20 3.26
C ALA A 148 -13.85 14.11 4.13
N ARG A 149 -13.02 13.35 4.85
CA ARG A 149 -13.56 12.29 5.71
C ARG A 149 -14.47 12.89 6.77
N ALA A 150 -14.03 13.97 7.41
CA ALA A 150 -14.81 14.59 8.47
C ALA A 150 -16.07 15.25 7.92
N LEU A 151 -15.99 15.81 6.70
CA LEU A 151 -17.19 16.36 6.08
C LEU A 151 -18.20 15.27 5.82
N ARG A 152 -17.74 14.10 5.38
CA ARG A 152 -18.66 12.97 5.23
C ARG A 152 -19.24 12.57 6.57
N ALA A 153 -18.41 12.55 7.62
CA ALA A 153 -18.89 12.14 8.94
C ALA A 153 -19.94 13.10 9.48
N VAL A 154 -19.69 14.40 9.36
CA VAL A 154 -20.66 15.39 9.84
C VAL A 154 -21.88 15.42 8.94
N LEU A 155 -21.72 15.09 7.66
CA LEU A 155 -22.85 15.03 6.75
C LEU A 155 -23.87 13.99 7.17
N ARG A 156 -23.46 13.05 8.03
CA ARG A 156 -24.40 12.11 8.65
C ARG A 156 -25.11 12.70 9.85
N GLU A 157 -25.02 14.01 10.07
CA GLU A 157 -25.65 14.63 11.23
C GLU A 157 -26.67 15.69 10.84
N THR A 158 -26.31 16.57 9.90
CA THR A 158 -27.19 17.69 9.56
C THR A 158 -26.82 18.23 8.18
N GLN A 159 -27.73 19.05 7.65
CA GLN A 159 -27.48 19.80 6.43
C GLN A 159 -26.66 21.05 6.75
N ASP A 160 -26.56 21.98 5.81
CA ASP A 160 -25.70 23.15 5.97
C ASP A 160 -26.28 24.05 7.05
N LEU A 161 -25.91 23.76 8.29
CA LEU A 161 -26.41 24.51 9.43
C LEU A 161 -25.28 24.66 10.45
N ALA A 162 -25.56 25.41 11.51
CA ALA A 162 -24.56 25.63 12.54
C ALA A 162 -24.19 24.33 13.24
N ARG A 163 -25.14 23.40 13.35
CA ARG A 163 -24.83 22.10 13.92
C ARG A 163 -23.76 21.39 13.10
N VAL A 164 -23.93 21.39 11.77
CA VAL A 164 -22.92 20.81 10.90
C VAL A 164 -21.62 21.59 11.00
N GLU A 165 -21.71 22.92 11.12
CA GLU A 165 -20.51 23.74 11.17
C GLU A 165 -19.67 23.42 12.40
N ALA A 166 -20.31 23.15 13.54
CA ALA A 166 -19.57 22.82 14.76
C ALA A 166 -19.11 21.37 14.76
N LEU A 167 -20.01 20.44 14.41
CA LEU A 167 -19.64 19.04 14.37
C LEU A 167 -18.51 18.80 13.38
N LEU A 168 -18.45 19.58 12.30
CA LEU A 168 -17.38 19.42 11.33
C LEU A 168 -16.02 19.72 11.95
N ALA A 169 -15.92 20.82 12.69
CA ALA A 169 -14.65 21.15 13.33
C ALA A 169 -14.27 20.10 14.35
N LYS A 170 -15.23 19.69 15.19
CA LYS A 170 -14.90 18.67 16.20
C LYS A 170 -14.45 17.37 15.55
N ARG A 171 -15.18 16.91 14.53
CA ARG A 171 -14.85 15.65 13.88
C ARG A 171 -13.55 15.74 13.11
N PHE A 172 -13.26 16.89 12.50
CA PHE A 172 -11.98 17.04 11.80
C PHE A 172 -10.82 16.96 12.77
N PHE A 173 -10.94 17.61 13.93
CA PHE A 173 -9.86 17.52 14.91
C PHE A 173 -9.68 16.06 15.37
N GLU A 174 -10.79 15.39 15.70
CA GLU A 174 -10.69 14.00 16.16
C GLU A 174 -10.12 13.09 15.07
N ASP A 175 -10.54 13.30 13.82
CA ASP A 175 -10.09 12.46 12.73
C ASP A 175 -8.62 12.69 12.41
N VAL A 176 -8.15 13.93 12.51
CA VAL A 176 -6.74 14.19 12.33
C VAL A 176 -5.94 13.49 13.42
N ALA A 177 -6.45 13.52 14.65
CA ALA A 177 -5.79 12.79 15.73
C ALA A 177 -5.69 11.29 15.40
N LYS A 178 -6.81 10.70 14.99
CA LYS A 178 -6.82 9.27 14.70
C LYS A 178 -5.88 8.93 13.54
N ALA A 179 -5.93 9.72 12.47
CA ALA A 179 -5.08 9.45 11.31
C ALA A 179 -3.62 9.55 11.67
N ALA A 180 -3.24 10.57 12.46
CA ALA A 180 -1.86 10.66 12.89
C ALA A 180 -1.46 9.46 13.74
N LYS A 181 -2.37 8.97 14.57
CA LYS A 181 -2.06 7.76 15.34
C LYS A 181 -1.99 6.52 14.45
N GLY A 182 -2.57 6.58 13.26
CA GLY A 182 -2.64 5.41 12.40
C GLY A 182 -1.45 5.20 11.47
N LEU A 183 -0.38 5.96 11.66
CA LEU A 183 0.83 5.82 10.86
C LEU A 183 2.04 5.80 11.79
N ASP A 184 3.11 5.16 11.35
CA ASP A 184 4.26 4.90 12.21
C ASP A 184 5.32 5.98 11.99
N GLN A 185 5.00 7.18 12.45
CA GLN A 185 5.95 8.27 12.50
C GLN A 185 6.14 8.69 13.95
N PRO A 186 7.34 8.55 14.51
CA PRO A 186 7.51 8.79 15.96
C PRO A 186 7.07 10.18 16.40
N ALA A 187 7.36 11.22 15.63
CA ALA A 187 7.13 12.58 16.06
C ALA A 187 5.73 13.08 15.73
N LEU A 188 5.17 12.65 14.60
CA LEU A 188 3.87 13.15 14.18
C LEU A 188 2.80 12.81 15.21
N ARG A 189 2.82 11.60 15.75
CA ARG A 189 1.84 11.22 16.76
C ARG A 189 1.96 12.10 18.00
N ASP A 190 3.19 12.36 18.43
CA ASP A 190 3.39 13.19 19.63
C ASP A 190 2.91 14.61 19.41
N TYR A 191 3.28 15.23 18.28
CA TYR A 191 2.85 16.60 18.02
C TYR A 191 1.34 16.67 17.89
N LEU A 192 0.72 15.70 17.21
CA LEU A 192 -0.73 15.72 17.07
C LEU A 192 -1.41 15.55 18.42
N ALA A 193 -0.89 14.67 19.28
CA ALA A 193 -1.51 14.49 20.58
C ALA A 193 -1.37 15.74 21.45
N LEU A 194 -0.20 16.36 21.44
CA LEU A 194 -0.02 17.59 22.20
C LEU A 194 -0.94 18.68 21.68
N GLU A 195 -1.11 18.76 20.35
CA GLU A 195 -2.02 19.72 19.77
C GLU A 195 -3.45 19.45 20.20
N VAL A 196 -3.86 18.18 20.23
CA VAL A 196 -5.22 17.86 20.64
C VAL A 196 -5.46 18.26 22.09
N ASP A 197 -4.49 17.98 22.96
CA ASP A 197 -4.64 18.38 24.37
C ASP A 197 -4.68 19.90 24.51
N ALA A 198 -3.81 20.61 23.81
CA ALA A 198 -3.81 22.07 23.89
C ALA A 198 -5.11 22.64 23.37
N GLU A 199 -5.64 22.09 22.28
CA GLU A 199 -6.91 22.58 21.74
C GLU A 199 -8.05 22.31 22.71
N ASN A 200 -8.06 21.15 23.35
CA ASN A 200 -9.10 20.88 24.35
C ASN A 200 -9.02 21.87 25.50
N LEU A 201 -7.81 22.14 25.99
CA LEU A 201 -7.66 23.09 27.10
C LEU A 201 -8.07 24.50 26.68
N ARG A 202 -7.67 24.93 25.49
CA ARG A 202 -8.02 26.26 25.02
C ARG A 202 -9.52 26.39 24.80
N THR A 203 -10.17 25.34 24.29
CA THR A 203 -11.62 25.38 24.14
C THR A 203 -12.31 25.44 25.49
N ALA A 204 -11.79 24.71 26.49
CA ALA A 204 -12.36 24.79 27.83
C ALA A 204 -12.24 26.20 28.38
N PHE A 205 -11.07 26.83 28.20
CA PHE A 205 -10.91 28.21 28.67
C PHE A 205 -11.83 29.16 27.91
N LYS A 206 -11.99 28.97 26.60
CA LYS A 206 -12.84 29.86 25.81
C LYS A 206 -14.30 29.74 26.21
N LEU A 207 -14.77 28.53 26.48
CA LEU A 207 -16.15 28.33 26.89
C LEU A 207 -16.35 28.46 28.39
N GLN A 208 -15.45 29.16 29.08
CA GLN A 208 -15.51 29.26 30.53
C GLN A 208 -16.82 29.90 30.96
N GLY A 209 -17.49 29.29 31.93
CA GLY A 209 -18.72 29.84 32.45
C GLY A 209 -19.89 29.80 31.50
N SER A 210 -19.74 29.19 30.33
CA SER A 210 -20.83 29.13 29.38
C SER A 210 -21.88 28.10 29.78
N GLY A 211 -21.61 27.26 30.78
CA GLY A 211 -22.54 26.24 31.21
C GLY A 211 -22.66 25.07 30.28
N LEU A 212 -21.86 25.01 29.22
CA LEU A 212 -21.96 23.94 28.25
C LEU A 212 -21.48 22.62 28.86
N ALA A 213 -21.98 21.52 28.31
CA ALA A 213 -21.60 20.21 28.79
C ALA A 213 -20.12 19.96 28.49
N PRO A 214 -19.28 19.75 29.50
CA PRO A 214 -17.86 19.53 29.23
C PRO A 214 -17.61 18.31 28.36
N ASP A 215 -18.39 17.25 28.53
CA ASP A 215 -18.22 16.07 27.68
C ASP A 215 -18.54 16.40 26.23
N ALA A 216 -19.63 17.13 26.00
CA ALA A 216 -20.04 17.45 24.63
C ALA A 216 -19.06 18.40 23.97
N PHE A 217 -18.43 19.29 24.73
CA PHE A 217 -17.44 20.18 24.14
C PHE A 217 -16.04 19.58 24.12
N PHE A 218 -15.84 18.43 24.75
CA PHE A 218 -14.51 17.86 24.88
C PHE A 218 -14.05 17.23 23.56
N LEU A 219 -12.73 17.16 23.41
CA LEU A 219 -12.09 16.44 22.31
C LEU A 219 -11.24 15.32 22.86
N LYS A 220 -10.98 14.32 22.03
CA LYS A 220 -10.27 13.12 22.46
C LYS A 220 -9.08 12.87 21.55
N GLY A 221 -7.99 12.37 22.13
CA GLY A 221 -6.79 12.11 21.38
C GLY A 221 -5.54 12.52 22.13
N GLY A 222 -5.64 13.55 22.95
CA GLY A 222 -4.52 13.99 23.73
C GLY A 222 -4.28 13.10 24.92
N ARG A 223 -3.17 13.37 25.61
CA ARG A 223 -2.79 12.61 26.79
C ARG A 223 -2.44 13.47 28.00
N PHE A 224 -2.36 14.79 27.84
CA PHE A 224 -2.00 15.69 28.93
C PHE A 224 -3.21 16.33 29.59
N VAL A 225 -4.42 15.83 29.30
CA VAL A 225 -5.64 16.27 29.96
C VAL A 225 -6.63 15.12 29.96
N ASP A 226 -7.72 15.27 30.69
CA ASP A 226 -8.75 14.26 30.79
C ASP A 226 -10.11 14.93 30.83
N ARG A 227 -11.17 14.12 30.78
CA ARG A 227 -12.51 14.68 30.85
C ARG A 227 -12.77 15.36 32.18
N VAL A 228 -12.25 14.80 33.28
CA VAL A 228 -12.43 15.40 34.59
C VAL A 228 -11.77 16.77 34.64
N ARG A 229 -10.53 16.86 34.13
CA ARG A 229 -9.85 18.15 34.10
C ARG A 229 -10.55 19.13 33.16
N PHE A 230 -11.11 18.65 32.06
CA PHE A 230 -11.87 19.52 31.16
C PHE A 230 -13.08 20.09 31.89
N ALA A 231 -13.81 19.25 32.62
CA ALA A 231 -14.96 19.73 33.38
C ALA A 231 -14.53 20.73 34.45
N ARG A 232 -13.41 20.45 35.13
CA ARG A 232 -12.92 21.35 36.16
C ARG A 232 -12.58 22.72 35.57
N LEU A 233 -11.81 22.73 34.48
CA LEU A 233 -11.40 24.00 33.88
C LEU A 233 -12.60 24.76 33.34
N MET A 234 -13.52 24.07 32.67
CA MET A 234 -14.69 24.73 32.11
C MET A 234 -15.58 25.30 33.20
N GLU A 235 -15.77 24.57 34.29
CA GLU A 235 -16.61 25.03 35.39
C GLU A 235 -15.91 26.07 36.26
N GLY A 236 -14.77 26.60 35.83
CA GLY A 236 -14.14 27.71 36.49
C GLY A 236 -13.03 27.37 37.46
N ASP A 237 -12.73 26.09 37.67
CA ASP A 237 -11.66 25.73 38.60
C ASP A 237 -10.30 26.01 37.97
N TYR A 238 -9.87 27.27 38.01
CA TYR A 238 -8.66 27.70 37.32
C TYR A 238 -7.40 27.14 37.96
N ALA A 239 -7.55 26.24 38.93
CA ALA A 239 -6.43 25.50 39.48
C ALA A 239 -6.20 24.16 38.81
N VAL A 240 -7.11 23.73 37.93
CA VAL A 240 -6.88 22.51 37.18
C VAL A 240 -5.64 22.66 36.31
N LEU A 241 -5.49 23.83 35.68
CA LEU A 241 -4.26 24.13 34.96
C LEU A 241 -3.05 24.17 35.88
N ASP A 242 -3.26 24.35 37.18
CA ASP A 242 -2.17 24.16 38.13
C ASP A 242 -1.94 22.70 38.46
N GLU A 243 -2.96 21.84 38.29
CA GLU A 243 -2.82 20.42 38.57
C GLU A 243 -2.07 19.70 37.46
N LEU A 244 -2.23 20.10 36.21
CA LEU A 244 -1.56 19.46 35.09
C LEU A 244 -0.09 19.87 35.11
N SER A 245 0.63 19.32 36.08
CA SER A 245 2.05 19.57 36.23
C SER A 245 2.80 18.25 36.06
N GLY A 246 3.83 18.25 35.23
CA GLY A 246 4.52 17.03 34.86
C GLY A 246 4.31 16.73 33.38
N THR A 247 3.10 16.97 32.90
CA THR A 247 2.81 16.86 31.48
C THR A 247 3.62 17.90 30.73
N PRO A 248 3.84 17.69 29.43
CA PRO A 248 4.62 18.68 28.66
C PRO A 248 4.10 20.10 28.82
N PHE A 249 2.79 20.27 29.01
CA PHE A 249 2.20 21.57 29.30
C PHE A 249 2.07 21.71 30.81
N SER A 250 3.20 21.96 31.46
CA SER A 250 3.27 22.14 32.90
C SER A 250 3.55 23.57 33.31
N GLY A 251 4.13 24.39 32.43
CA GLY A 251 4.38 25.77 32.75
C GLY A 251 3.12 26.61 32.89
N LEU A 252 1.99 26.12 32.40
CA LEU A 252 0.72 26.84 32.50
C LEU A 252 0.02 26.62 33.83
N SER A 253 0.73 26.81 34.94
CA SER A 253 0.18 26.68 36.28
C SER A 253 0.16 28.06 36.92
N GLY A 254 -1.02 28.48 37.38
CA GLY A 254 -1.19 29.80 37.95
C GLY A 254 -1.64 30.86 36.98
N VAL A 255 -1.77 30.55 35.69
CA VAL A 255 -2.27 31.53 34.74
C VAL A 255 -3.80 31.43 34.66
N ARG A 256 -4.46 32.59 34.64
CA ARG A 256 -5.91 32.61 34.56
C ARG A 256 -6.46 33.47 33.43
N ASP A 257 -5.62 34.09 32.61
CA ASP A 257 -6.07 34.97 31.54
C ASP A 257 -5.97 34.28 30.18
N LEU A 258 -6.86 34.67 29.27
CA LEU A 258 -6.84 34.10 27.94
C LEU A 258 -5.55 34.42 27.19
N LYS A 259 -5.08 35.66 27.29
CA LYS A 259 -3.87 36.05 26.58
C LYS A 259 -2.66 35.29 27.08
N ALA A 260 -2.52 35.18 28.40
CA ALA A 260 -1.41 34.42 28.97
C ALA A 260 -1.52 32.94 28.62
N LEU A 261 -2.72 32.38 28.65
CA LEU A 261 -2.89 30.98 28.29
C LEU A 261 -2.49 30.73 26.84
N GLU A 262 -2.92 31.62 25.94
CA GLU A 262 -2.55 31.46 24.53
C GLU A 262 -1.05 31.59 24.34
N ARG A 263 -0.42 32.55 25.00
CA ARG A 263 1.03 32.68 24.89
C ARG A 263 1.75 31.43 25.39
N GLY A 264 1.29 30.89 26.52
CA GLY A 264 1.91 29.70 27.06
C GLY A 264 1.77 28.49 26.15
N LEU A 265 0.55 28.26 25.65
CA LEU A 265 0.33 27.13 24.77
C LEU A 265 1.15 27.27 23.49
N ARG A 266 1.25 28.50 22.97
CA ARG A 266 2.07 28.70 21.78
C ARG A 266 3.52 28.39 22.06
N CYS A 267 4.04 28.81 23.21
CA CYS A 267 5.44 28.52 23.54
C CYS A 267 5.67 27.02 23.66
N VAL A 268 4.76 26.31 24.34
CA VAL A 268 4.93 24.87 24.53
C VAL A 268 4.91 24.14 23.20
N LEU A 269 3.93 24.45 22.35
CA LEU A 269 3.83 23.77 21.06
C LEU A 269 5.02 24.09 20.17
N LEU A 270 5.48 25.35 20.19
CA LEU A 270 6.66 25.69 19.40
C LEU A 270 7.88 24.92 19.85
N LYS A 271 8.06 24.78 21.17
CA LYS A 271 9.19 24.01 21.67
C LYS A 271 9.08 22.56 21.23
N GLU A 272 7.89 21.96 21.36
CA GLU A 272 7.73 20.56 21.00
C GLU A 272 7.99 20.35 19.52
N ALA A 273 7.58 21.29 18.67
CA ALA A 273 7.85 21.14 17.24
C ALA A 273 9.31 21.40 16.92
N LYS A 274 9.99 22.23 17.70
CA LYS A 274 11.42 22.43 17.48
C LYS A 274 12.24 21.27 18.00
N LYS A 275 11.67 20.42 18.84
CA LYS A 275 12.36 19.20 19.26
C LYS A 275 12.30 18.11 18.20
N GLY A 276 11.60 18.34 17.08
CA GLY A 276 11.54 17.36 16.02
C GLY A 276 12.74 17.37 15.10
N VAL A 277 13.68 18.29 15.28
CA VAL A 277 14.86 18.36 14.45
C VAL A 277 15.81 17.20 14.71
N GLN A 278 15.45 16.27 15.59
CA GLN A 278 16.28 15.14 15.96
C GLN A 278 16.12 13.95 15.01
N ASP A 279 15.32 14.06 13.97
CA ASP A 279 15.09 12.98 13.01
C ASP A 279 15.40 13.51 11.62
N PRO A 280 16.68 13.65 11.28
CA PRO A 280 17.04 14.28 10.00
C PRO A 280 16.56 13.52 8.77
N LEU A 281 16.26 12.23 8.90
CA LEU A 281 15.74 11.46 7.77
C LEU A 281 14.29 11.07 7.97
N GLY A 282 13.62 11.65 8.97
CA GLY A 282 12.21 11.45 9.17
C GLY A 282 11.41 12.68 8.82
N VAL A 283 10.15 12.68 9.26
CA VAL A 283 9.28 13.84 9.07
C VAL A 283 9.62 14.98 10.02
N GLY A 284 10.51 14.74 10.97
CA GLY A 284 10.74 15.72 12.03
C GLY A 284 11.34 17.03 11.52
N LEU A 285 12.30 16.95 10.61
CA LEU A 285 12.84 18.17 10.04
C LEU A 285 11.79 18.93 9.25
N VAL A 286 10.88 18.22 8.59
CA VAL A 286 9.78 18.90 7.89
C VAL A 286 8.89 19.63 8.89
N LEU A 287 8.55 18.98 10.00
CA LEU A 287 7.74 19.65 11.02
C LEU A 287 8.46 20.88 11.56
N ALA A 288 9.75 20.77 11.82
CA ALA A 288 10.50 21.91 12.32
C ALA A 288 10.50 23.06 11.33
N TYR A 289 10.72 22.78 10.04
CA TYR A 289 10.71 23.84 9.04
C TYR A 289 9.35 24.50 8.97
N VAL A 290 8.27 23.71 8.94
CA VAL A 290 6.93 24.29 8.83
C VAL A 290 6.62 25.18 10.03
N LYS A 291 6.84 24.66 11.24
CA LYS A 291 6.50 25.43 12.43
C LYS A 291 7.36 26.67 12.57
N GLU A 292 8.66 26.57 12.28
CA GLU A 292 9.50 27.76 12.35
C GLU A 292 9.07 28.80 11.34
N ARG A 293 8.67 28.36 10.14
CA ARG A 293 8.19 29.30 9.14
C ARG A 293 6.93 30.01 9.62
N GLU A 294 6.00 29.26 10.23
CA GLU A 294 4.77 29.88 10.71
C GLU A 294 5.07 30.91 11.80
N TRP A 295 5.95 30.57 12.73
CA TRP A 295 6.28 31.53 13.79
C TRP A 295 6.97 32.77 13.21
N GLU A 296 7.84 32.57 12.22
CA GLU A 296 8.48 33.72 11.58
C GLU A 296 7.45 34.63 10.93
N ALA A 297 6.46 34.04 10.24
CA ALA A 297 5.42 34.85 9.62
C ALA A 297 4.64 35.64 10.64
N VAL A 298 4.24 34.98 11.73
CA VAL A 298 3.44 35.65 12.75
C VAL A 298 4.21 36.82 13.36
N ARG A 299 5.46 36.58 13.74
CA ARG A 299 6.25 37.65 14.35
C ARG A 299 6.48 38.78 13.37
N LEU A 300 6.75 38.46 12.11
CA LEU A 300 6.98 39.51 11.12
C LEU A 300 5.72 40.37 10.95
N ARG A 301 4.56 39.73 10.84
CA ARG A 301 3.33 40.49 10.67
C ARG A 301 3.05 41.36 11.89
N LEU A 302 3.27 40.83 13.10
CA LEU A 302 3.01 41.63 14.29
C LEU A 302 3.94 42.84 14.37
N LEU A 303 5.24 42.63 14.13
CA LEU A 303 6.17 43.74 14.20
C LEU A 303 5.86 44.78 13.14
N ALA A 304 5.53 44.35 11.92
CA ALA A 304 5.20 45.27 10.84
C ALA A 304 3.90 46.04 11.13
N ARG A 305 2.89 45.41 11.74
CA ARG A 305 1.67 46.12 12.11
C ARG A 305 1.96 47.13 13.21
N ARG A 306 2.81 46.77 14.17
CA ARG A 306 3.17 47.72 15.22
C ARG A 306 3.88 48.93 14.64
N ALA A 307 4.88 48.72 13.79
CA ALA A 307 5.62 49.80 13.14
C ALA A 307 4.74 50.64 12.19
N TYR A 308 3.71 50.05 11.58
CA TYR A 308 2.76 50.77 10.73
C TYR A 308 1.74 51.62 11.52
N PHE A 309 0.97 51.01 12.43
CA PHE A 309 -0.08 51.70 13.16
C PHE A 309 0.43 52.40 14.41
N GLY A 310 1.74 52.39 14.66
CA GLY A 310 2.30 53.19 15.74
C GLY A 310 1.90 52.74 17.14
N LEU A 311 1.80 51.45 17.35
CA LEU A 311 1.54 50.91 18.68
C LEU A 311 2.80 51.09 19.54
N PRO A 312 2.71 51.04 20.87
CA PRO A 312 3.91 51.21 21.69
C PRO A 312 4.75 49.94 21.75
N ARG A 313 6.05 50.13 22.03
CA ARG A 313 6.98 49.01 22.02
C ARG A 313 6.62 47.96 23.05
N ALA A 314 6.22 48.37 24.24
CA ALA A 314 5.99 47.43 25.34
C ALA A 314 4.84 46.48 25.08
N GLN A 315 3.96 46.79 24.12
CA GLN A 315 2.82 45.93 23.87
C GLN A 315 3.13 44.79 22.90
N VAL A 316 4.32 44.79 22.29
CA VAL A 316 4.64 43.79 21.29
C VAL A 316 5.84 42.97 21.71
N GLU A 317 6.72 43.55 22.54
CA GLU A 317 7.93 42.84 22.95
C GLU A 317 7.60 41.57 23.73
N GLU A 318 6.49 41.56 24.44
CA GLU A 318 6.07 40.37 25.16
C GLU A 318 5.53 39.29 24.24
N GLU A 319 5.33 39.59 22.96
CA GLU A 319 4.82 38.63 21.99
C GLU A 319 5.93 37.99 21.18
N VAL A 320 7.19 38.33 21.47
CA VAL A 320 8.32 37.70 20.82
C VAL A 320 9.10 36.94 21.89
N VAL A 321 8.39 36.44 22.89
CA VAL A 321 9.03 35.76 24.02
C VAL A 321 9.64 34.44 23.58
N CYS A 322 8.88 33.63 22.85
CA CYS A 322 9.32 32.28 22.50
C CYS A 322 10.41 32.29 21.43
N MET B 1 -18.09 1.02 -35.34
CA MET B 1 -17.02 2.03 -35.37
C MET B 1 -17.54 3.40 -34.98
N ILE B 2 -16.66 4.34 -34.65
CA ILE B 2 -17.05 5.70 -34.23
C ILE B 2 -17.93 6.37 -35.29
N ALA B 3 -19.20 6.63 -34.97
CA ALA B 3 -20.21 7.05 -35.94
C ALA B 3 -19.84 8.38 -36.61
N PRO B 4 -19.99 8.52 -37.95
CA PRO B 4 -19.85 9.80 -38.63
C PRO B 4 -20.93 10.77 -38.17
N MET B 5 -20.64 12.07 -38.16
CA MET B 5 -21.52 13.12 -37.65
C MET B 5 -21.33 14.42 -38.41
N GLU B 6 -22.35 15.28 -38.42
CA GLU B 6 -22.39 16.52 -39.18
C GLU B 6 -22.87 17.71 -38.34
N LYS B 7 -22.32 18.89 -38.58
CA LYS B 7 -22.70 20.12 -37.90
C LYS B 7 -23.99 20.69 -38.50
N LEU B 8 -25.12 20.56 -37.81
CA LEU B 8 -26.37 21.20 -38.20
C LEU B 8 -26.33 22.69 -37.86
N VAL B 9 -26.42 23.55 -38.86
CA VAL B 9 -26.55 25.00 -38.68
C VAL B 9 -28.00 25.42 -38.91
N LEU B 10 -28.58 26.19 -37.98
CA LEU B 10 -29.97 26.63 -38.10
C LEU B 10 -30.18 27.99 -37.43
N ALA B 11 -31.11 28.77 -37.96
CA ALA B 11 -31.40 30.13 -37.52
C ALA B 11 -32.85 30.51 -37.82
N GLY B 12 -33.37 31.50 -37.10
CA GLY B 12 -34.75 31.93 -37.23
C GLY B 12 -35.10 33.15 -36.35
N PRO B 13 -36.40 33.48 -36.23
CA PRO B 13 -36.86 34.60 -35.42
C PRO B 13 -36.53 34.42 -33.94
N LYS B 14 -36.07 35.47 -33.27
CA LYS B 14 -35.68 35.41 -31.85
C LYS B 14 -36.80 34.95 -30.91
N GLY B 15 -38.06 35.14 -31.30
CA GLY B 15 -39.22 34.61 -30.58
C GLY B 15 -39.55 33.15 -30.91
N ARG B 16 -39.46 32.74 -32.18
CA ARG B 16 -39.76 31.37 -32.58
C ARG B 16 -38.71 30.39 -32.08
N ALA B 17 -37.48 30.87 -31.87
CA ALA B 17 -36.39 30.02 -31.38
C ALA B 17 -36.69 29.40 -30.01
N LYS B 18 -37.51 30.04 -29.17
CA LYS B 18 -37.85 29.47 -27.87
C LYS B 18 -38.68 28.20 -28.01
N GLU B 19 -39.44 28.08 -29.10
CA GLU B 19 -40.18 26.86 -29.34
C GLU B 19 -39.42 25.90 -30.26
N LEU B 20 -38.56 26.43 -31.11
CA LEU B 20 -37.70 25.55 -31.91
C LEU B 20 -36.81 24.70 -31.01
N LEU B 21 -36.26 25.31 -29.95
CA LEU B 21 -35.47 24.55 -29.00
C LEU B 21 -36.30 23.49 -28.30
N GLN B 22 -37.55 23.80 -27.97
CA GLN B 22 -38.41 22.79 -27.36
C GLN B 22 -38.65 21.64 -28.31
N SER B 23 -38.89 21.94 -29.58
CA SER B 23 -39.11 20.87 -30.56
C SER B 23 -37.87 20.01 -30.71
N LEU B 24 -36.69 20.63 -30.81
CA LEU B 24 -35.46 19.86 -30.94
C LEU B 24 -35.21 19.01 -29.70
N GLN B 25 -35.43 19.56 -28.52
CA GLN B 25 -35.24 18.79 -27.29
C GLN B 25 -36.20 17.63 -27.17
N GLN B 26 -37.46 17.81 -27.56
CA GLN B 26 -38.39 16.69 -27.63
C GLN B 26 -38.08 15.78 -28.81
N ALA B 27 -37.17 16.17 -29.69
CA ALA B 27 -36.71 15.31 -30.77
C ALA B 27 -35.55 14.45 -30.28
N GLY B 28 -34.84 13.84 -31.22
CA GLY B 28 -33.76 12.94 -30.88
C GLY B 28 -32.51 13.65 -30.41
N VAL B 29 -31.35 13.12 -30.78
CA VAL B 29 -30.05 13.64 -30.37
C VAL B 29 -29.62 14.91 -31.10
N VAL B 30 -28.92 15.79 -30.39
CA VAL B 30 -28.07 16.85 -30.94
C VAL B 30 -27.17 17.38 -29.81
N HIS B 31 -25.86 17.20 -29.90
CA HIS B 31 -24.93 17.81 -28.95
C HIS B 31 -24.73 19.26 -29.33
N LEU B 32 -25.34 20.19 -28.61
CA LEU B 32 -25.24 21.62 -28.88
C LEU B 32 -23.85 22.16 -28.56
N GLU B 33 -23.16 22.74 -29.54
CA GLU B 33 -21.94 23.51 -29.30
C GLU B 33 -22.25 24.87 -28.65
N THR B 34 -21.25 25.49 -28.00
CA THR B 34 -21.39 26.75 -27.27
C THR B 34 -21.80 27.91 -28.18
N LEU B 35 -21.38 27.89 -29.45
CA LEU B 35 -21.77 28.76 -30.57
C LEU B 35 -21.62 30.28 -30.39
N ARG B 36 -21.43 30.78 -29.17
CA ARG B 36 -21.49 32.19 -28.83
C ARG B 36 -20.49 33.03 -29.63
N PRO B 37 -19.21 32.62 -29.79
CA PRO B 37 -18.28 33.50 -30.50
C PRO B 37 -18.39 33.37 -32.01
N GLU B 38 -19.40 34.00 -32.59
CA GLU B 38 -19.72 33.97 -34.00
C GLU B 38 -19.91 35.37 -34.60
N ALA B 39 -19.30 36.41 -34.01
CA ALA B 39 -19.51 37.81 -34.41
C ALA B 39 -21.00 38.22 -34.34
N LEU B 40 -21.62 37.87 -33.22
CA LEU B 40 -23.04 38.00 -32.92
C LEU B 40 -23.26 37.96 -31.40
N SER B 41 -24.48 38.24 -30.96
CA SER B 41 -24.86 38.24 -29.55
C SER B 41 -24.81 36.85 -28.91
N ALA B 42 -24.53 36.79 -27.60
CA ALA B 42 -24.51 35.57 -26.81
C ALA B 42 -25.92 35.12 -26.34
N TYR B 43 -26.99 35.66 -26.92
CA TYR B 43 -28.38 35.27 -26.68
C TYR B 43 -28.79 35.16 -25.20
N GLN B 44 -28.32 36.09 -24.35
CA GLN B 44 -28.58 36.08 -22.92
C GLN B 44 -30.08 36.13 -22.60
N LEU B 45 -30.51 35.34 -21.61
CA LEU B 45 -31.93 35.17 -21.30
C LEU B 45 -32.57 36.46 -20.79
N SER B 46 -33.85 36.67 -21.10
CA SER B 46 -34.63 37.80 -20.62
C SER B 46 -34.80 37.76 -19.09
N PRO B 47 -35.05 38.89 -18.41
CA PRO B 47 -35.29 38.91 -16.97
C PRO B 47 -36.47 38.03 -16.55
N GLU B 48 -37.57 38.04 -17.31
CA GLU B 48 -38.69 37.14 -17.11
C GLU B 48 -38.34 35.67 -17.36
N GLU B 49 -37.44 35.40 -18.31
CA GLU B 49 -36.85 34.08 -18.52
C GLU B 49 -36.04 33.62 -17.31
N ARG B 50 -35.17 34.49 -16.77
CA ARG B 50 -34.42 34.22 -15.55
C ARG B 50 -35.33 33.90 -14.36
N ALA B 51 -36.40 34.67 -14.18
CA ALA B 51 -37.41 34.41 -13.16
C ALA B 51 -38.14 33.08 -13.38
N GLU B 52 -38.51 32.76 -14.62
CA GLU B 52 -39.10 31.47 -14.97
C GLU B 52 -38.18 30.30 -14.63
N LEU B 53 -36.88 30.44 -14.88
CA LEU B 53 -35.89 29.43 -14.56
C LEU B 53 -35.80 29.23 -13.06
N ARG B 54 -35.79 30.33 -12.31
CA ARG B 54 -35.75 30.22 -10.85
C ARG B 54 -36.98 29.51 -10.31
N ARG B 55 -38.16 29.86 -10.83
CA ARG B 55 -39.38 29.21 -10.37
C ARG B 55 -39.36 27.72 -10.66
N TRP B 56 -38.95 27.34 -11.87
CA TRP B 56 -38.90 25.92 -12.21
C TRP B 56 -37.84 25.19 -11.40
N GLU B 57 -36.71 25.84 -11.15
CA GLU B 57 -35.68 25.23 -10.32
C GLU B 57 -36.19 24.99 -8.91
N ALA B 58 -36.94 25.96 -8.37
CA ALA B 58 -37.54 25.77 -7.06
C ALA B 58 -38.52 24.61 -7.09
N VAL B 59 -39.30 24.48 -8.17
CA VAL B 59 -40.23 23.37 -8.27
C VAL B 59 -39.47 22.05 -8.24
N SER B 60 -38.37 21.96 -8.99
CA SER B 60 -37.59 20.73 -9.03
C SER B 60 -37.01 20.41 -7.66
N ALA B 61 -36.44 21.41 -7.00
CA ALA B 61 -35.83 21.17 -5.68
C ALA B 61 -36.87 20.73 -4.67
N GLY B 62 -38.02 21.40 -4.66
CA GLY B 62 -39.08 21.02 -3.74
C GLY B 62 -39.61 19.63 -4.01
N ALA B 63 -39.77 19.28 -5.28
CA ALA B 63 -40.24 17.95 -5.62
C ALA B 63 -39.26 16.89 -5.15
N GLU B 64 -37.96 17.12 -5.38
CA GLU B 64 -36.97 16.15 -4.95
C GLU B 64 -36.98 16.01 -3.43
N HIS B 65 -37.01 17.13 -2.70
CA HIS B 65 -36.96 17.09 -1.25
C HIS B 65 -38.19 16.41 -0.67
N THR B 66 -39.38 16.74 -1.19
CA THR B 66 -40.60 16.10 -0.71
C THR B 66 -40.62 14.62 -1.03
N LEU B 67 -40.11 14.23 -2.21
CA LEU B 67 -40.03 12.82 -2.55
C LEU B 67 -39.12 12.08 -1.58
N SER B 68 -37.96 12.69 -1.27
CA SER B 68 -37.04 12.07 -0.33
C SER B 68 -37.68 11.95 1.05
N LEU B 69 -38.40 12.99 1.48
CA LEU B 69 -39.04 12.94 2.79
C LEU B 69 -40.10 11.85 2.83
N LEU B 70 -40.90 11.72 1.78
CA LEU B 70 -41.87 10.64 1.72
C LEU B 70 -41.19 9.29 1.54
N GLY B 71 -39.91 9.27 1.19
CA GLY B 71 -39.19 8.04 0.97
C GLY B 71 -39.25 7.51 -0.44
N LEU B 72 -40.03 8.13 -1.32
CA LEU B 72 -40.17 7.64 -2.68
C LEU B 72 -38.88 7.88 -3.46
N GLU B 73 -38.76 7.20 -4.59
CA GLU B 73 -37.57 7.30 -5.41
C GLU B 73 -37.64 8.50 -6.34
N ALA B 74 -36.49 8.88 -6.88
CA ALA B 74 -36.39 10.01 -7.80
C ALA B 74 -36.46 9.60 -9.26
N GLU B 75 -36.86 8.37 -9.56
CA GLU B 75 -36.93 7.91 -10.93
C GLU B 75 -37.99 8.69 -11.71
N PRO B 76 -37.76 8.93 -13.00
CA PRO B 76 -38.72 9.71 -13.79
C PRO B 76 -40.01 8.95 -14.01
N ALA B 77 -40.96 9.65 -14.62
CA ALA B 77 -42.27 9.09 -14.93
C ALA B 77 -42.88 9.92 -16.06
N ARG B 78 -44.19 9.79 -16.22
CA ARG B 78 -44.92 10.61 -17.18
C ARG B 78 -44.82 12.08 -16.77
N PRO B 79 -44.77 13.02 -17.70
CA PRO B 79 -44.52 14.41 -17.33
C PRO B 79 -45.67 15.01 -16.55
N PHE B 80 -45.38 16.11 -15.85
CA PHE B 80 -46.45 16.91 -15.28
C PHE B 80 -46.96 17.90 -16.33
N PRO B 81 -48.22 17.79 -16.76
CA PRO B 81 -48.76 18.68 -17.79
C PRO B 81 -49.40 19.94 -17.21
N GLU B 82 -48.59 20.77 -16.56
CA GLU B 82 -49.10 21.96 -15.89
C GLU B 82 -48.13 23.12 -16.08
N GLY B 83 -48.65 24.33 -15.94
CA GLY B 83 -47.79 25.50 -15.97
C GLY B 83 -47.02 25.65 -14.68
N LEU B 84 -46.20 26.70 -14.62
CA LEU B 84 -45.40 26.94 -13.43
C LEU B 84 -46.29 27.18 -12.21
N GLU B 85 -47.34 27.99 -12.38
CA GLU B 85 -48.24 28.28 -11.27
C GLU B 85 -48.97 27.03 -10.80
N ALA B 86 -49.49 26.23 -11.74
CA ALA B 86 -50.19 25.02 -11.36
C ALA B 86 -49.25 24.03 -10.67
N ALA B 87 -48.03 23.91 -11.18
CA ALA B 87 -47.06 23.01 -10.56
C ALA B 87 -46.73 23.46 -9.15
N GLU B 88 -46.55 24.76 -8.95
CA GLU B 88 -46.29 25.25 -7.60
C GLU B 88 -47.48 24.98 -6.68
N LYS B 89 -48.69 25.23 -7.19
CA LYS B 89 -49.88 25.04 -6.36
C LYS B 89 -50.12 23.56 -6.07
N ALA B 90 -49.56 22.67 -6.88
CA ALA B 90 -49.65 21.25 -6.59
C ALA B 90 -48.57 20.78 -5.63
N LEU B 91 -47.34 21.31 -5.77
CA LEU B 91 -46.25 20.88 -4.91
C LEU B 91 -46.35 21.45 -3.51
N SER B 92 -46.99 22.61 -3.33
CA SER B 92 -47.02 23.22 -2.00
C SER B 92 -47.77 22.37 -0.97
N PRO B 93 -48.99 21.88 -1.24
CA PRO B 93 -49.67 21.09 -0.19
C PRO B 93 -48.89 19.86 0.24
N ILE B 94 -48.32 19.12 -0.71
CA ILE B 94 -47.60 17.89 -0.36
C ILE B 94 -46.38 18.23 0.47
N GLN B 95 -45.65 19.27 0.09
CA GLN B 95 -44.50 19.70 0.88
C GLN B 95 -44.92 20.09 2.29
N ALA B 96 -46.03 20.81 2.42
CA ALA B 96 -46.51 21.21 3.73
C ALA B 96 -46.87 20.00 4.59
N HIS B 97 -47.61 19.05 4.01
CA HIS B 97 -48.02 17.88 4.77
C HIS B 97 -46.82 17.05 5.18
N ALA B 98 -45.84 16.89 4.28
CA ALA B 98 -44.64 16.13 4.63
C ALA B 98 -43.85 16.82 5.72
N GLU B 99 -43.71 18.15 5.64
CA GLU B 99 -42.99 18.88 6.67
C GLU B 99 -43.68 18.71 8.03
N GLY B 100 -45.00 18.87 8.06
CA GLY B 100 -45.72 18.72 9.30
C GLY B 100 -45.61 17.32 9.87
N LEU B 101 -45.76 16.31 9.02
CA LEU B 101 -45.67 14.94 9.49
C LEU B 101 -44.28 14.63 10.00
N THR B 102 -43.24 15.11 9.31
CA THR B 102 -41.87 14.86 9.78
C THR B 102 -41.63 15.54 11.11
N ARG B 103 -42.10 16.78 11.27
CA ARG B 103 -41.94 17.46 12.55
C ARG B 103 -42.66 16.72 13.66
N GLN B 104 -43.88 16.25 13.40
CA GLN B 104 -44.62 15.52 14.41
C GLN B 104 -43.93 14.22 14.78
N LYS B 105 -43.42 13.49 13.78
CA LYS B 105 -42.73 12.24 14.05
C LYS B 105 -41.45 12.49 14.84
N GLN B 106 -40.69 13.53 14.49
CA GLN B 106 -39.50 13.86 15.25
C GLN B 106 -39.83 14.19 16.68
N GLU B 107 -40.90 14.96 16.89
CA GLU B 107 -41.31 15.34 18.24
C GLU B 107 -41.70 14.10 19.06
N LEU B 108 -42.53 13.23 18.48
CA LEU B 108 -42.98 12.04 19.20
C LEU B 108 -41.80 11.12 19.52
N GLU B 109 -40.93 10.89 18.54
CA GLU B 109 -39.80 10.00 18.75
C GLU B 109 -38.83 10.57 19.78
N GLU B 110 -38.55 11.87 19.72
CA GLU B 110 -37.65 12.48 20.70
C GLU B 110 -38.26 12.43 22.09
N GLU B 111 -39.57 12.66 22.21
CA GLU B 111 -40.22 12.55 23.51
C GLU B 111 -40.11 11.14 24.05
N LEU B 112 -40.33 10.13 23.20
CA LEU B 112 -40.21 8.74 23.66
C LEU B 112 -38.78 8.44 24.12
N ALA B 113 -37.79 8.88 23.34
CA ALA B 113 -36.41 8.62 23.70
C ALA B 113 -36.04 9.30 25.01
N LEU B 114 -36.49 10.54 25.20
CA LEU B 114 -36.20 11.26 26.44
C LEU B 114 -36.86 10.59 27.63
N ALA B 115 -38.12 10.18 27.48
CA ALA B 115 -38.82 9.55 28.60
C ALA B 115 -38.20 8.22 28.96
N GLN B 116 -37.86 7.40 27.96
CA GLN B 116 -37.23 6.12 28.24
C GLN B 116 -35.78 6.28 28.68
N ALA B 117 -35.18 7.44 28.45
CA ALA B 117 -33.79 7.67 28.84
C ALA B 117 -33.63 7.73 30.35
N TYR B 118 -34.68 8.09 31.08
CA TYR B 118 -34.59 8.28 32.52
C TYR B 118 -35.78 7.68 33.25
N LEU B 119 -36.27 6.53 32.80
CA LEU B 119 -37.45 5.92 33.41
C LEU B 119 -37.16 5.46 34.83
N GLU B 120 -36.20 4.55 34.99
CA GLU B 120 -35.83 4.07 36.32
C GLU B 120 -35.27 5.17 37.21
N PRO B 121 -34.38 6.07 36.73
CA PRO B 121 -34.00 7.21 37.56
C PRO B 121 -35.19 8.04 37.99
N LEU B 122 -36.17 8.25 37.10
CA LEU B 122 -37.35 9.02 37.47
C LEU B 122 -38.16 8.30 38.54
N GLU B 123 -38.28 6.97 38.43
CA GLU B 123 -39.00 6.21 39.44
C GLU B 123 -38.31 6.32 40.79
N ARG B 124 -36.99 6.17 40.81
CA ARG B 124 -36.25 6.27 42.06
C ARG B 124 -36.38 7.67 42.66
N LEU B 125 -36.28 8.70 41.81
CA LEU B 125 -36.39 10.07 42.30
C LEU B 125 -37.79 10.34 42.85
N ALA B 126 -38.82 9.83 42.18
CA ALA B 126 -40.17 9.95 42.71
C ALA B 126 -40.30 9.24 44.04
N ALA B 127 -39.60 8.12 44.21
CA ALA B 127 -39.64 7.40 45.48
C ALA B 127 -38.99 8.22 46.59
N LEU B 128 -37.80 8.75 46.32
CA LEU B 128 -37.03 9.41 47.38
C LEU B 128 -37.63 10.77 47.73
N ALA B 129 -38.21 11.47 46.76
CA ALA B 129 -38.66 12.84 46.94
C ALA B 129 -40.10 12.90 47.42
N HIS B 130 -40.52 11.89 48.17
CA HIS B 130 -41.90 11.79 48.62
C HIS B 130 -42.30 12.92 49.56
N GLY B 131 -41.37 13.68 50.13
CA GLY B 131 -41.75 14.69 51.09
C GLY B 131 -40.98 15.99 51.03
N LEU B 132 -40.14 16.19 50.01
CA LEU B 132 -39.36 17.41 49.92
C LEU B 132 -39.31 17.96 48.49
N ASP B 133 -40.37 17.76 47.71
CA ASP B 133 -40.38 18.25 46.34
C ASP B 133 -40.41 19.77 46.27
N LYS B 134 -41.21 20.43 47.11
CA LYS B 134 -41.31 21.88 47.11
C LYS B 134 -41.13 22.38 48.53
N SER B 135 -39.98 22.98 48.80
CA SER B 135 -39.64 23.38 50.16
C SER B 135 -39.21 24.84 50.14
N PRO B 136 -39.50 25.60 51.21
CA PRO B 136 -39.15 27.03 51.23
C PRO B 136 -37.67 27.30 51.30
N PHE B 137 -36.98 26.68 52.27
CA PHE B 137 -35.58 27.00 52.50
C PHE B 137 -34.71 26.57 51.33
N LEU B 138 -34.84 25.32 50.89
CA LEU B 138 -34.20 24.85 49.68
C LEU B 138 -34.87 23.55 49.27
N ARG B 139 -34.73 23.21 48.00
CA ARG B 139 -35.39 22.06 47.41
C ARG B 139 -34.40 20.93 47.21
N VAL B 140 -34.92 19.69 47.20
CA VAL B 140 -34.09 18.53 46.98
C VAL B 140 -33.46 18.61 45.59
N ILE B 141 -32.20 18.18 45.51
CA ILE B 141 -31.51 18.14 44.22
C ILE B 141 -31.14 16.68 43.94
N PRO B 142 -31.50 16.16 42.78
CA PRO B 142 -31.19 14.77 42.46
C PRO B 142 -29.78 14.63 41.91
N PHE B 143 -29.29 13.40 41.94
CA PHE B 143 -27.95 13.10 41.42
C PHE B 143 -27.89 11.71 40.83
N LEU B 144 -28.06 11.60 39.51
CA LEU B 144 -27.88 10.33 38.83
C LEU B 144 -26.39 10.09 38.63
N LEU B 145 -25.86 9.10 39.31
CA LEU B 145 -24.44 8.78 39.29
C LEU B 145 -24.22 7.36 38.81
N THR B 146 -22.97 6.91 38.85
CA THR B 146 -22.59 5.56 38.47
C THR B 146 -22.95 4.60 39.60
N GLU B 147 -22.30 3.44 39.61
CA GLU B 147 -22.52 2.44 40.65
C GLU B 147 -22.21 3.00 42.03
N LYS B 148 -22.53 2.24 43.07
CA LYS B 148 -22.53 2.77 44.42
C LYS B 148 -21.11 3.03 44.92
N GLU B 149 -20.41 3.96 44.27
CA GLU B 149 -19.23 4.59 44.85
C GLU B 149 -19.59 5.85 45.63
N LEU B 150 -20.85 5.94 46.07
CA LEU B 150 -21.44 7.08 46.75
C LEU B 150 -20.60 7.61 47.91
N PRO B 151 -19.78 6.79 48.58
CA PRO B 151 -18.80 7.36 49.51
C PRO B 151 -17.92 8.43 48.91
N LEU B 152 -17.64 8.39 47.60
CA LEU B 152 -16.82 9.44 47.00
C LEU B 152 -17.47 10.81 47.14
N VAL B 153 -18.78 10.90 46.91
CA VAL B 153 -19.48 12.16 47.12
C VAL B 153 -19.76 12.38 48.61
N GLU B 154 -19.95 11.30 49.36
CA GLU B 154 -20.18 11.42 50.80
C GLU B 154 -18.98 11.98 51.52
N GLU B 155 -17.79 11.87 50.95
CA GLU B 155 -16.63 12.52 51.54
C GLU B 155 -16.84 14.03 51.61
N ALA B 156 -17.18 14.65 50.48
CA ALA B 156 -17.45 16.08 50.49
C ALA B 156 -18.72 16.40 51.26
N LEU B 157 -19.70 15.50 51.21
CA LEU B 157 -20.94 15.72 51.96
C LEU B 157 -20.68 15.78 53.46
N ARG B 158 -19.83 14.89 53.96
CA ARG B 158 -19.46 14.89 55.37
C ARG B 158 -18.52 16.04 55.69
N LYS B 159 -17.70 16.46 54.71
CA LYS B 159 -16.98 17.72 54.88
C LYS B 159 -17.94 18.88 55.04
N ALA B 160 -19.10 18.81 54.41
CA ALA B 160 -20.18 19.75 54.63
C ALA B 160 -21.08 19.22 55.76
N LEU B 161 -22.25 19.83 55.92
CA LEU B 161 -23.15 19.44 57.00
C LEU B 161 -23.78 18.08 56.74
N GLU B 162 -23.22 17.04 57.36
CA GLU B 162 -23.85 15.72 57.31
C GLU B 162 -25.07 15.64 58.21
N ASP B 163 -25.37 16.70 58.95
CA ASP B 163 -26.50 16.73 59.86
C ASP B 163 -27.83 16.73 59.10
N ARG B 164 -27.77 16.94 57.79
CA ARG B 164 -28.95 16.93 56.95
C ARG B 164 -28.56 16.52 55.53
N TYR B 165 -29.57 16.17 54.74
CA TYR B 165 -29.41 15.85 53.32
C TYR B 165 -28.56 14.61 53.09
N LEU B 166 -28.98 13.49 53.69
CA LEU B 166 -28.31 12.22 53.45
C LEU B 166 -28.70 11.66 52.08
N LEU B 167 -27.70 11.18 51.34
CA LEU B 167 -27.89 10.71 49.98
C LEU B 167 -27.39 9.29 49.85
N ALA B 168 -28.22 8.42 49.27
CA ALA B 168 -27.85 7.03 49.06
C ALA B 168 -28.74 6.44 47.98
N HIS B 169 -28.31 5.28 47.46
CA HIS B 169 -29.03 4.59 46.41
C HIS B 169 -30.21 3.84 47.00
N GLU B 170 -31.42 4.24 46.62
CA GLU B 170 -32.64 3.61 47.11
C GLU B 170 -33.30 2.71 46.08
N ALA B 171 -33.29 3.10 44.81
CA ALA B 171 -33.89 2.32 43.73
C ALA B 171 -33.09 2.59 42.47
N TYR B 172 -33.69 2.28 41.31
CA TYR B 172 -33.07 2.46 40.00
C TYR B 172 -31.74 1.71 39.94
N ALA B 173 -31.85 0.38 40.06
CA ALA B 173 -30.69 -0.50 40.10
C ALA B 173 -29.74 -0.31 38.92
N GLY B 174 -30.12 0.47 37.90
CA GLY B 174 -29.17 0.84 36.88
C GLY B 174 -28.04 1.71 37.38
N GLY B 175 -28.15 2.23 38.60
CA GLY B 175 -27.11 3.07 39.17
C GLY B 175 -27.46 3.44 40.59
N VAL B 176 -26.65 4.35 41.14
CA VAL B 176 -26.87 4.86 42.49
C VAL B 176 -27.90 5.98 42.41
N ALA B 177 -28.99 5.86 43.17
CA ALA B 177 -30.08 6.83 43.14
C ALA B 177 -29.85 7.95 44.16
N ALA B 178 -28.90 8.82 43.83
CA ALA B 178 -28.49 9.85 44.78
C ALA B 178 -29.36 11.10 44.66
N LEU B 179 -29.58 11.75 45.80
CA LEU B 179 -30.29 13.02 45.89
C LEU B 179 -30.11 13.56 47.30
N VAL B 180 -30.11 14.88 47.43
CA VAL B 180 -29.89 15.52 48.71
C VAL B 180 -30.91 16.64 48.90
N VAL B 181 -31.44 16.75 50.12
CA VAL B 181 -32.43 17.75 50.46
C VAL B 181 -32.06 18.39 51.79
N VAL B 182 -31.93 19.72 51.79
CA VAL B 182 -31.50 20.42 52.99
C VAL B 182 -31.97 21.87 52.93
N HIS B 183 -31.97 22.54 54.08
CA HIS B 183 -32.31 23.95 54.13
C HIS B 183 -31.11 24.80 53.74
N ARG B 184 -31.39 26.02 53.26
CA ARG B 184 -30.38 26.99 52.88
C ARG B 184 -29.52 26.50 51.72
N LYS B 185 -28.64 27.37 51.23
CA LYS B 185 -27.73 27.00 50.15
C LYS B 185 -26.51 26.23 50.65
N GLU B 186 -26.53 25.78 51.90
CA GLU B 186 -25.50 24.85 52.35
C GLU B 186 -25.55 23.57 51.54
N VAL B 187 -26.74 23.14 51.13
CA VAL B 187 -26.85 21.99 50.23
C VAL B 187 -26.24 22.30 48.87
N ASP B 188 -26.41 23.53 48.37
CA ASP B 188 -25.82 23.90 47.09
C ASP B 188 -24.29 23.92 47.16
N GLN B 189 -23.76 24.49 48.24
CA GLN B 189 -22.31 24.47 48.42
C GLN B 189 -21.80 23.04 48.58
N ALA B 190 -22.56 22.19 49.28
CA ALA B 190 -22.20 20.79 49.38
C ALA B 190 -22.28 20.11 48.02
N LYS B 191 -23.20 20.55 47.16
CA LYS B 191 -23.29 19.99 45.81
C LYS B 191 -22.07 20.36 44.99
N ALA B 192 -21.60 21.60 45.11
CA ALA B 192 -20.36 22.00 44.45
C ALA B 192 -19.18 21.20 44.99
N ALA B 193 -19.12 21.03 46.32
CA ALA B 193 -18.03 20.27 46.92
C ALA B 193 -18.07 18.81 46.49
N LEU B 194 -19.25 18.22 46.39
CA LEU B 194 -19.38 16.85 45.94
C LEU B 194 -19.04 16.73 44.47
N SER B 195 -19.35 17.75 43.68
CA SER B 195 -18.88 17.76 42.30
C SER B 195 -17.36 17.77 42.23
N ARG B 196 -16.72 18.53 43.12
CA ARG B 196 -15.26 18.54 43.18
C ARG B 196 -14.72 17.18 43.60
N ALA B 197 -15.35 16.54 44.58
CA ALA B 197 -14.93 15.24 45.10
C ALA B 197 -15.45 14.08 44.26
N GLY B 198 -16.17 14.37 43.18
CA GLY B 198 -16.77 13.37 42.33
C GLY B 198 -18.25 13.22 42.61
N VAL B 199 -19.08 13.90 41.81
CA VAL B 199 -20.53 13.76 41.87
C VAL B 199 -21.09 14.46 40.64
N ALA B 200 -22.28 14.04 40.23
CA ALA B 200 -22.93 14.61 39.06
C ALA B 200 -24.33 15.08 39.44
N GLU B 201 -24.80 16.10 38.75
CA GLU B 201 -26.12 16.68 38.99
C GLU B 201 -27.13 16.06 38.03
N LEU B 202 -28.30 15.72 38.56
CA LEU B 202 -29.35 15.10 37.77
C LEU B 202 -30.32 16.19 37.30
N ARG B 203 -29.83 17.02 36.38
CA ARG B 203 -30.63 18.05 35.73
C ARG B 203 -30.80 17.60 34.28
N LEU B 204 -31.80 16.74 34.04
CA LEU B 204 -32.07 16.29 32.70
C LEU B 204 -32.63 17.44 31.87
N PRO B 205 -32.37 17.44 30.57
CA PRO B 205 -32.87 18.53 29.72
C PRO B 205 -34.39 18.61 29.77
N GLY B 206 -34.90 19.83 29.60
CA GLY B 206 -36.33 20.02 29.50
C GLY B 206 -37.01 19.95 30.85
N ALA B 207 -38.29 19.57 30.81
CA ALA B 207 -39.14 19.61 32.00
C ALA B 207 -38.60 18.70 33.11
N LEU B 208 -37.84 17.66 32.74
CA LEU B 208 -37.32 16.75 33.74
C LEU B 208 -36.40 17.48 34.72
N GLY B 209 -35.54 18.35 34.21
CA GLY B 209 -34.68 19.14 35.08
C GLY B 209 -35.15 20.57 35.23
N GLU B 210 -36.43 20.85 34.89
CA GLU B 210 -36.94 22.20 34.96
C GLU B 210 -38.37 22.31 35.52
N LEU B 211 -38.91 21.25 36.09
CA LEU B 211 -40.26 21.25 36.65
C LEU B 211 -40.24 20.56 38.00
N PRO B 212 -41.29 20.73 38.81
CA PRO B 212 -41.36 20.00 40.08
C PRO B 212 -41.27 18.49 39.85
N LEU B 213 -40.64 17.80 40.81
CA LEU B 213 -40.22 16.42 40.56
C LEU B 213 -41.39 15.51 40.25
N SER B 214 -42.41 15.49 41.11
CA SER B 214 -43.50 14.54 40.96
C SER B 214 -44.35 14.84 39.73
N GLU B 215 -44.76 16.10 39.56
CA GLU B 215 -45.58 16.46 38.41
C GLU B 215 -44.83 16.24 37.11
N ALA B 216 -43.54 16.59 37.08
CA ALA B 216 -42.73 16.38 35.89
C ALA B 216 -42.59 14.90 35.58
N ALA B 217 -42.39 14.06 36.60
CA ALA B 217 -42.30 12.63 36.36
C ALA B 217 -43.61 12.09 35.82
N ARG B 218 -44.73 12.55 36.38
CA ARG B 218 -46.04 12.11 35.89
C ARG B 218 -46.26 12.54 34.44
N ARG B 219 -45.88 13.78 34.10
CA ARG B 219 -46.00 14.24 32.73
C ARG B 219 -45.11 13.44 31.80
N LEU B 220 -43.89 13.11 32.24
CA LEU B 220 -43.00 12.31 31.43
C LEU B 220 -43.57 10.93 31.18
N LYS B 221 -44.12 10.30 32.23
CA LYS B 221 -44.74 8.99 32.05
C LYS B 221 -45.94 9.07 31.12
N GLU B 222 -46.75 10.12 31.24
CA GLU B 222 -47.91 10.28 30.37
C GLU B 222 -47.47 10.45 28.92
N ARG B 223 -46.41 11.22 28.69
CA ARG B 223 -45.89 11.39 27.33
C ARG B 223 -45.37 10.07 26.78
N ALA B 224 -44.65 9.30 27.60
CA ALA B 224 -44.18 7.98 27.17
C ALA B 224 -45.34 7.04 26.89
N GLU B 225 -46.46 7.19 27.60
CA GLU B 225 -47.62 6.35 27.35
C GLU B 225 -48.33 6.74 26.06
N ALA B 226 -48.50 8.04 25.82
CA ALA B 226 -49.28 8.49 24.69
C ALA B 226 -48.50 8.54 23.38
N ALA B 227 -47.16 8.58 23.45
CA ALA B 227 -46.33 8.68 22.26
C ALA B 227 -46.52 7.52 21.28
N PRO B 228 -46.69 6.27 21.74
CA PRO B 228 -46.91 5.16 20.79
C PRO B 228 -48.04 5.41 19.79
N ARG B 229 -49.22 5.79 20.30
CA ARG B 229 -50.37 5.96 19.41
C ARG B 229 -50.14 7.11 18.43
N GLU B 230 -49.59 8.23 18.90
CA GLU B 230 -49.32 9.35 18.02
C GLU B 230 -48.29 8.98 16.96
N LEU B 231 -47.25 8.24 17.35
CA LEU B 231 -46.24 7.80 16.39
C LEU B 231 -46.85 6.89 15.34
N SER B 232 -47.70 5.95 15.76
CA SER B 232 -48.35 5.05 14.81
C SER B 232 -49.24 5.83 13.84
N GLU B 233 -50.02 6.78 14.36
CA GLU B 233 -50.89 7.57 13.50
C GLU B 233 -50.09 8.41 12.52
N VAL B 234 -49.00 9.02 13.01
CA VAL B 234 -48.16 9.83 12.13
C VAL B 234 -47.56 8.98 11.03
N ARG B 235 -47.05 7.80 11.39
CA ARG B 235 -46.46 6.92 10.39
C ARG B 235 -47.48 6.48 9.36
N GLN B 236 -48.69 6.11 9.81
CA GLN B 236 -49.72 5.70 8.87
C GLN B 236 -50.09 6.84 7.93
N HIS B 237 -50.27 8.04 8.47
CA HIS B 237 -50.64 9.18 7.63
C HIS B 237 -49.54 9.48 6.62
N LEU B 238 -48.28 9.46 7.06
CA LEU B 238 -47.17 9.75 6.16
C LEU B 238 -47.10 8.72 5.04
N ALA B 239 -47.22 7.44 5.39
CA ALA B 239 -47.15 6.40 4.39
C ALA B 239 -48.28 6.53 3.37
N LYS B 240 -49.50 6.78 3.85
CA LYS B 240 -50.64 6.92 2.95
C LYS B 240 -50.44 8.13 2.03
N LEU B 241 -49.97 9.24 2.58
CA LEU B 241 -49.74 10.43 1.76
C LEU B 241 -48.70 10.15 0.69
N ALA B 242 -47.63 9.46 1.05
CA ALA B 242 -46.61 9.13 0.07
C ALA B 242 -47.20 8.26 -1.04
N ARG B 243 -47.98 7.25 -0.65
CA ARG B 243 -48.59 6.37 -1.65
C ARG B 243 -49.53 7.12 -2.57
N GLU B 244 -50.21 8.14 -2.04
CA GLU B 244 -51.14 8.88 -2.87
C GLU B 244 -50.44 9.88 -3.79
N SER B 245 -49.29 10.42 -3.36
CA SER B 245 -48.69 11.54 -4.07
C SER B 245 -47.44 11.18 -4.88
N ALA B 246 -46.99 9.92 -4.84
CA ALA B 246 -45.74 9.57 -5.50
C ALA B 246 -45.79 9.87 -7.00
N SER B 247 -46.85 9.45 -7.68
CA SER B 247 -46.93 9.62 -9.13
C SER B 247 -46.94 11.09 -9.52
N THR B 248 -47.73 11.89 -8.81
CA THR B 248 -47.79 13.32 -9.11
C THR B 248 -46.44 13.97 -8.88
N LEU B 249 -45.76 13.60 -7.78
CA LEU B 249 -44.46 14.19 -7.50
C LEU B 249 -43.44 13.82 -8.57
N GLN B 250 -43.45 12.57 -9.02
CA GLN B 250 -42.53 12.17 -10.08
C GLN B 250 -42.83 12.91 -11.37
N SER B 251 -44.11 13.08 -11.70
CA SER B 251 -44.47 13.83 -12.90
C SER B 251 -43.95 15.26 -12.82
N LEU B 252 -44.12 15.88 -11.65
CA LEU B 252 -43.64 17.24 -11.46
C LEU B 252 -42.13 17.30 -11.59
N TRP B 253 -41.41 16.33 -11.01
CA TRP B 253 -39.97 16.32 -11.10
C TRP B 253 -39.50 16.22 -12.55
N THR B 254 -40.13 15.34 -13.32
CA THR B 254 -39.77 15.21 -14.73
C THR B 254 -40.03 16.50 -15.48
N ARG B 255 -41.20 17.10 -15.28
CA ARG B 255 -41.53 18.33 -16.01
C ARG B 255 -40.55 19.44 -15.65
N ALA B 256 -40.22 19.56 -14.37
CA ALA B 256 -39.31 20.62 -13.94
C ALA B 256 -37.92 20.42 -14.50
N GLN B 257 -37.40 19.19 -14.44
CA GLN B 257 -36.06 18.95 -14.98
C GLN B 257 -36.01 19.25 -16.47
N ASP B 258 -37.05 18.82 -17.21
CA ASP B 258 -37.08 19.10 -18.63
C ASP B 258 -37.09 20.60 -18.90
N GLU B 259 -37.92 21.35 -18.17
CA GLU B 259 -38.02 22.78 -18.44
C GLU B 259 -36.72 23.50 -18.09
N VAL B 260 -36.10 23.13 -16.97
CA VAL B 260 -34.86 23.78 -16.58
C VAL B 260 -33.76 23.47 -17.57
N ALA B 261 -33.73 22.23 -18.07
CA ALA B 261 -32.77 21.89 -19.11
C ALA B 261 -33.00 22.73 -20.37
N ARG B 262 -34.27 22.90 -20.75
CA ARG B 262 -34.57 23.71 -21.93
C ARG B 262 -34.07 25.13 -21.75
N LEU B 263 -34.29 25.71 -20.58
CA LEU B 263 -33.86 27.08 -20.34
C LEU B 263 -32.35 27.20 -20.38
N LYS B 264 -31.66 26.34 -19.61
CA LYS B 264 -30.20 26.40 -19.60
C LYS B 264 -29.63 26.16 -20.98
N ALA B 265 -30.30 25.35 -21.80
CA ALA B 265 -29.89 25.20 -23.19
C ALA B 265 -30.09 26.48 -23.96
N LEU B 266 -31.23 27.17 -23.77
CA LEU B 266 -31.54 28.43 -24.42
C LEU B 266 -30.47 29.49 -24.18
N GLU B 267 -29.83 29.44 -23.02
CA GLU B 267 -28.65 30.23 -22.70
C GLU B 267 -27.40 29.89 -23.55
N GLU B 268 -27.37 28.80 -24.31
CA GLU B 268 -26.25 28.44 -25.18
C GLU B 268 -26.36 28.96 -26.63
N LEU B 269 -27.49 29.49 -27.07
CA LEU B 269 -27.67 29.94 -28.45
C LEU B 269 -26.78 31.15 -28.81
N ALA B 270 -26.51 31.34 -30.10
CA ALA B 270 -26.05 32.61 -30.65
C ALA B 270 -27.25 33.48 -31.05
N SER B 271 -27.07 34.79 -31.20
CA SER B 271 -28.16 35.74 -31.38
C SER B 271 -27.81 37.00 -32.16
N GLY B 272 -28.82 37.79 -32.48
CA GLY B 272 -28.73 39.15 -33.00
C GLY B 272 -30.07 39.87 -32.89
N ARG B 273 -30.18 41.05 -33.49
CA ARG B 273 -31.46 41.77 -33.54
C ARG B 273 -32.52 40.94 -34.25
N PHE B 274 -33.61 40.62 -33.54
CA PHE B 274 -34.69 39.75 -33.99
C PHE B 274 -34.31 38.30 -34.38
N GLY B 275 -33.11 37.82 -34.04
CA GLY B 275 -32.59 36.54 -34.53
C GLY B 275 -31.89 35.65 -33.49
N PHE B 276 -31.91 34.35 -33.73
CA PHE B 276 -31.24 33.31 -32.97
C PHE B 276 -30.62 32.27 -33.89
N ALA B 277 -29.50 31.64 -33.51
CA ALA B 277 -28.81 30.60 -34.27
C ALA B 277 -28.09 29.55 -33.41
N LEU B 278 -27.89 28.37 -33.97
CA LEU B 278 -27.29 27.20 -33.33
C LEU B 278 -26.34 26.46 -34.28
N LEU B 279 -25.43 25.65 -33.72
CA LEU B 279 -24.36 24.96 -34.45
C LEU B 279 -23.98 23.61 -33.82
N GLY B 280 -24.99 22.83 -33.41
CA GLY B 280 -24.80 21.51 -32.79
C GLY B 280 -24.41 20.38 -33.76
N TYR B 281 -23.83 19.30 -33.24
CA TYR B 281 -23.44 18.13 -34.02
C TYR B 281 -24.45 16.99 -33.88
N VAL B 282 -24.81 16.32 -34.97
CA VAL B 282 -25.72 15.17 -35.00
C VAL B 282 -25.18 14.02 -35.87
N PRO B 283 -25.29 12.73 -35.45
CA PRO B 283 -24.81 11.59 -36.23
C PRO B 283 -25.45 11.50 -37.62
N VAL B 284 -24.67 11.16 -38.64
CA VAL B 284 -25.12 11.17 -40.03
C VAL B 284 -26.30 10.23 -40.29
N LYS B 285 -26.36 9.10 -39.60
CA LYS B 285 -27.48 8.16 -39.69
C LYS B 285 -28.78 8.64 -39.00
N ALA B 286 -28.68 9.59 -38.09
CA ALA B 286 -29.79 10.11 -37.29
C ALA B 286 -30.53 11.30 -37.93
N LYS B 287 -30.08 11.78 -39.09
CA LYS B 287 -30.65 12.92 -39.81
C LYS B 287 -32.18 12.97 -39.90
N PRO B 288 -32.93 11.89 -40.24
CA PRO B 288 -34.38 11.97 -40.32
C PRO B 288 -35.06 12.17 -38.97
N LYS B 289 -34.44 11.82 -37.85
CA LYS B 289 -35.00 12.05 -36.53
C LYS B 289 -35.08 13.54 -36.19
N VAL B 290 -34.08 14.33 -36.58
CA VAL B 290 -34.13 15.79 -36.51
C VAL B 290 -34.99 16.36 -37.63
N GLU B 291 -34.77 15.97 -38.88
CA GLU B 291 -35.45 16.56 -40.04
C GLU B 291 -36.98 16.42 -40.00
N GLU B 292 -37.52 15.28 -39.55
CA GLU B 292 -38.95 15.07 -39.44
C GLU B 292 -39.57 15.79 -38.27
N ALA B 293 -38.80 16.59 -37.53
CA ALA B 293 -39.35 17.46 -36.50
C ALA B 293 -39.09 18.92 -36.88
N LEU B 294 -37.84 19.25 -37.19
CA LEU B 294 -37.49 20.60 -37.56
C LEU B 294 -37.95 20.97 -38.97
N ALA B 295 -38.76 20.14 -39.61
CA ALA B 295 -39.39 20.55 -40.85
C ALA B 295 -40.57 21.49 -40.58
N ARG B 296 -41.30 21.27 -39.50
CA ARG B 296 -42.50 22.05 -39.19
C ARG B 296 -42.19 23.32 -38.41
N HIS B 297 -40.99 23.87 -38.56
CA HIS B 297 -40.64 25.10 -37.84
C HIS B 297 -41.58 26.23 -38.24
N LYS B 298 -41.72 27.20 -37.33
CA LYS B 298 -42.64 28.30 -37.55
C LYS B 298 -42.30 29.07 -38.81
N GLU B 299 -41.02 29.42 -38.98
CA GLU B 299 -40.58 30.04 -40.21
C GLU B 299 -40.04 29.01 -41.21
N SER B 300 -40.16 27.72 -40.90
CA SER B 300 -39.47 26.67 -41.66
C SER B 300 -37.98 26.97 -41.68
N VAL B 301 -37.35 26.81 -40.51
CA VAL B 301 -36.02 27.33 -40.26
C VAL B 301 -34.99 26.69 -41.20
N VAL B 302 -33.81 27.31 -41.27
CA VAL B 302 -32.82 27.01 -42.30
C VAL B 302 -32.45 25.53 -42.34
N TYR B 303 -32.18 24.91 -41.20
CA TYR B 303 -31.93 23.47 -41.15
C TYR B 303 -30.88 23.04 -42.16
N ALA B 304 -29.76 23.77 -42.24
CA ALA B 304 -28.63 23.43 -43.09
C ALA B 304 -27.77 22.34 -42.43
N PHE B 305 -28.02 21.06 -42.75
CA PHE B 305 -27.28 19.90 -42.24
C PHE B 305 -25.90 19.81 -42.91
N GLU B 306 -25.02 20.77 -42.66
CA GLU B 306 -23.69 20.87 -43.25
C GLU B 306 -22.77 19.69 -42.86
N PRO B 307 -21.68 19.44 -43.61
CA PRO B 307 -20.79 18.30 -43.37
C PRO B 307 -20.09 18.35 -42.00
N VAL B 308 -19.52 17.22 -41.60
CA VAL B 308 -18.51 17.22 -40.55
C VAL B 308 -17.32 18.08 -40.94
N ASP B 309 -16.58 18.58 -39.95
CA ASP B 309 -15.18 18.87 -40.20
C ASP B 309 -14.46 17.56 -40.56
N GLU B 310 -13.34 17.65 -41.27
CA GLU B 310 -12.51 16.48 -41.51
C GLU B 310 -11.84 16.05 -40.21
N HIS B 311 -11.01 15.02 -40.29
CA HIS B 311 -10.13 14.67 -39.19
C HIS B 311 -9.20 15.82 -38.82
N HIS B 312 -9.11 16.85 -39.68
CA HIS B 312 -8.25 18.01 -39.46
C HIS B 312 -8.88 18.89 -38.39
N GLU B 313 -8.34 18.80 -37.17
CA GLU B 313 -8.67 19.70 -36.07
C GLU B 313 -10.17 19.67 -35.76
N ALA B 314 -10.67 18.50 -35.40
CA ALA B 314 -12.05 18.29 -35.02
C ALA B 314 -12.15 17.38 -33.80
N ASP B 315 -11.15 17.45 -32.90
CA ASP B 315 -11.17 16.75 -31.62
C ASP B 315 -12.37 17.13 -30.73
N ARG B 316 -13.05 18.25 -31.01
CA ARG B 316 -14.28 18.57 -30.31
C ARG B 316 -15.49 17.84 -30.87
N ILE B 317 -15.38 17.14 -32.00
CA ILE B 317 -16.50 16.38 -32.55
C ILE B 317 -16.89 15.25 -31.59
N PRO B 318 -18.19 15.07 -31.26
CA PRO B 318 -18.63 14.02 -30.38
C PRO B 318 -18.43 12.63 -31.00
N VAL B 319 -18.33 11.60 -30.16
CA VAL B 319 -18.19 10.20 -30.58
C VAL B 319 -19.22 9.27 -29.93
N VAL B 320 -19.73 8.29 -30.66
CA VAL B 320 -20.59 7.23 -30.15
C VAL B 320 -20.25 5.88 -30.80
N LEU B 321 -20.52 4.76 -30.11
CA LEU B 321 -19.91 3.47 -30.41
C LEU B 321 -20.39 2.81 -31.71
N ASP B 322 -21.67 2.94 -32.06
CA ASP B 322 -22.27 2.50 -33.33
C ASP B 322 -21.83 1.11 -33.80
N ASN B 323 -22.18 0.06 -33.05
CA ASN B 323 -21.76 -1.31 -33.33
C ASN B 323 -22.96 -2.20 -33.60
N PRO B 324 -22.80 -3.25 -34.41
CA PRO B 324 -23.94 -4.13 -34.74
C PRO B 324 -24.40 -4.92 -33.54
N PRO B 325 -25.57 -5.55 -33.61
CA PRO B 325 -26.12 -6.24 -32.43
C PRO B 325 -25.23 -7.33 -31.86
N TRP B 326 -24.42 -8.00 -32.69
CA TRP B 326 -23.54 -9.04 -32.16
C TRP B 326 -22.53 -8.45 -31.18
N ALA B 327 -21.99 -7.28 -31.50
CA ALA B 327 -20.87 -6.74 -30.74
C ALA B 327 -21.30 -5.79 -29.63
N LYS B 328 -22.51 -5.22 -29.73
CA LYS B 328 -22.88 -4.18 -28.77
C LYS B 328 -22.95 -4.69 -27.34
N PRO B 329 -23.57 -5.82 -27.01
CA PRO B 329 -23.60 -6.26 -25.61
C PRO B 329 -22.23 -6.41 -25.00
N PHE B 330 -21.20 -6.60 -25.81
CA PHE B 330 -19.83 -6.72 -25.30
C PHE B 330 -19.14 -5.37 -25.22
N GLU B 331 -19.77 -4.29 -25.66
CA GLU B 331 -19.14 -2.97 -25.56
C GLU B 331 -18.96 -2.53 -24.12
N LEU B 332 -19.69 -3.15 -23.19
CA LEU B 332 -19.51 -2.82 -21.78
C LEU B 332 -18.09 -3.10 -21.33
N LEU B 333 -17.51 -4.20 -21.81
CA LEU B 333 -16.16 -4.58 -21.41
C LEU B 333 -15.10 -3.64 -21.98
N VAL B 334 -15.45 -2.76 -22.91
CA VAL B 334 -14.47 -1.90 -23.56
C VAL B 334 -14.74 -0.42 -23.35
N SER B 335 -15.91 -0.03 -22.86
CA SER B 335 -16.21 1.39 -22.69
C SER B 335 -15.50 2.01 -21.50
N PHE B 336 -15.10 1.24 -20.48
CA PHE B 336 -14.53 1.77 -19.23
C PHE B 336 -13.21 2.54 -19.37
N LEU B 337 -12.44 2.34 -20.45
CA LEU B 337 -11.22 3.09 -20.75
C LEU B 337 -11.46 4.34 -21.63
N ASN B 338 -10.42 5.08 -21.99
CA ASN B 338 -10.50 6.34 -22.74
C ASN B 338 -11.32 6.28 -24.04
N THR B 339 -12.08 7.32 -24.36
CA THR B 339 -12.81 7.42 -25.62
C THR B 339 -11.88 7.70 -26.82
N PRO B 340 -12.23 7.27 -28.03
CA PRO B 340 -11.45 7.54 -29.24
C PRO B 340 -11.42 9.03 -29.59
N LYS B 341 -10.35 9.51 -30.22
CA LYS B 341 -10.17 10.93 -30.51
C LYS B 341 -11.22 11.50 -31.47
N TYR B 342 -11.36 10.92 -32.65
CA TYR B 342 -12.46 11.19 -33.60
C TYR B 342 -12.39 10.31 -34.84
N GLY B 343 -11.25 10.34 -35.53
CA GLY B 343 -10.93 9.52 -36.71
C GLY B 343 -10.15 8.23 -36.42
N THR B 344 -9.58 8.08 -35.23
CA THR B 344 -8.91 6.85 -34.77
C THR B 344 -9.88 5.67 -34.61
N PHE B 345 -9.38 4.44 -34.75
CA PHE B 345 -10.20 3.23 -34.80
C PHE B 345 -10.97 2.91 -33.51
N ASP B 346 -12.03 2.10 -33.62
CA ASP B 346 -12.78 1.57 -32.49
C ASP B 346 -12.52 0.06 -32.32
N PRO B 347 -11.89 -0.40 -31.22
CA PRO B 347 -11.61 -1.82 -30.98
C PRO B 347 -12.83 -2.66 -30.58
N THR B 348 -14.03 -2.12 -30.59
CA THR B 348 -15.23 -2.79 -30.10
C THR B 348 -15.45 -4.17 -30.72
N PRO B 349 -15.28 -4.35 -32.04
CA PRO B 349 -15.62 -5.66 -32.63
C PRO B 349 -14.63 -6.77 -32.35
N VAL B 350 -13.36 -6.44 -32.09
CA VAL B 350 -12.36 -7.49 -31.91
C VAL B 350 -12.70 -8.35 -30.71
N VAL B 351 -13.21 -7.72 -29.64
CA VAL B 351 -13.41 -8.43 -28.38
C VAL B 351 -14.39 -9.59 -28.51
N PRO B 352 -15.60 -9.43 -29.07
CA PRO B 352 -16.50 -10.58 -29.15
C PRO B 352 -15.92 -11.73 -29.95
N VAL B 353 -14.97 -11.47 -30.83
CA VAL B 353 -14.31 -12.55 -31.57
C VAL B 353 -13.27 -13.23 -30.71
N PHE B 354 -12.37 -12.46 -30.11
CA PHE B 354 -11.15 -13.05 -29.58
C PHE B 354 -11.22 -13.32 -28.07
N PHE B 355 -12.18 -12.75 -27.35
CA PHE B 355 -12.22 -13.01 -25.91
C PHE B 355 -12.89 -14.33 -25.57
N PRO B 356 -14.11 -14.64 -26.02
CA PRO B 356 -14.73 -15.90 -25.57
C PRO B 356 -13.97 -17.14 -25.98
N PHE B 357 -13.34 -17.14 -27.17
CA PHE B 357 -12.53 -18.29 -27.56
C PHE B 357 -11.36 -18.47 -26.60
N TRP B 358 -10.71 -17.38 -26.23
CA TRP B 358 -9.63 -17.47 -25.27
C TRP B 358 -10.13 -17.97 -23.93
N PHE B 359 -11.30 -17.52 -23.49
CA PHE B 359 -11.83 -17.99 -22.22
C PHE B 359 -12.14 -19.48 -22.26
N GLY B 360 -12.71 -19.96 -23.38
CA GLY B 360 -12.95 -21.37 -23.52
C GLY B 360 -11.67 -22.19 -23.53
N MET B 361 -10.62 -21.65 -24.12
CA MET B 361 -9.32 -22.31 -24.02
C MET B 361 -8.83 -22.31 -22.58
N ILE B 362 -9.17 -21.28 -21.81
CA ILE B 362 -8.71 -21.22 -20.42
C ILE B 362 -9.41 -22.26 -19.57
N VAL B 363 -10.73 -22.40 -19.70
CA VAL B 363 -11.51 -23.32 -18.88
C VAL B 363 -12.22 -24.31 -19.78
N GLY B 364 -12.10 -25.60 -19.46
CA GLY B 364 -12.68 -26.62 -20.31
C GLY B 364 -13.59 -27.61 -19.58
N ASP B 365 -13.78 -27.43 -18.28
CA ASP B 365 -14.55 -28.39 -17.50
C ASP B 365 -16.02 -28.34 -17.90
N ILE B 366 -16.54 -29.45 -18.42
CA ILE B 366 -17.93 -29.49 -18.86
C ILE B 366 -18.87 -29.25 -17.69
N GLY B 367 -18.58 -29.85 -16.54
CA GLY B 367 -19.41 -29.63 -15.37
C GLY B 367 -19.39 -28.19 -14.89
N TYR B 368 -18.21 -27.59 -14.87
CA TYR B 368 -18.11 -26.19 -14.48
C TYR B 368 -18.89 -25.31 -15.44
N ALA B 369 -18.84 -25.62 -16.74
CA ALA B 369 -19.64 -24.88 -17.71
C ALA B 369 -21.12 -25.06 -17.45
N LEU B 370 -21.56 -26.28 -17.12
CA LEU B 370 -22.97 -26.49 -16.80
C LEU B 370 -23.37 -25.66 -15.59
N LEU B 371 -22.48 -25.57 -14.60
CA LEU B 371 -22.76 -24.73 -13.44
C LEU B 371 -22.90 -23.27 -13.84
N PHE B 372 -22.02 -22.82 -14.74
CA PHE B 372 -22.14 -21.45 -15.24
C PHE B 372 -23.46 -21.25 -15.96
N TYR B 373 -23.91 -22.25 -16.72
CA TYR B 373 -25.19 -22.15 -17.42
C TYR B 373 -26.33 -22.03 -16.42
N LEU B 374 -26.28 -22.80 -15.33
CA LEU B 374 -27.32 -22.68 -14.31
C LEU B 374 -27.32 -21.29 -13.67
N VAL B 375 -26.13 -20.76 -13.37
CA VAL B 375 -26.06 -19.41 -12.79
C VAL B 375 -26.63 -18.39 -13.76
N GLY B 376 -26.31 -18.54 -15.04
CA GLY B 376 -26.89 -17.67 -16.05
C GLY B 376 -28.39 -17.80 -16.13
N ARG B 377 -28.91 -19.01 -15.93
CA ARG B 377 -30.35 -19.20 -15.89
C ARG B 377 -30.96 -18.39 -14.76
N TRP B 378 -30.34 -18.44 -13.58
CA TRP B 378 -30.85 -17.67 -12.45
C TRP B 378 -30.84 -16.18 -12.75
N LEU B 379 -29.71 -15.69 -13.26
CA LEU B 379 -29.59 -14.26 -13.53
C LEU B 379 -30.58 -13.82 -14.59
N SER B 380 -30.76 -14.63 -15.64
CA SER B 380 -31.68 -14.27 -16.71
C SER B 380 -33.12 -14.29 -16.22
N GLY B 381 -33.48 -15.22 -15.34
CA GLY B 381 -34.81 -15.19 -14.76
C GLY B 381 -35.04 -13.95 -13.94
N TYR B 382 -34.04 -13.57 -13.13
CA TYR B 382 -34.17 -12.35 -12.33
C TYR B 382 -34.34 -11.13 -13.23
N VAL B 383 -33.57 -11.05 -14.31
CA VAL B 383 -33.70 -9.94 -15.24
C VAL B 383 -35.06 -9.98 -15.93
N LYS B 384 -35.57 -11.18 -16.20
CA LYS B 384 -36.88 -11.32 -16.82
C LYS B 384 -37.98 -10.78 -15.91
N ARG B 385 -37.85 -11.02 -14.60
CA ARG B 385 -38.80 -10.44 -13.66
C ARG B 385 -38.68 -8.93 -13.58
N ASN B 386 -37.64 -8.34 -14.17
CA ASN B 386 -37.39 -6.90 -14.22
C ASN B 386 -36.97 -6.36 -12.86
N GLU B 387 -36.92 -7.20 -11.85
CA GLU B 387 -36.48 -6.77 -10.53
C GLU B 387 -34.96 -6.61 -10.55
N PRO B 388 -34.44 -5.42 -10.32
CA PRO B 388 -32.98 -5.22 -10.39
C PRO B 388 -32.25 -6.05 -9.34
N LEU B 389 -31.07 -6.55 -9.72
CA LEU B 389 -30.25 -7.35 -8.82
C LEU B 389 -29.57 -6.42 -7.83
N VAL B 390 -30.13 -6.38 -6.63
CA VAL B 390 -29.53 -5.61 -5.55
C VAL B 390 -28.71 -6.53 -4.67
N ILE B 391 -27.39 -6.29 -4.62
CA ILE B 391 -26.51 -7.02 -3.71
C ILE B 391 -25.77 -6.00 -2.86
N ASP B 392 -26.29 -5.73 -1.66
CA ASP B 392 -25.75 -4.65 -0.85
C ASP B 392 -24.35 -4.96 -0.36
N LEU B 393 -24.00 -6.25 -0.28
CA LEU B 393 -22.70 -6.64 0.26
C LEU B 393 -21.56 -6.01 -0.54
N PHE B 394 -21.60 -6.16 -1.86
CA PHE B 394 -20.57 -5.61 -2.73
C PHE B 394 -20.99 -4.30 -3.39
N ALA B 395 -22.11 -3.72 -2.98
CA ALA B 395 -22.66 -2.50 -3.58
C ALA B 395 -22.95 -2.71 -5.06
N LEU B 396 -23.87 -3.63 -5.33
CA LEU B 396 -24.27 -3.97 -6.69
C LEU B 396 -25.68 -3.47 -6.96
N LYS B 397 -25.84 -2.71 -8.04
CA LYS B 397 -27.12 -2.14 -8.44
C LYS B 397 -27.33 -2.47 -9.92
N LEU B 398 -27.18 -3.75 -10.26
CA LEU B 398 -27.29 -4.18 -11.64
C LEU B 398 -28.71 -3.97 -12.17
N LYS B 399 -28.88 -2.95 -13.01
CA LYS B 399 -30.17 -2.72 -13.64
C LYS B 399 -30.46 -3.82 -14.65
N PRO B 400 -31.72 -4.02 -15.01
CA PRO B 400 -32.06 -5.07 -15.98
C PRO B 400 -31.34 -4.95 -17.32
N GLN B 401 -31.04 -3.73 -17.79
CA GLN B 401 -30.30 -3.61 -19.03
C GLN B 401 -28.92 -4.25 -18.92
N VAL B 402 -28.18 -3.90 -17.85
CA VAL B 402 -26.87 -4.49 -17.65
C VAL B 402 -27.00 -5.99 -17.45
N ILE B 403 -28.04 -6.43 -16.76
CA ILE B 403 -28.23 -7.86 -16.56
C ILE B 403 -28.40 -8.58 -17.89
N GLY B 404 -29.19 -8.01 -18.79
CA GLY B 404 -29.37 -8.63 -20.09
C GLY B 404 -28.10 -8.67 -20.91
N LYS B 405 -27.35 -7.57 -20.91
CA LYS B 405 -26.09 -7.56 -21.65
C LYS B 405 -25.12 -8.60 -21.11
N LEU B 406 -25.01 -8.69 -19.78
CA LEU B 406 -24.12 -9.69 -19.19
C LEU B 406 -24.59 -11.10 -19.49
N VAL B 407 -25.91 -11.32 -19.53
CA VAL B 407 -26.42 -12.64 -19.85
C VAL B 407 -26.04 -13.03 -21.26
N HIS B 408 -26.17 -12.11 -22.21
CA HIS B 408 -25.77 -12.41 -23.58
C HIS B 408 -24.28 -12.74 -23.64
N ILE B 409 -23.46 -11.95 -22.94
CA ILE B 409 -22.03 -12.22 -22.94
C ILE B 409 -21.74 -13.61 -22.39
N LEU B 410 -22.41 -13.96 -21.30
CA LEU B 410 -22.15 -15.26 -20.67
C LEU B 410 -22.57 -16.41 -21.57
N ASN B 411 -23.70 -16.27 -22.27
CA ASN B 411 -24.11 -17.34 -23.17
C ASN B 411 -23.10 -17.54 -24.29
N TRP B 412 -22.67 -16.43 -24.91
CA TRP B 412 -21.66 -16.54 -25.96
C TRP B 412 -20.34 -17.08 -25.43
N MET B 413 -20.04 -16.85 -24.15
CA MET B 413 -18.84 -17.44 -23.57
C MET B 413 -19.00 -18.94 -23.35
N VAL B 414 -20.15 -19.34 -22.80
CA VAL B 414 -20.36 -20.74 -22.44
C VAL B 414 -20.34 -21.61 -23.68
N PHE B 415 -20.80 -21.10 -24.82
CA PHE B 415 -20.69 -21.89 -26.04
C PHE B 415 -19.28 -22.40 -26.25
N TRP B 416 -18.32 -21.48 -26.40
CA TRP B 416 -16.94 -21.88 -26.65
C TRP B 416 -16.34 -22.59 -25.45
N THR B 417 -16.71 -22.21 -24.23
CA THR B 417 -16.16 -22.85 -23.05
C THR B 417 -16.63 -24.29 -22.89
N VAL B 418 -17.70 -24.68 -23.58
CA VAL B 418 -18.09 -26.09 -23.62
C VAL B 418 -17.51 -26.78 -24.84
N VAL B 419 -17.42 -26.07 -25.97
CA VAL B 419 -16.89 -26.70 -27.19
C VAL B 419 -15.43 -27.08 -26.98
N TRP B 420 -14.61 -26.13 -26.53
CA TRP B 420 -13.21 -26.45 -26.31
C TRP B 420 -13.02 -27.44 -25.19
N GLY B 421 -13.97 -27.53 -24.26
CA GLY B 421 -13.89 -28.53 -23.22
C GLY B 421 -14.11 -29.93 -23.75
N VAL B 422 -15.16 -30.10 -24.56
CA VAL B 422 -15.42 -31.41 -25.16
C VAL B 422 -14.34 -31.77 -26.17
N ILE B 423 -13.62 -30.78 -26.68
CA ILE B 423 -12.51 -31.04 -27.60
C ILE B 423 -11.28 -31.43 -26.81
N TYR B 424 -11.39 -31.47 -25.47
CA TYR B 424 -10.24 -31.86 -24.66
C TYR B 424 -10.63 -32.77 -23.49
N GLY B 425 -11.80 -33.42 -23.51
CA GLY B 425 -12.24 -34.27 -22.41
C GLY B 425 -12.54 -33.46 -21.14
N GLU B 426 -12.04 -33.91 -19.99
CA GLU B 426 -12.19 -33.24 -18.70
C GLU B 426 -13.64 -32.93 -18.38
N PHE B 427 -14.54 -33.87 -18.66
CA PHE B 427 -15.95 -33.67 -18.37
C PHE B 427 -16.20 -33.69 -16.86
N PHE B 428 -16.97 -32.71 -16.39
CA PHE B 428 -17.36 -32.61 -14.98
C PHE B 428 -16.16 -32.66 -14.06
N GLY B 429 -15.01 -32.20 -14.53
CA GLY B 429 -13.78 -32.41 -13.81
C GLY B 429 -12.97 -33.52 -14.45
N THR B 430 -12.91 -34.68 -13.79
CA THR B 430 -12.21 -35.85 -14.30
C THR B 430 -13.10 -37.08 -14.17
N PHE B 431 -14.35 -36.99 -14.67
CA PHE B 431 -15.32 -38.08 -14.67
C PHE B 431 -14.88 -39.31 -15.48
N LEU B 432 -13.97 -39.17 -16.44
CA LEU B 432 -13.38 -40.30 -17.16
C LEU B 432 -12.58 -41.26 -16.27
N GLU B 433 -12.07 -40.81 -15.12
CA GLU B 433 -11.44 -41.64 -14.10
C GLU B 433 -12.40 -42.55 -13.33
N HIS B 434 -13.71 -42.37 -13.50
CA HIS B 434 -14.76 -43.27 -13.01
C HIS B 434 -15.52 -43.98 -14.15
N LEU B 435 -15.74 -43.30 -15.29
CA LEU B 435 -16.33 -43.88 -16.48
C LEU B 435 -15.87 -43.13 -17.74
N GLY B 436 -14.95 -43.73 -18.50
CA GLY B 436 -14.29 -43.11 -19.66
C GLY B 436 -15.14 -43.06 -20.92
N VAL B 437 -16.18 -42.23 -20.96
CA VAL B 437 -16.88 -41.91 -22.20
C VAL B 437 -15.94 -41.18 -23.17
N PHE B 438 -15.29 -40.11 -22.72
CA PHE B 438 -14.03 -39.68 -23.32
C PHE B 438 -12.90 -40.63 -22.90
N GLY B 439 -12.02 -41.01 -23.83
CA GLY B 439 -10.90 -41.91 -23.56
C GLY B 439 -9.74 -41.77 -24.54
N THR B 440 -8.66 -42.50 -24.27
CA THR B 440 -7.36 -42.37 -24.94
C THR B 440 -6.59 -43.70 -24.93
N PRO B 441 -5.44 -43.83 -25.63
CA PRO B 441 -4.71 -45.08 -25.79
C PRO B 441 -4.29 -45.81 -24.50
N GLU B 442 -4.29 -45.15 -23.34
CA GLU B 442 -4.07 -45.80 -22.04
C GLU B 442 -5.26 -46.63 -21.53
N HIS B 443 -6.48 -46.29 -21.97
CA HIS B 443 -7.73 -46.99 -21.66
C HIS B 443 -8.86 -46.48 -22.57
N PRO B 444 -8.98 -46.98 -23.82
CA PRO B 444 -9.88 -46.40 -24.82
C PRO B 444 -11.36 -46.36 -24.40
N GLY B 445 -12.04 -45.27 -24.77
CA GLY B 445 -13.41 -44.95 -24.36
C GLY B 445 -14.41 -44.95 -25.51
N LEU B 446 -15.57 -44.33 -25.31
CA LEU B 446 -16.57 -44.11 -26.35
C LEU B 446 -16.14 -43.09 -27.43
N ILE B 447 -15.30 -42.11 -27.09
CA ILE B 447 -14.79 -41.11 -28.03
C ILE B 447 -13.37 -40.65 -27.68
N PRO B 448 -12.58 -40.20 -28.68
CA PRO B 448 -11.19 -39.80 -28.47
C PRO B 448 -11.08 -38.45 -27.74
N ILE B 449 -10.38 -38.45 -26.61
CA ILE B 449 -9.94 -37.25 -25.91
C ILE B 449 -8.74 -36.61 -26.62
N LEU B 450 -8.94 -36.13 -27.85
CA LEU B 450 -7.91 -35.56 -28.70
C LEU B 450 -7.17 -34.39 -28.06
N ILE B 451 -5.86 -34.26 -28.29
CA ILE B 451 -4.99 -33.24 -27.70
C ILE B 451 -5.15 -33.22 -26.18
N HIS B 452 -5.04 -34.39 -25.56
CA HIS B 452 -5.17 -34.50 -24.11
C HIS B 452 -4.25 -33.51 -23.41
N ARG B 453 -4.83 -32.72 -22.50
CA ARG B 453 -4.08 -31.69 -21.80
C ARG B 453 -3.49 -32.19 -20.48
N ILE B 454 -4.09 -33.21 -19.87
CA ILE B 454 -3.56 -33.72 -18.61
C ILE B 454 -2.15 -34.25 -18.82
N ASP B 455 -1.92 -34.99 -19.90
CA ASP B 455 -0.59 -35.53 -20.21
C ASP B 455 0.30 -34.37 -20.68
N THR B 456 1.05 -33.83 -19.73
CA THR B 456 1.87 -32.65 -20.00
C THR B 456 2.94 -32.92 -21.04
N ALA B 457 3.62 -34.06 -20.92
CA ALA B 457 4.79 -34.32 -21.75
C ALA B 457 4.47 -34.42 -23.24
N LYS B 458 3.20 -34.62 -23.59
CA LYS B 458 2.86 -34.81 -24.99
C LYS B 458 2.46 -33.49 -25.66
N THR B 459 1.41 -32.86 -25.17
CA THR B 459 0.78 -31.75 -25.89
C THR B 459 1.31 -30.39 -25.48
N ALA B 460 2.27 -30.32 -24.57
CA ALA B 460 2.73 -29.02 -24.08
C ALA B 460 3.31 -28.18 -25.21
N ASN B 461 4.14 -28.79 -26.06
CA ASN B 461 4.74 -28.03 -27.15
C ASN B 461 3.67 -27.49 -28.09
N LEU B 462 2.67 -28.32 -28.42
CA LEU B 462 1.61 -27.87 -29.32
C LEU B 462 0.83 -26.72 -28.71
N LEU B 463 0.42 -26.85 -27.44
CA LEU B 463 -0.37 -25.80 -26.83
C LEU B 463 0.41 -24.50 -26.73
N ILE B 464 1.68 -24.57 -26.33
CA ILE B 464 2.47 -23.34 -26.23
C ILE B 464 2.64 -22.71 -27.60
N LEU B 465 2.87 -23.53 -28.63
CA LEU B 465 3.00 -22.98 -29.97
C LEU B 465 1.72 -22.28 -30.40
N LEU B 466 0.56 -22.89 -30.14
CA LEU B 466 -0.70 -22.26 -30.52
C LEU B 466 -0.90 -20.93 -29.78
N SER B 467 -0.57 -20.90 -28.50
CA SER B 467 -0.75 -19.67 -27.72
C SER B 467 0.11 -18.54 -28.27
N VAL B 468 1.41 -18.81 -28.43
CA VAL B 468 2.29 -17.79 -28.97
C VAL B 468 1.87 -17.38 -30.38
N ALA B 469 1.27 -18.29 -31.13
CA ALA B 469 0.81 -17.97 -32.48
C ALA B 469 -0.35 -16.96 -32.44
N PHE B 470 -1.36 -17.24 -31.62
CA PHE B 470 -2.46 -16.29 -31.49
C PHE B 470 -1.94 -14.93 -31.04
N GLY B 471 -0.98 -14.92 -30.13
CA GLY B 471 -0.40 -13.67 -29.68
C GLY B 471 0.28 -12.90 -30.78
N VAL B 472 1.06 -13.60 -31.61
CA VAL B 472 1.70 -12.95 -32.74
C VAL B 472 0.65 -12.34 -33.66
N VAL B 473 -0.45 -13.07 -33.87
CA VAL B 473 -1.50 -12.55 -34.74
C VAL B 473 -2.06 -11.25 -34.19
N LEU B 474 -2.40 -11.23 -32.90
CA LEU B 474 -3.01 -10.04 -32.33
C LEU B 474 -2.06 -8.85 -32.38
N VAL B 475 -0.80 -9.05 -31.99
CA VAL B 475 0.13 -7.93 -31.96
C VAL B 475 0.39 -7.41 -33.37
N PHE B 476 0.49 -8.31 -34.35
CA PHE B 476 0.70 -7.87 -35.72
C PHE B 476 -0.49 -7.06 -36.22
N PHE B 477 -1.71 -7.51 -35.92
CA PHE B 477 -2.88 -6.74 -36.35
C PHE B 477 -2.89 -5.37 -35.71
N GLY B 478 -2.53 -5.28 -34.43
CA GLY B 478 -2.49 -3.98 -33.76
C GLY B 478 -1.48 -3.04 -34.39
N LEU B 479 -0.27 -3.53 -34.64
CA LEU B 479 0.73 -2.68 -35.27
C LEU B 479 0.28 -2.24 -36.66
N ALA B 480 -0.36 -3.14 -37.41
CA ALA B 480 -0.84 -2.78 -38.74
C ALA B 480 -1.89 -1.68 -38.66
N LEU B 481 -2.85 -1.81 -37.75
CA LEU B 481 -3.88 -0.78 -37.62
C LEU B 481 -3.28 0.55 -37.21
N ARG B 482 -2.28 0.53 -36.34
CA ARG B 482 -1.59 1.77 -36.00
C ARG B 482 -0.96 2.40 -37.23
N ALA B 483 -0.33 1.59 -38.07
CA ALA B 483 0.25 2.11 -39.29
C ALA B 483 -0.81 2.74 -40.18
N TYR B 484 -1.95 2.05 -40.33
CA TYR B 484 -3.00 2.55 -41.21
C TYR B 484 -3.58 3.87 -40.69
N LEU B 485 -3.83 3.97 -39.39
CA LEU B 485 -4.37 5.19 -38.77
C LEU B 485 -3.36 6.34 -38.86
N GLY B 486 -2.06 6.07 -38.72
CA GLY B 486 -1.05 7.08 -38.90
C GLY B 486 -0.91 7.54 -40.33
N LEU B 487 -1.19 6.66 -41.29
CA LEU B 487 -1.22 7.07 -42.69
C LEU B 487 -2.44 7.91 -42.99
N LYS B 488 -3.61 7.49 -42.51
CA LYS B 488 -4.85 8.21 -42.82
C LYS B 488 -4.82 9.61 -42.25
N HIS B 489 -4.45 9.75 -40.98
CA HIS B 489 -4.33 11.07 -40.38
C HIS B 489 -3.11 11.83 -40.87
N ARG B 490 -2.41 11.31 -41.88
CA ARG B 490 -1.22 11.94 -42.44
C ARG B 490 -0.15 12.20 -41.38
N HIS B 491 0.04 11.22 -40.49
CA HIS B 491 1.09 11.27 -39.48
C HIS B 491 2.25 10.43 -39.98
N MET B 492 3.17 11.06 -40.71
CA MET B 492 4.31 10.34 -41.25
C MET B 492 5.20 9.79 -40.14
N ALA B 493 5.37 10.53 -39.05
CA ALA B 493 6.15 10.02 -37.93
C ALA B 493 5.50 8.77 -37.35
N HIS B 494 4.19 8.77 -37.18
CA HIS B 494 3.50 7.60 -36.64
C HIS B 494 3.63 6.41 -37.59
N PHE B 495 3.49 6.65 -38.90
CA PHE B 495 3.65 5.56 -39.84
C PHE B 495 5.05 5.00 -39.81
N TRP B 496 6.06 5.86 -39.72
CA TRP B 496 7.44 5.41 -39.65
C TRP B 496 7.67 4.59 -38.38
N GLU B 497 7.15 5.04 -37.25
CA GLU B 497 7.32 4.31 -36.01
C GLU B 497 6.66 2.93 -36.08
N GLY B 498 5.44 2.88 -36.61
CA GLY B 498 4.76 1.59 -36.73
C GLY B 498 5.48 0.63 -37.64
N VAL B 499 5.90 1.12 -38.81
CA VAL B 499 6.60 0.27 -39.76
C VAL B 499 7.91 -0.24 -39.18
N GLY B 500 8.66 0.65 -38.51
CA GLY B 500 9.89 0.23 -37.89
C GLY B 500 9.66 -0.82 -36.82
N TYR B 501 8.62 -0.65 -36.01
CA TYR B 501 8.34 -1.63 -34.97
C TYR B 501 8.02 -2.99 -35.58
N LEU B 502 7.18 -3.01 -36.63
CA LEU B 502 6.83 -4.28 -37.25
C LEU B 502 8.04 -4.95 -37.87
N GLY B 503 8.89 -4.18 -38.55
CA GLY B 503 10.08 -4.76 -39.15
C GLY B 503 11.05 -5.29 -38.13
N GLY B 504 11.30 -4.52 -37.07
CA GLY B 504 12.20 -5.00 -36.03
C GLY B 504 11.68 -6.25 -35.35
N LEU B 505 10.37 -6.30 -35.09
CA LEU B 505 9.81 -7.50 -34.49
C LEU B 505 9.95 -8.70 -35.41
N VAL B 506 9.76 -8.49 -36.72
CA VAL B 506 9.94 -9.58 -37.67
C VAL B 506 11.38 -10.09 -37.63
N GLY B 507 12.34 -9.16 -37.63
CA GLY B 507 13.73 -9.56 -37.60
C GLY B 507 14.11 -10.33 -36.35
N VAL B 508 13.65 -9.85 -35.19
CA VAL B 508 13.92 -10.56 -33.95
C VAL B 508 13.27 -11.93 -33.97
N LEU B 509 12.03 -12.02 -34.46
CA LEU B 509 11.35 -13.31 -34.51
C LEU B 509 12.08 -14.28 -35.43
N ALA B 510 12.61 -13.80 -36.56
CA ALA B 510 13.33 -14.66 -37.47
C ALA B 510 14.61 -15.18 -36.83
N LEU B 511 15.41 -14.29 -36.26
CA LEU B 511 16.64 -14.74 -35.61
C LEU B 511 16.32 -15.71 -34.49
N ALA B 512 15.23 -15.49 -33.76
CA ALA B 512 14.83 -16.38 -32.68
C ALA B 512 14.47 -17.76 -33.21
N ALA B 513 13.56 -17.82 -34.18
CA ALA B 513 13.15 -19.10 -34.72
C ALA B 513 14.30 -19.84 -35.38
N SER B 514 15.34 -19.13 -35.80
CA SER B 514 16.52 -19.81 -36.33
C SER B 514 17.39 -20.35 -35.21
N TYR B 515 17.89 -19.48 -34.35
CA TYR B 515 18.83 -19.92 -33.32
C TYR B 515 18.14 -20.76 -32.26
N LEU B 516 17.24 -20.16 -31.51
CA LEU B 516 16.63 -20.85 -30.36
C LEU B 516 15.71 -21.99 -30.77
N GLY B 517 15.37 -22.10 -32.05
CA GLY B 517 14.48 -23.16 -32.48
C GLY B 517 15.20 -24.23 -33.26
N ASN B 518 14.63 -24.64 -34.38
CA ASN B 518 15.26 -25.65 -35.23
C ASN B 518 16.37 -25.04 -36.07
N LEU B 519 17.07 -25.89 -36.80
CA LEU B 519 18.18 -25.50 -37.66
C LEU B 519 17.65 -25.21 -39.07
N GLN B 520 18.56 -25.15 -40.05
CA GLN B 520 18.23 -24.92 -41.45
C GLN B 520 17.62 -23.54 -41.67
N ALA B 521 18.41 -22.49 -41.41
CA ALA B 521 17.96 -21.11 -41.50
C ALA B 521 18.12 -20.52 -42.91
N GLY B 522 18.11 -21.36 -43.94
CA GLY B 522 18.35 -20.86 -45.29
C GLY B 522 17.28 -19.89 -45.78
N TRP B 523 16.02 -20.23 -45.55
CA TRP B 523 14.93 -19.36 -45.96
C TRP B 523 14.63 -18.26 -44.95
N LEU B 524 15.34 -18.23 -43.82
CA LEU B 524 15.07 -17.29 -42.74
C LEU B 524 16.15 -16.26 -42.54
N GLN B 525 17.38 -16.51 -43.01
CA GLN B 525 18.45 -15.54 -42.81
C GLN B 525 18.15 -14.23 -43.54
N GLY B 526 17.65 -14.32 -44.77
CA GLY B 526 17.29 -13.12 -45.50
C GLY B 526 16.21 -12.33 -44.79
N LEU B 527 15.21 -13.02 -44.25
CA LEU B 527 14.14 -12.34 -43.52
C LEU B 527 14.68 -11.64 -42.29
N MET B 528 15.58 -12.30 -41.54
CA MET B 528 16.12 -11.69 -40.33
C MET B 528 16.93 -10.45 -40.65
N TYR B 529 17.81 -10.54 -41.64
CA TYR B 529 18.60 -9.38 -42.04
C TYR B 529 17.69 -8.26 -42.54
N LEU B 530 16.65 -8.61 -43.30
CA LEU B 530 15.74 -7.60 -43.81
C LEU B 530 15.01 -6.90 -42.68
N GLY B 531 14.57 -7.65 -41.67
CA GLY B 531 13.86 -7.05 -40.57
C GLY B 531 14.73 -6.10 -39.77
N PHE B 532 15.97 -6.52 -39.47
CA PHE B 532 16.86 -5.63 -38.76
C PHE B 532 17.15 -4.37 -39.58
N GLY B 533 17.38 -4.54 -40.88
CA GLY B 533 17.64 -3.38 -41.72
C GLY B 533 16.46 -2.44 -41.78
N VAL B 534 15.25 -2.99 -41.88
CA VAL B 534 14.05 -2.15 -41.91
C VAL B 534 13.91 -1.37 -40.62
N PHE B 535 14.13 -2.04 -39.49
CA PHE B 535 14.06 -1.35 -38.21
C PHE B 535 15.04 -0.18 -38.17
N LEU B 536 16.29 -0.44 -38.54
CA LEU B 536 17.30 0.62 -38.49
C LEU B 536 16.95 1.77 -39.44
N LEU B 537 16.50 1.43 -40.64
CA LEU B 537 16.17 2.45 -41.63
C LEU B 537 15.02 3.32 -41.13
N ALA B 538 13.99 2.70 -40.57
CA ALA B 538 12.86 3.48 -40.08
C ALA B 538 13.25 4.36 -38.91
N VAL B 539 14.06 3.84 -37.98
CA VAL B 539 14.49 4.65 -36.86
C VAL B 539 15.28 5.86 -37.35
N LEU B 540 16.20 5.64 -38.30
CA LEU B 540 16.99 6.75 -38.82
C LEU B 540 16.12 7.75 -39.56
N MET B 541 15.18 7.27 -40.37
CA MET B 541 14.38 8.16 -41.21
C MET B 541 13.23 8.81 -40.46
N SER B 542 12.95 8.38 -39.23
CA SER B 542 11.98 9.05 -38.39
C SER B 542 12.62 9.87 -37.28
N ARG B 543 13.91 9.66 -36.99
CA ARG B 543 14.69 10.44 -36.05
C ARG B 543 14.09 10.49 -34.66
N ILE B 544 13.10 9.65 -34.37
CA ILE B 544 12.43 9.71 -33.07
C ILE B 544 13.25 9.10 -31.96
N TRP B 545 14.40 8.50 -32.27
CA TRP B 545 15.20 7.79 -31.27
C TRP B 545 14.34 6.79 -30.52
N LEU B 546 13.47 6.11 -31.25
CA LEU B 546 12.57 5.12 -30.67
C LEU B 546 13.37 4.03 -29.98
N MET B 547 13.00 3.70 -28.75
CA MET B 547 13.78 2.75 -27.98
C MET B 547 13.71 1.37 -28.60
N ILE B 548 14.87 0.86 -28.99
CA ILE B 548 15.02 -0.58 -29.20
C ILE B 548 14.58 -1.26 -27.91
N PRO B 549 14.79 -0.66 -26.72
CA PRO B 549 14.07 -1.17 -25.54
C PRO B 549 12.56 -1.22 -25.72
N GLU B 550 11.96 -0.23 -26.37
CA GLU B 550 10.53 -0.31 -26.61
C GLU B 550 10.20 -1.44 -27.57
N ILE B 551 11.08 -1.71 -28.53
CA ILE B 551 10.91 -2.87 -29.39
C ILE B 551 10.93 -4.15 -28.56
N PHE B 552 11.83 -4.22 -27.58
CA PHE B 552 11.90 -5.37 -26.69
C PHE B 552 10.62 -5.49 -25.87
N THR B 553 10.08 -4.37 -25.41
CA THR B 553 8.83 -4.40 -24.66
C THR B 553 7.69 -4.91 -25.52
N GLN B 554 7.65 -4.49 -26.78
CA GLN B 554 6.67 -5.04 -27.71
C GLN B 554 6.87 -6.54 -27.89
N ALA B 555 8.13 -6.98 -27.94
CA ALA B 555 8.41 -8.41 -28.04
C ALA B 555 7.86 -9.15 -26.82
N GLY B 556 8.03 -8.59 -25.64
CA GLY B 556 7.46 -9.19 -24.45
C GLY B 556 5.94 -9.24 -24.52
N HIS B 557 5.33 -8.16 -24.97
CA HIS B 557 3.88 -8.16 -25.15
C HIS B 557 3.45 -9.25 -26.12
N ILE B 558 4.28 -9.55 -27.11
CA ILE B 558 3.99 -10.67 -28.00
C ILE B 558 4.08 -11.98 -27.23
N LEU B 559 5.16 -12.16 -26.48
CA LEU B 559 5.40 -13.45 -25.83
C LEU B 559 4.43 -13.73 -24.69
N SER B 560 3.77 -12.70 -24.17
CA SER B 560 2.96 -12.88 -22.97
C SER B 560 1.74 -13.76 -23.19
N HIS B 561 1.42 -14.11 -24.43
CA HIS B 561 0.21 -14.85 -24.71
C HIS B 561 0.24 -16.27 -24.16
N ILE B 562 1.41 -16.76 -23.73
CA ILE B 562 1.51 -18.11 -23.18
C ILE B 562 0.68 -18.25 -21.91
N ARG B 563 0.22 -17.12 -21.34
CA ARG B 563 -0.55 -17.16 -20.10
C ARG B 563 -1.84 -17.96 -20.28
N ILE B 564 -2.42 -17.94 -21.48
CA ILE B 564 -3.63 -18.72 -21.72
C ILE B 564 -3.35 -20.20 -21.48
N TYR B 565 -2.28 -20.70 -22.10
CA TYR B 565 -1.92 -22.10 -21.93
C TYR B 565 -1.62 -22.39 -20.47
N ALA B 566 -0.88 -21.50 -19.82
CA ALA B 566 -0.48 -21.74 -18.43
C ALA B 566 -1.71 -21.86 -17.53
N VAL B 567 -2.61 -20.88 -17.59
CA VAL B 567 -3.76 -20.90 -16.71
C VAL B 567 -4.65 -22.10 -17.00
N GLY B 568 -4.86 -22.40 -18.28
CA GLY B 568 -5.68 -23.54 -18.63
C GLY B 568 -5.11 -24.84 -18.09
N ALA B 569 -3.81 -25.03 -18.26
CA ALA B 569 -3.18 -26.26 -17.79
C ALA B 569 -3.29 -26.37 -16.28
N ALA B 570 -3.04 -25.28 -15.57
CA ALA B 570 -3.12 -25.34 -14.11
C ALA B 570 -4.52 -25.71 -13.66
N GLY B 571 -5.54 -25.04 -14.22
CA GLY B 571 -6.90 -25.34 -13.83
C GLY B 571 -7.28 -26.78 -14.12
N GLY B 572 -6.94 -27.25 -15.32
CA GLY B 572 -7.27 -28.61 -15.68
C GLY B 572 -6.60 -29.64 -14.79
N ILE B 573 -5.31 -29.44 -14.53
CA ILE B 573 -4.56 -30.38 -13.71
C ILE B 573 -5.14 -30.42 -12.30
N LEU B 574 -5.43 -29.25 -11.72
CA LEU B 574 -5.95 -29.22 -10.36
C LEU B 574 -7.32 -29.88 -10.28
N ALA B 575 -8.21 -29.58 -11.22
CA ALA B 575 -9.53 -30.20 -11.20
C ALA B 575 -9.43 -31.70 -11.36
N GLY B 576 -8.58 -32.16 -12.27
CA GLY B 576 -8.42 -33.59 -12.47
C GLY B 576 -7.88 -34.29 -11.24
N LEU B 577 -6.88 -33.69 -10.59
CA LEU B 577 -6.34 -34.29 -9.38
C LEU B 577 -7.40 -34.37 -8.29
N LEU B 578 -8.17 -33.29 -8.11
CA LEU B 578 -9.20 -33.31 -7.08
C LEU B 578 -10.24 -34.38 -7.36
N THR B 579 -10.69 -34.48 -8.62
CA THR B 579 -11.68 -35.48 -8.95
C THR B 579 -11.14 -36.89 -8.76
N ASP B 580 -9.87 -37.10 -9.12
CA ASP B 580 -9.28 -38.43 -8.94
C ASP B 580 -9.23 -38.80 -7.46
N VAL B 581 -8.83 -37.84 -6.61
CA VAL B 581 -8.77 -38.11 -5.18
C VAL B 581 -10.16 -38.43 -4.63
N GLY B 582 -11.17 -37.68 -5.08
CA GLY B 582 -12.52 -37.94 -4.61
C GLY B 582 -13.02 -39.31 -5.03
N PHE B 583 -12.81 -39.67 -6.30
CA PHE B 583 -13.24 -40.98 -6.77
C PHE B 583 -12.54 -42.10 -6.00
N ALA B 584 -11.23 -41.93 -5.77
CA ALA B 584 -10.50 -42.93 -5.01
C ALA B 584 -11.09 -43.08 -3.61
N LEU B 585 -11.25 -41.97 -2.90
CA LEU B 585 -11.74 -42.03 -1.52
C LEU B 585 -13.13 -42.65 -1.46
N ALA B 586 -13.99 -42.34 -2.42
CA ALA B 586 -15.38 -42.80 -2.37
C ALA B 586 -15.49 -44.27 -2.76
N GLU B 587 -15.06 -44.62 -3.97
CA GLU B 587 -15.26 -45.99 -4.44
C GLU B 587 -14.10 -46.90 -4.07
N ARG B 588 -12.86 -46.46 -4.33
CA ARG B 588 -11.71 -47.31 -4.08
C ARG B 588 -11.52 -47.58 -2.60
N LEU B 589 -11.98 -46.68 -1.74
CA LEU B 589 -11.83 -46.81 -0.30
C LEU B 589 -13.23 -46.90 0.30
N GLY B 590 -13.42 -47.87 1.20
CA GLY B 590 -14.64 -48.01 1.98
C GLY B 590 -15.84 -48.46 1.20
N LEU B 591 -16.15 -47.77 0.10
CA LEU B 591 -17.23 -48.11 -0.82
C LEU B 591 -18.60 -48.11 -0.17
N LEU B 592 -18.72 -47.66 1.08
CA LEU B 592 -20.00 -47.39 1.71
C LEU B 592 -20.22 -45.93 2.04
N GLY B 593 -19.16 -45.16 2.23
CA GLY B 593 -19.25 -43.72 2.33
C GLY B 593 -19.04 -43.09 0.97
N VAL B 594 -19.61 -43.71 -0.08
CA VAL B 594 -19.58 -43.12 -1.40
C VAL B 594 -20.23 -41.76 -1.38
N LEU B 595 -21.29 -41.62 -0.56
CA LEU B 595 -21.91 -40.32 -0.38
C LEU B 595 -20.91 -39.31 0.19
N LEU B 596 -20.14 -39.73 1.20
CA LEU B 596 -19.16 -38.83 1.79
C LEU B 596 -18.09 -38.44 0.77
N GLY B 597 -17.61 -39.39 -0.02
CA GLY B 597 -16.61 -39.08 -1.03
C GLY B 597 -17.12 -38.14 -2.10
N LEU B 598 -18.34 -38.38 -2.59
CA LEU B 598 -18.93 -37.48 -3.58
C LEU B 598 -19.14 -36.09 -3.00
N LEU B 599 -19.60 -36.01 -1.75
CA LEU B 599 -19.78 -34.71 -1.13
C LEU B 599 -18.46 -33.97 -0.97
N VAL B 600 -17.40 -34.67 -0.56
CA VAL B 600 -16.10 -34.03 -0.39
C VAL B 600 -15.59 -33.54 -1.74
N ALA B 601 -15.70 -34.37 -2.78
CA ALA B 601 -15.25 -33.96 -4.11
C ALA B 601 -16.03 -32.73 -4.59
N GLY B 602 -17.35 -32.75 -4.38
CA GLY B 602 -18.16 -31.61 -4.80
C GLY B 602 -17.78 -30.34 -4.06
N VAL B 603 -17.57 -30.44 -2.76
CA VAL B 603 -17.21 -29.27 -1.97
C VAL B 603 -15.87 -28.71 -2.43
N LEU B 604 -14.89 -29.60 -2.64
CA LEU B 604 -13.57 -29.14 -3.07
C LEU B 604 -13.64 -28.47 -4.44
N HIS B 605 -14.36 -29.10 -5.38
CA HIS B 605 -14.48 -28.51 -6.71
C HIS B 605 -15.19 -27.17 -6.65
N LEU B 606 -16.24 -27.06 -5.83
CA LEU B 606 -16.96 -25.80 -5.72
C LEU B 606 -16.08 -24.71 -5.15
N LEU B 607 -15.31 -25.03 -4.11
CA LEU B 607 -14.43 -24.03 -3.52
C LEU B 607 -13.37 -23.58 -4.53
N ILE B 608 -12.79 -24.53 -5.26
CA ILE B 608 -11.78 -24.16 -6.25
C ILE B 608 -12.40 -23.27 -7.32
N LEU B 609 -13.60 -23.62 -7.78
CA LEU B 609 -14.27 -22.82 -8.80
C LEU B 609 -14.52 -21.41 -8.29
N LEU B 610 -15.03 -21.30 -7.06
CA LEU B 610 -15.35 -19.99 -6.51
C LEU B 610 -14.10 -19.13 -6.36
N LEU B 611 -12.98 -19.74 -5.96
CA LEU B 611 -11.78 -18.97 -5.72
C LEU B 611 -10.95 -18.72 -6.98
N THR B 612 -11.22 -19.43 -8.08
CA THR B 612 -10.42 -19.29 -9.28
C THR B 612 -11.15 -18.70 -10.48
N THR B 613 -12.48 -18.68 -10.47
CA THR B 613 -13.21 -18.20 -11.65
C THR B 613 -12.93 -16.73 -11.91
N LEU B 614 -12.68 -15.94 -10.87
CA LEU B 614 -12.42 -14.52 -11.07
C LEU B 614 -11.17 -14.32 -11.91
N GLY B 615 -10.05 -14.93 -11.51
CA GLY B 615 -8.84 -14.83 -12.29
C GLY B 615 -8.99 -15.46 -13.66
N HIS B 616 -9.73 -16.57 -13.75
CA HIS B 616 -9.94 -17.21 -15.05
C HIS B 616 -10.63 -16.27 -16.01
N MET B 617 -11.62 -15.52 -15.53
CA MET B 617 -12.31 -14.57 -16.39
C MET B 617 -11.46 -13.33 -16.65
N LEU B 618 -10.62 -12.94 -15.69
CA LEU B 618 -9.90 -11.69 -15.82
C LEU B 618 -8.74 -11.81 -16.79
N GLN B 619 -8.08 -12.96 -16.85
CA GLN B 619 -6.85 -13.05 -17.64
C GLN B 619 -7.06 -12.76 -19.11
N PRO B 620 -8.06 -13.31 -19.80
CA PRO B 620 -8.22 -13.00 -21.24
C PRO B 620 -8.39 -11.51 -21.51
N ILE B 621 -9.29 -10.87 -20.77
CA ILE B 621 -9.53 -9.45 -20.96
C ILE B 621 -8.28 -8.65 -20.62
N ARG B 622 -7.52 -9.10 -19.63
CA ARG B 622 -6.26 -8.43 -19.32
C ARG B 622 -5.34 -8.45 -20.53
N LEU B 623 -5.19 -9.62 -21.15
CA LEU B 623 -4.35 -9.70 -22.35
C LEU B 623 -4.84 -8.75 -23.43
N LEU B 624 -6.14 -8.80 -23.72
CA LEU B 624 -6.69 -7.94 -24.76
C LEU B 624 -6.41 -6.47 -24.47
N TRP B 625 -6.95 -5.97 -23.35
CA TRP B 625 -6.90 -4.55 -23.02
C TRP B 625 -5.52 -4.06 -22.64
N VAL B 626 -4.53 -4.94 -22.47
CA VAL B 626 -3.19 -4.50 -22.14
C VAL B 626 -2.30 -4.51 -23.36
N GLU B 627 -2.52 -5.45 -24.28
CA GLU B 627 -1.66 -5.58 -25.45
C GLU B 627 -2.27 -4.95 -26.69
N PHE B 628 -3.45 -5.42 -27.12
CA PHE B 628 -3.97 -4.97 -28.40
C PHE B 628 -4.33 -3.50 -28.36
N PHE B 629 -5.10 -3.10 -27.35
CA PHE B 629 -5.56 -1.71 -27.26
C PHE B 629 -4.39 -0.76 -27.06
N THR B 630 -3.38 -1.17 -26.28
CA THR B 630 -2.20 -0.34 -26.14
C THR B 630 -1.49 -0.17 -27.47
N LYS B 631 -1.39 -1.24 -28.25
CA LYS B 631 -0.72 -1.14 -29.55
C LYS B 631 -1.45 -0.20 -30.49
N PHE B 632 -2.79 -0.31 -30.54
CA PHE B 632 -3.58 0.38 -31.55
C PHE B 632 -3.87 1.82 -31.18
N GLY B 633 -3.08 2.41 -30.29
CA GLY B 633 -3.37 3.74 -29.78
C GLY B 633 -4.27 3.71 -28.55
N PHE B 634 -5.50 4.20 -28.67
CA PHE B 634 -6.67 3.81 -27.86
C PHE B 634 -6.56 3.92 -26.34
N TYR B 635 -5.54 4.61 -25.86
CA TYR B 635 -5.25 4.95 -24.46
C TYR B 635 -4.51 6.29 -24.40
N GLU B 636 -4.91 7.19 -25.31
CA GLU B 636 -4.43 8.55 -25.51
C GLU B 636 -5.54 9.41 -26.18
N GLU B 637 -5.39 10.74 -26.20
CA GLU B 637 -6.31 11.71 -26.82
C GLU B 637 -7.74 11.84 -26.25
N ASN B 638 -8.26 10.84 -25.53
CA ASN B 638 -9.44 10.88 -24.66
C ASN B 638 -10.84 11.17 -25.26
N GLY B 639 -10.97 11.77 -26.45
CA GLY B 639 -12.26 11.99 -27.12
C GLY B 639 -13.17 13.04 -26.47
N ARG B 640 -14.45 13.04 -26.85
CA ARG B 640 -15.50 13.94 -26.32
C ARG B 640 -16.87 13.24 -26.36
N PRO B 641 -17.54 13.00 -25.22
CA PRO B 641 -18.78 12.21 -25.19
C PRO B 641 -19.94 12.85 -25.95
N TYR B 642 -20.80 12.07 -26.60
CA TYR B 642 -21.93 12.59 -27.36
C TYR B 642 -23.16 12.72 -26.48
N ARG B 643 -23.24 13.84 -25.77
CA ARG B 643 -24.40 14.13 -24.96
C ARG B 643 -25.52 14.67 -25.83
N PRO B 644 -26.67 14.00 -25.89
CA PRO B 644 -27.80 14.55 -26.63
C PRO B 644 -28.48 15.67 -25.86
N PHE B 645 -29.47 16.29 -26.50
CA PHE B 645 -30.21 17.36 -25.85
C PHE B 645 -31.48 16.82 -25.22
N LYS B 646 -31.48 16.73 -23.90
CA LYS B 646 -32.68 16.61 -23.08
C LYS B 646 -33.44 15.32 -23.43
N SER B 647 -34.77 15.42 -23.40
CA SER B 647 -35.67 14.28 -23.57
C SER B 647 -35.55 13.30 -22.41
N VAL B 648 -35.59 13.82 -21.18
CA VAL B 648 -35.58 12.95 -20.03
C VAL B 648 -36.90 12.17 -19.97
N ARG B 649 -36.91 11.12 -19.15
CA ARG B 649 -38.09 10.28 -18.93
C ARG B 649 -38.67 9.73 -20.23
N GLY C 27 43.15 -31.61 6.11
CA GLY C 27 43.71 -31.41 4.80
C GLY C 27 42.67 -31.46 3.69
N GLY C 28 42.83 -30.59 2.70
CA GLY C 28 41.85 -30.50 1.64
C GLY C 28 40.53 -29.96 2.11
N LEU C 29 39.54 -30.84 2.23
CA LEU C 29 38.21 -30.43 2.67
C LEU C 29 38.24 -29.85 4.07
N ASP C 30 39.04 -30.41 4.98
CA ASP C 30 39.11 -29.87 6.34
C ASP C 30 39.57 -28.42 6.32
N ARG C 31 40.69 -28.14 5.65
CA ARG C 31 41.21 -26.78 5.60
C ARG C 31 40.24 -25.85 4.89
N GLY C 32 39.66 -26.29 3.77
CA GLY C 32 38.78 -25.44 3.02
C GLY C 32 37.53 -25.06 3.79
N LEU C 33 36.89 -26.05 4.42
CA LEU C 33 35.69 -25.77 5.19
C LEU C 33 36.00 -24.93 6.42
N ILE C 34 37.14 -25.14 7.07
CA ILE C 34 37.51 -24.27 8.18
C ILE C 34 37.64 -22.83 7.71
N ALA C 35 38.28 -22.62 6.57
CA ALA C 35 38.44 -21.27 6.04
C ALA C 35 37.09 -20.63 5.70
N VAL C 36 36.19 -21.40 5.08
CA VAL C 36 34.88 -20.86 4.76
C VAL C 36 34.14 -20.47 6.03
N GLY C 37 34.20 -21.31 7.06
CA GLY C 37 33.57 -20.96 8.32
C GLY C 37 34.11 -19.67 8.89
N MET C 38 35.43 -19.51 8.88
CA MET C 38 36.03 -18.30 9.42
C MET C 38 35.56 -17.07 8.66
N GLY C 39 35.59 -17.15 7.33
CA GLY C 39 35.18 -16.01 6.52
C GLY C 39 33.74 -15.63 6.74
N LEU C 40 32.84 -16.62 6.82
CA LEU C 40 31.44 -16.32 7.06
C LEU C 40 31.24 -15.68 8.42
N ALA C 41 31.92 -16.18 9.46
CA ALA C 41 31.76 -15.61 10.79
C ALA C 41 32.16 -14.14 10.79
N VAL C 42 33.35 -13.82 10.26
CA VAL C 42 33.79 -12.43 10.26
C VAL C 42 32.86 -11.57 9.43
N GLY C 43 32.44 -12.06 8.25
CA GLY C 43 31.60 -11.25 7.40
C GLY C 43 30.26 -10.91 8.03
N LEU C 44 29.60 -11.90 8.62
CA LEU C 44 28.29 -11.64 9.22
C LEU C 44 28.42 -10.70 10.43
N ALA C 45 29.47 -10.87 11.24
CA ALA C 45 29.65 -9.94 12.35
C ALA C 45 29.84 -8.51 11.85
N ALA C 46 30.64 -8.33 10.80
CA ALA C 46 30.82 -7.00 10.26
C ALA C 46 29.52 -6.43 9.70
N LEU C 47 28.68 -7.28 9.10
CA LEU C 47 27.40 -6.79 8.63
C LEU C 47 26.55 -6.28 9.78
N GLY C 48 26.54 -6.99 10.91
CA GLY C 48 25.81 -6.51 12.06
C GLY C 48 26.32 -5.16 12.53
N THR C 49 27.64 -5.01 12.62
CA THR C 49 28.20 -3.74 13.07
C THR C 49 27.81 -2.61 12.15
N GLY C 50 27.88 -2.84 10.84
CA GLY C 50 27.51 -1.79 9.89
C GLY C 50 26.04 -1.41 9.99
N VAL C 51 25.16 -2.40 10.15
CA VAL C 51 23.74 -2.13 10.25
C VAL C 51 23.46 -1.23 11.45
N ALA C 52 24.09 -1.52 12.60
CA ALA C 52 23.87 -0.66 13.77
C ALA C 52 24.44 0.74 13.54
N GLN C 53 25.69 0.81 13.09
CA GLN C 53 26.35 2.10 12.91
C GLN C 53 25.61 2.99 11.94
N ALA C 54 24.84 2.42 11.01
CA ALA C 54 24.09 3.27 10.07
C ALA C 54 23.18 4.26 10.78
N ARG C 55 22.16 3.74 11.46
CA ARG C 55 21.21 4.60 12.14
C ARG C 55 21.88 5.39 13.26
N ILE C 56 22.80 4.76 14.00
CA ILE C 56 23.42 5.52 15.09
C ILE C 56 24.15 6.74 14.55
N GLY C 57 24.92 6.58 13.48
CA GLY C 57 25.64 7.70 12.90
C GLY C 57 24.73 8.72 12.25
N ALA C 58 23.60 8.29 11.72
CA ALA C 58 22.64 9.26 11.19
C ALA C 58 22.15 10.19 12.29
N ALA C 59 21.69 9.61 13.39
CA ALA C 59 21.21 10.44 14.50
C ALA C 59 22.33 11.33 15.02
N GLY C 60 23.54 10.79 15.13
CA GLY C 60 24.65 11.60 15.59
C GLY C 60 24.97 12.77 14.68
N VAL C 61 24.92 12.55 13.37
CA VAL C 61 25.16 13.64 12.44
C VAL C 61 24.09 14.70 12.60
N GLY C 62 22.87 14.29 12.87
CA GLY C 62 21.82 15.27 13.12
C GLY C 62 22.07 16.09 14.37
N ALA C 63 22.42 15.42 15.46
CA ALA C 63 22.62 16.11 16.73
C ALA C 63 23.81 17.07 16.64
N ILE C 64 24.92 16.63 16.06
CA ILE C 64 26.10 17.49 15.99
C ILE C 64 25.86 18.68 15.08
N ALA C 65 24.93 18.57 14.15
CA ALA C 65 24.53 19.71 13.34
C ALA C 65 23.63 20.66 14.12
N GLU C 66 22.73 20.12 14.95
CA GLU C 66 21.89 20.98 15.78
C GLU C 66 22.69 21.75 16.81
N ASP C 67 23.63 21.08 17.49
CA ASP C 67 24.38 21.71 18.58
C ASP C 67 25.78 21.13 18.61
N ARG C 68 26.79 21.99 18.50
CA ARG C 68 28.17 21.54 18.40
C ARG C 68 28.64 20.81 19.66
N SER C 69 27.90 20.93 20.75
CA SER C 69 28.27 20.25 21.98
C SER C 69 27.93 18.77 21.98
N ASN C 70 27.27 18.28 20.94
CA ASN C 70 26.96 16.85 20.86
C ASN C 70 28.05 16.04 20.16
N PHE C 71 29.16 16.68 19.79
CA PHE C 71 30.24 15.96 19.12
C PHE C 71 30.77 14.81 19.94
N GLY C 72 30.94 15.02 21.25
CA GLY C 72 31.43 13.95 22.10
C GLY C 72 30.44 12.82 22.23
N THR C 73 29.18 13.15 22.56
CA THR C 73 28.19 12.11 22.82
C THR C 73 27.89 11.29 21.57
N ALA C 74 27.81 11.94 20.41
CA ALA C 74 27.51 11.21 19.18
C ALA C 74 28.63 10.23 18.83
N LEU C 75 29.88 10.68 18.92
CA LEU C 75 31.00 9.79 18.62
C LEU C 75 31.07 8.64 19.62
N ILE C 76 30.83 8.93 20.90
CA ILE C 76 30.85 7.87 21.90
C ILE C 76 29.73 6.86 21.68
N PHE C 77 28.56 7.30 21.21
CA PHE C 77 27.50 6.35 20.95
C PHE C 77 27.74 5.56 19.67
N LEU C 78 28.34 6.18 18.66
CA LEU C 78 28.53 5.50 17.38
C LEU C 78 29.68 4.49 17.42
N LEU C 79 30.76 4.80 18.14
CA LEU C 79 31.89 3.87 18.16
C LEU C 79 31.60 2.67 19.05
N LEU C 80 30.53 2.72 19.85
CA LEU C 80 30.25 1.62 20.76
C LEU C 80 29.93 0.30 20.07
N PRO C 81 29.12 0.22 19.01
CA PRO C 81 28.79 -1.09 18.43
C PRO C 81 29.94 -1.78 17.70
N GLU C 82 31.18 -1.28 17.79
CA GLU C 82 32.30 -2.00 17.20
C GLU C 82 32.62 -3.29 17.95
N THR C 83 32.01 -3.50 19.12
CA THR C 83 32.21 -4.73 19.87
C THR C 83 31.82 -5.96 19.05
N LEU C 84 30.81 -5.84 18.19
CA LEU C 84 30.44 -6.95 17.33
C LEU C 84 31.59 -7.32 16.40
N VAL C 85 32.22 -6.33 15.78
CA VAL C 85 33.36 -6.59 14.91
C VAL C 85 34.52 -7.20 15.71
N ILE C 86 34.76 -6.68 16.91
CA ILE C 86 35.84 -7.21 17.72
C ILE C 86 35.62 -8.68 18.02
N PHE C 87 34.41 -9.04 18.45
CA PHE C 87 34.14 -10.44 18.78
C PHE C 87 34.23 -11.33 17.55
N GLY C 88 33.69 -10.88 16.42
CA GLY C 88 33.77 -11.68 15.21
C GLY C 88 35.21 -11.92 14.77
N LEU C 89 36.02 -10.86 14.74
CA LEU C 89 37.43 -11.04 14.39
C LEU C 89 38.18 -11.88 15.40
N LEU C 90 37.78 -11.85 16.67
CA LEU C 90 38.41 -12.72 17.65
C LEU C 90 38.14 -14.19 17.36
N ILE C 91 36.87 -14.53 17.08
CA ILE C 91 36.58 -15.91 16.74
C ILE C 91 37.30 -16.29 15.44
N ALA C 92 37.39 -15.35 14.50
CA ALA C 92 38.09 -15.64 13.25
C ALA C 92 39.58 -15.92 13.50
N PHE C 93 40.21 -15.13 14.36
CA PHE C 93 41.62 -15.35 14.65
C PHE C 93 41.84 -16.68 15.38
N ILE C 94 40.94 -17.02 16.30
CA ILE C 94 41.06 -18.31 16.99
C ILE C 94 40.94 -19.47 16.00
N LEU C 95 39.97 -19.39 15.10
CA LEU C 95 39.82 -20.44 14.10
C LEU C 95 41.01 -20.50 13.16
N ASN C 96 41.53 -19.34 12.74
CA ASN C 96 42.71 -19.32 11.88
C ASN C 96 43.92 -19.93 12.57
N GLY C 97 44.08 -19.67 13.85
CA GLY C 97 45.13 -20.34 14.60
C GLY C 97 44.92 -21.85 14.67
N ARG C 98 43.65 -22.27 14.83
CA ARG C 98 43.36 -23.69 14.85
C ARG C 98 43.75 -24.36 13.53
N LEU C 99 43.42 -23.72 12.42
CA LEU C 99 43.77 -24.29 11.11
C LEU C 99 45.23 -24.03 10.78
N GLY D 27 39.98 -34.17 13.31
CA GLY D 27 39.56 -34.90 12.12
C GLY D 27 39.56 -34.05 10.87
N GLY D 28 39.18 -34.65 9.74
CA GLY D 28 39.16 -33.95 8.48
C GLY D 28 37.76 -33.68 7.97
N LEU D 29 36.84 -34.61 8.23
CA LEU D 29 35.47 -34.50 7.74
C LEU D 29 34.56 -33.76 8.70
N ASP D 30 34.61 -34.09 9.99
CA ASP D 30 33.78 -33.40 10.96
C ASP D 30 34.29 -32.02 11.30
N ARG D 31 35.61 -31.80 11.19
CA ARG D 31 36.19 -30.54 11.64
C ARG D 31 35.64 -29.36 10.84
N GLY D 32 35.60 -29.50 9.51
CA GLY D 32 35.14 -28.40 8.68
C GLY D 32 33.67 -28.07 8.92
N LEU D 33 32.82 -29.09 9.03
CA LEU D 33 31.42 -28.84 9.30
C LEU D 33 31.22 -28.24 10.68
N ILE D 34 32.04 -28.62 11.66
CA ILE D 34 31.97 -27.99 12.98
C ILE D 34 32.33 -26.52 12.87
N ALA D 35 33.37 -26.20 12.11
CA ALA D 35 33.75 -24.80 11.92
C ALA D 35 32.64 -24.02 11.23
N VAL D 36 31.98 -24.63 10.25
CA VAL D 36 30.87 -23.97 9.57
C VAL D 36 29.74 -23.70 10.55
N GLY D 37 29.39 -24.68 11.38
CA GLY D 37 28.35 -24.46 12.37
C GLY D 37 28.69 -23.34 13.33
N MET D 38 29.94 -23.30 13.80
CA MET D 38 30.35 -22.26 14.72
C MET D 38 30.28 -20.88 14.07
N GLY D 39 30.80 -20.76 12.84
CA GLY D 39 30.74 -19.48 12.15
C GLY D 39 29.32 -19.02 11.94
N LEU D 40 28.42 -19.95 11.56
CA LEU D 40 27.02 -19.58 11.37
C LEU D 40 26.41 -19.08 12.67
N ALA D 41 26.65 -19.77 13.78
CA ALA D 41 26.07 -19.34 15.05
C ALA D 41 26.56 -17.94 15.42
N VAL D 42 27.87 -17.72 15.36
CA VAL D 42 28.42 -16.41 15.74
C VAL D 42 27.87 -15.32 14.84
N GLY D 43 27.83 -15.57 13.53
CA GLY D 43 27.38 -14.54 12.62
C GLY D 43 25.92 -14.17 12.83
N LEU D 44 25.06 -15.18 12.98
CA LEU D 44 23.65 -14.88 13.16
C LEU D 44 23.40 -14.14 14.47
N ALA D 45 24.08 -14.49 15.56
CA ALA D 45 23.92 -13.78 16.82
C ALA D 45 24.44 -12.34 16.70
N ALA D 46 25.53 -12.09 15.99
CA ALA D 46 25.98 -10.72 15.79
C ALA D 46 24.98 -9.91 14.97
N LEU D 47 24.38 -10.53 13.95
CA LEU D 47 23.36 -9.83 13.19
C LEU D 47 22.16 -9.47 14.06
N GLY D 48 21.72 -10.39 14.90
CA GLY D 48 20.59 -10.07 15.78
C GLY D 48 20.89 -8.91 16.72
N THR D 49 22.08 -8.91 17.32
CA THR D 49 22.50 -7.84 18.21
C THR D 49 22.60 -6.52 17.45
N GLY D 50 23.09 -6.50 16.22
CA GLY D 50 23.11 -5.28 15.43
C GLY D 50 21.72 -4.77 15.10
N VAL D 51 20.81 -5.69 14.77
CA VAL D 51 19.44 -5.30 14.43
C VAL D 51 18.76 -4.63 15.60
N ALA D 52 18.93 -5.17 16.82
CA ALA D 52 18.41 -4.56 18.03
C ALA D 52 19.09 -3.22 18.36
N GLN D 53 20.42 -3.19 18.34
CA GLN D 53 21.18 -2.02 18.69
C GLN D 53 21.01 -0.86 17.72
N ALA D 54 20.56 -1.07 16.48
CA ALA D 54 20.33 0.04 15.56
C ALA D 54 19.22 0.95 16.07
N ARG D 55 18.00 0.42 16.17
CA ARG D 55 16.88 1.23 16.60
C ARG D 55 17.05 1.72 18.03
N ILE D 56 17.46 0.87 18.98
CA ILE D 56 17.58 1.31 20.37
C ILE D 56 18.66 2.39 20.54
N GLY D 57 19.79 2.26 19.86
CA GLY D 57 20.84 3.26 19.84
C GLY D 57 20.43 4.58 19.19
N ALA D 58 19.61 4.55 18.14
CA ALA D 58 19.12 5.77 17.50
C ALA D 58 18.17 6.52 18.42
N ALA D 59 17.19 5.80 18.98
CA ALA D 59 16.25 6.44 19.90
C ALA D 59 16.98 7.02 21.11
N GLY D 60 17.99 6.31 21.60
CA GLY D 60 18.74 6.81 22.73
C GLY D 60 19.50 8.09 22.42
N VAL D 61 20.14 8.16 21.25
CA VAL D 61 20.84 9.39 20.89
C VAL D 61 19.86 10.53 20.81
N GLY D 62 18.67 10.28 20.24
CA GLY D 62 17.67 11.33 20.19
C GLY D 62 17.25 11.82 21.56
N ALA D 63 16.94 10.89 22.46
CA ALA D 63 16.49 11.28 23.79
C ALA D 63 17.59 11.99 24.55
N ILE D 64 18.82 11.52 24.44
CA ILE D 64 19.92 12.16 25.16
C ILE D 64 20.17 13.56 24.63
N ALA D 65 20.03 13.76 23.32
CA ALA D 65 20.14 15.11 22.79
C ALA D 65 19.02 16.00 23.31
N GLU D 66 17.80 15.46 23.39
CA GLU D 66 16.69 16.26 23.89
C GLU D 66 16.89 16.66 25.34
N ASP D 67 17.37 15.74 26.18
CA ASP D 67 17.58 16.03 27.59
C ASP D 67 18.77 15.20 28.08
N ARG D 68 19.84 15.89 28.52
CA ARG D 68 21.06 15.21 28.94
C ARG D 68 20.91 14.49 30.27
N SER D 69 19.69 14.42 30.83
CA SER D 69 19.43 13.69 32.05
C SER D 69 18.88 12.30 31.79
N ASN D 70 19.09 11.76 30.59
CA ASN D 70 18.67 10.41 30.23
C ASN D 70 19.81 9.53 29.75
N PHE D 71 21.07 9.96 29.94
CA PHE D 71 22.20 9.18 29.44
C PHE D 71 22.28 7.82 30.12
N GLY D 72 21.98 7.75 31.41
CA GLY D 72 22.02 6.47 32.09
C GLY D 72 21.02 5.48 31.52
N THR D 73 19.78 5.94 31.32
CA THR D 73 18.72 5.13 30.74
C THR D 73 19.00 4.74 29.29
N ALA D 74 19.72 5.58 28.54
CA ALA D 74 20.19 5.24 27.19
C ALA D 74 21.18 4.07 27.23
N LEU D 75 22.29 4.17 27.95
CA LEU D 75 23.28 3.09 28.01
C LEU D 75 22.72 1.82 28.65
N ILE D 76 21.91 1.91 29.71
CA ILE D 76 21.26 0.75 30.33
C ILE D 76 20.19 0.08 29.47
N PHE D 77 19.69 0.73 28.42
CA PHE D 77 18.90 0.11 27.37
C PHE D 77 19.77 -0.41 26.22
N LEU D 78 20.72 0.39 25.74
CA LEU D 78 21.54 0.07 24.57
C LEU D 78 22.46 -1.14 24.80
N LEU D 79 23.06 -1.27 25.97
CA LEU D 79 23.90 -2.42 26.31
C LEU D 79 23.10 -3.68 26.66
N LEU D 80 21.78 -3.60 26.84
CA LEU D 80 20.98 -4.76 27.21
C LEU D 80 20.98 -5.90 26.18
N PRO D 81 20.68 -5.67 24.89
CA PRO D 81 20.65 -6.74 23.88
C PRO D 81 22.04 -7.24 23.43
N GLU D 82 23.14 -6.64 23.88
CA GLU D 82 24.49 -7.23 23.72
C GLU D 82 24.64 -8.58 24.43
N THR D 83 23.69 -8.96 25.29
CA THR D 83 23.56 -10.31 25.83
C THR D 83 23.38 -11.38 24.74
N LEU D 84 22.73 -11.07 23.62
CA LEU D 84 22.48 -12.03 22.54
C LEU D 84 23.79 -12.54 21.89
N VAL D 85 24.74 -11.65 21.62
CA VAL D 85 26.05 -12.03 21.08
C VAL D 85 26.88 -12.84 22.08
N ILE D 86 26.78 -12.57 23.38
CA ILE D 86 27.41 -13.41 24.39
C ILE D 86 26.78 -14.80 24.47
N PHE D 87 25.46 -14.92 24.38
CA PHE D 87 24.78 -16.21 24.33
C PHE D 87 25.16 -17.05 23.10
N GLY D 88 25.39 -16.41 21.95
CA GLY D 88 25.89 -17.08 20.74
C GLY D 88 27.37 -17.48 20.83
N LEU D 89 28.24 -16.59 21.30
CA LEU D 89 29.66 -16.89 21.48
C LEU D 89 29.93 -17.98 22.52
N LEU D 90 29.05 -18.18 23.50
CA LEU D 90 29.14 -19.34 24.39
C LEU D 90 28.93 -20.63 23.63
N ILE D 91 27.92 -20.67 22.75
CA ILE D 91 27.69 -21.87 21.95
C ILE D 91 28.89 -22.12 21.03
N ALA D 92 29.47 -21.06 20.48
CA ALA D 92 30.64 -21.20 19.63
C ALA D 92 31.80 -21.81 20.41
N PHE D 93 32.04 -21.32 21.62
CA PHE D 93 33.15 -21.84 22.42
C PHE D 93 32.92 -23.29 22.78
N ILE D 94 31.69 -23.67 23.10
CA ILE D 94 31.40 -25.07 23.41
C ILE D 94 31.69 -25.95 22.21
N LEU D 95 31.21 -25.53 21.03
CA LEU D 95 31.45 -26.33 19.83
C LEU D 95 32.95 -26.44 19.53
N ASN D 96 33.68 -25.33 19.65
CA ASN D 96 35.12 -25.36 19.42
C ASN D 96 35.82 -26.26 20.43
N GLY D 97 35.33 -26.29 21.68
CA GLY D 97 35.87 -27.22 22.64
C GLY D 97 35.62 -28.66 22.24
N ARG D 98 34.49 -28.92 21.60
CA ARG D 98 34.28 -30.29 21.13
C ARG D 98 35.17 -30.67 19.97
N LEU D 99 36.13 -29.85 19.55
CA LEU D 99 37.03 -30.21 18.46
C LEU D 99 37.89 -31.41 18.83
N GLY E 27 29.56 -40.90 13.71
CA GLY E 27 30.06 -40.98 12.35
C GLY E 27 30.97 -39.82 11.97
N GLY E 28 31.67 -39.96 10.86
CA GLY E 28 32.56 -38.89 10.42
C GLY E 28 31.81 -37.61 10.08
N LEU E 29 30.66 -37.74 9.43
CA LEU E 29 29.86 -36.58 9.06
C LEU E 29 28.73 -36.29 10.04
N ASP E 30 28.32 -37.27 10.83
CA ASP E 30 27.21 -37.06 11.76
C ASP E 30 27.55 -35.95 12.77
N ARG E 31 28.77 -35.97 13.29
CA ARG E 31 29.16 -34.95 14.26
C ARG E 31 29.13 -33.56 13.65
N GLY E 32 29.68 -33.42 12.44
CA GLY E 32 29.70 -32.11 11.80
C GLY E 32 28.31 -31.60 11.47
N LEU E 33 27.44 -32.47 10.97
CA LEU E 33 26.08 -32.05 10.70
C LEU E 33 25.35 -31.69 11.99
N ILE E 34 25.64 -32.38 13.08
CA ILE E 34 25.06 -31.99 14.37
C ILE E 34 25.55 -30.60 14.76
N ALA E 35 26.83 -30.32 14.53
CA ALA E 35 27.35 -28.99 14.84
C ALA E 35 26.63 -27.93 14.04
N VAL E 36 26.42 -28.18 12.74
CA VAL E 36 25.73 -27.21 11.90
C VAL E 36 24.30 -27.00 12.39
N GLY E 37 23.62 -28.09 12.73
CA GLY E 37 22.25 -27.95 13.22
C GLY E 37 22.17 -27.12 14.48
N MET E 38 23.06 -27.38 15.43
CA MET E 38 23.07 -26.61 16.68
C MET E 38 23.37 -25.14 16.41
N GLY E 39 24.36 -24.86 15.56
CA GLY E 39 24.67 -23.48 15.24
C GLY E 39 23.51 -22.75 14.59
N LEU E 40 22.84 -23.41 13.65
CA LEU E 40 21.70 -22.79 12.98
C LEU E 40 20.59 -22.49 13.98
N ALA E 41 20.30 -23.44 14.87
CA ALA E 41 19.24 -23.21 15.84
C ALA E 41 19.55 -21.99 16.71
N VAL E 42 20.74 -21.97 17.30
CA VAL E 42 21.08 -20.87 18.21
C VAL E 42 21.06 -19.54 17.45
N GLY E 43 21.64 -19.51 16.26
CA GLY E 43 21.74 -18.26 15.52
C GLY E 43 20.40 -17.71 15.08
N LEU E 44 19.53 -18.57 14.56
CA LEU E 44 18.22 -18.10 14.13
C LEU E 44 17.40 -17.63 15.33
N ALA E 45 17.52 -18.32 16.47
CA ALA E 45 16.83 -17.82 17.66
C ALA E 45 17.35 -16.45 18.07
N ALA E 46 18.67 -16.24 18.01
CA ALA E 46 19.27 -14.95 18.35
C ALA E 46 18.78 -13.85 17.40
N LEU E 47 18.60 -14.15 16.11
CA LEU E 47 18.08 -13.16 15.18
C LEU E 47 16.63 -12.81 15.48
N GLY E 48 15.83 -13.82 15.81
CA GLY E 48 14.43 -13.53 16.16
C GLY E 48 14.30 -12.67 17.40
N THR E 49 15.07 -13.00 18.44
CA THR E 49 15.04 -12.20 19.66
C THR E 49 15.49 -10.77 19.38
N GLY E 50 16.55 -10.60 18.59
CA GLY E 50 17.06 -9.29 18.19
C GLY E 50 16.02 -8.49 17.42
N VAL E 51 15.24 -9.13 16.54
CA VAL E 51 14.21 -8.44 15.76
C VAL E 51 13.12 -7.93 16.69
N ALA E 52 12.68 -8.75 17.64
CA ALA E 52 11.65 -8.28 18.56
C ALA E 52 12.16 -7.14 19.44
N GLN E 53 13.34 -7.33 20.04
CA GLN E 53 13.89 -6.39 21.00
C GLN E 53 14.26 -5.04 20.36
N ALA E 54 14.45 -4.96 19.03
CA ALA E 54 14.68 -3.66 18.40
C ALA E 54 13.48 -2.72 18.58
N ARG E 55 12.32 -3.12 18.08
CA ARG E 55 11.13 -2.27 18.17
C ARG E 55 10.67 -2.11 19.60
N ILE E 56 10.68 -3.19 20.39
CA ILE E 56 10.20 -3.05 21.76
C ILE E 56 11.07 -2.06 22.53
N GLY E 57 12.39 -2.17 22.41
CA GLY E 57 13.27 -1.26 23.11
C GLY E 57 13.18 0.16 22.60
N ALA E 58 12.94 0.35 21.31
CA ALA E 58 12.76 1.71 20.81
C ALA E 58 11.55 2.37 21.47
N ALA E 59 10.41 1.67 21.47
CA ALA E 59 9.22 2.24 22.10
C ALA E 59 9.46 2.49 23.59
N GLY E 60 10.14 1.56 24.25
CA GLY E 60 10.39 1.73 25.67
C GLY E 60 11.30 2.91 25.98
N VAL E 61 12.39 3.06 25.22
CA VAL E 61 13.30 4.17 25.43
C VAL E 61 12.69 5.50 25.02
N GLY E 62 11.51 5.51 24.39
CA GLY E 62 10.66 6.70 24.25
C GLY E 62 9.82 6.97 25.50
N ALA E 63 9.02 6.01 25.95
CA ALA E 63 8.11 6.21 27.07
C ALA E 63 8.85 6.58 28.36
N ILE E 64 9.95 5.90 28.67
CA ILE E 64 10.76 6.21 29.86
C ILE E 64 11.52 7.55 29.77
N ALA E 65 11.70 8.13 28.58
CA ALA E 65 12.18 9.51 28.45
C ALA E 65 11.05 10.54 28.60
N GLU E 66 9.83 10.21 28.19
CA GLU E 66 8.65 11.06 28.40
C GLU E 66 8.21 11.11 29.87
N ASP E 67 8.29 10.00 30.61
CA ASP E 67 8.05 9.95 32.05
C ASP E 67 8.84 8.80 32.70
N ARG E 68 9.74 9.10 33.63
CA ARG E 68 10.64 8.12 34.22
C ARG E 68 9.94 7.00 35.02
N SER E 69 8.67 7.16 35.36
CA SER E 69 7.83 6.11 35.94
C SER E 69 7.50 4.96 34.97
N ASN E 70 7.58 5.19 33.66
CA ASN E 70 7.38 4.16 32.64
C ASN E 70 8.52 3.11 32.54
N PHE E 71 9.70 3.38 33.12
CA PHE E 71 10.86 2.50 33.07
C PHE E 71 10.70 1.15 33.82
N GLY E 72 9.60 0.96 34.55
CA GLY E 72 9.21 -0.34 35.11
C GLY E 72 8.42 -1.21 34.12
N THR E 73 7.52 -0.61 33.35
CA THR E 73 6.77 -1.32 32.31
C THR E 73 7.62 -1.60 31.07
N ALA E 74 8.54 -0.70 30.73
CA ALA E 74 9.42 -0.84 29.56
C ALA E 74 10.28 -2.11 29.64
N LEU E 75 11.15 -2.26 30.64
CA LEU E 75 12.00 -3.45 30.78
C LEU E 75 11.20 -4.73 30.98
N ILE E 76 10.07 -4.68 31.70
CA ILE E 76 9.17 -5.82 31.85
C ILE E 76 8.56 -6.30 30.53
N PHE E 77 8.37 -5.41 29.56
CA PHE E 77 7.99 -5.78 28.19
C PHE E 77 9.19 -6.14 27.32
N LEU E 78 10.34 -5.47 27.47
CA LEU E 78 11.53 -5.68 26.62
C LEU E 78 12.22 -7.02 26.85
N LEU E 79 12.18 -7.57 28.07
CA LEU E 79 12.74 -8.87 28.38
C LEU E 79 11.72 -9.99 28.23
N LEU E 80 10.46 -9.67 27.97
CA LEU E 80 9.47 -10.71 27.81
C LEU E 80 9.76 -11.69 26.67
N PRO E 81 10.20 -11.25 25.49
CA PRO E 81 10.31 -12.18 24.37
C PRO E 81 11.48 -13.15 24.45
N GLU E 82 12.44 -12.96 25.36
CA GLU E 82 13.64 -13.78 25.36
C GLU E 82 13.36 -15.26 25.58
N THR E 83 12.12 -15.64 25.88
CA THR E 83 11.76 -17.05 25.92
C THR E 83 12.04 -17.73 24.58
N LEU E 84 12.02 -16.98 23.48
CA LEU E 84 12.36 -17.56 22.18
C LEU E 84 13.80 -18.05 22.16
N VAL E 85 14.74 -17.19 22.55
CA VAL E 85 16.14 -17.60 22.58
C VAL E 85 16.35 -18.69 23.62
N ILE E 86 15.60 -18.64 24.72
CA ILE E 86 15.74 -19.69 25.73
C ILE E 86 15.35 -21.03 25.16
N PHE E 87 14.21 -21.11 24.46
CA PHE E 87 13.80 -22.36 23.85
C PHE E 87 14.79 -22.81 22.79
N GLY E 88 15.32 -21.87 22.01
CA GLY E 88 16.32 -22.24 21.01
C GLY E 88 17.55 -22.85 21.64
N LEU E 89 18.06 -22.25 22.71
CA LEU E 89 19.23 -22.79 23.38
C LEU E 89 18.92 -24.13 24.04
N LEU E 90 17.69 -24.33 24.50
CA LEU E 90 17.32 -25.63 25.05
C LEU E 90 17.42 -26.71 23.99
N ILE E 91 16.84 -26.46 22.81
CA ILE E 91 16.91 -27.45 21.74
C ILE E 91 18.36 -27.69 21.32
N ALA E 92 19.14 -26.61 21.21
CA ALA E 92 20.54 -26.76 20.81
C ALA E 92 21.32 -27.55 21.84
N PHE E 93 21.05 -27.34 23.12
CA PHE E 93 21.74 -28.09 24.16
C PHE E 93 21.36 -29.57 24.11
N ILE E 94 20.09 -29.86 23.84
CA ILE E 94 19.69 -31.27 23.72
C ILE E 94 20.44 -31.92 22.57
N LEU E 95 20.50 -31.23 21.43
CA LEU E 95 21.21 -31.78 20.28
C LEU E 95 22.68 -32.00 20.60
N ASN E 96 23.36 -30.96 21.09
CA ASN E 96 24.79 -31.07 21.40
C ASN E 96 25.08 -32.09 22.49
N GLY E 97 24.11 -32.36 23.36
CA GLY E 97 24.27 -33.48 24.27
C GLY E 97 24.21 -34.81 23.54
N ARG E 98 23.32 -34.92 22.56
CA ARG E 98 23.24 -36.16 21.78
C ARG E 98 24.32 -36.18 20.71
N LEU E 99 25.57 -35.98 21.10
CA LEU E 99 26.68 -35.98 20.16
C LEU E 99 27.77 -36.93 20.64
N GLY F 27 23.81 -44.32 13.36
CA GLY F 27 24.97 -43.62 12.85
C GLY F 27 24.79 -43.11 11.43
N GLY F 28 25.85 -43.25 10.63
CA GLY F 28 25.79 -42.77 9.26
C GLY F 28 25.62 -41.26 9.23
N LEU F 29 24.94 -40.77 8.21
CA LEU F 29 24.60 -39.36 8.10
C LEU F 29 23.15 -39.08 8.43
N ASP F 30 22.33 -40.12 8.66
CA ASP F 30 20.92 -39.91 8.98
C ASP F 30 20.77 -39.11 10.27
N ARG F 31 21.57 -39.43 11.29
CA ARG F 31 21.48 -38.70 12.54
C ARG F 31 21.81 -37.23 12.35
N GLY F 32 22.89 -36.94 11.61
CA GLY F 32 23.26 -35.55 11.40
C GLY F 32 22.23 -34.78 10.60
N LEU F 33 21.67 -35.41 9.56
CA LEU F 33 20.63 -34.73 8.79
C LEU F 33 19.40 -34.47 9.64
N ILE F 34 19.00 -35.43 10.47
CA ILE F 34 17.85 -35.22 11.35
C ILE F 34 18.14 -34.07 12.31
N ALA F 35 19.37 -33.97 12.80
CA ALA F 35 19.73 -32.88 13.70
C ALA F 35 19.62 -31.54 12.99
N VAL F 36 20.14 -31.45 11.76
CA VAL F 36 20.06 -30.19 11.03
C VAL F 36 18.61 -29.81 10.78
N GLY F 37 17.78 -30.80 10.48
CA GLY F 37 16.37 -30.51 10.27
C GLY F 37 15.70 -29.95 11.51
N MET F 38 15.94 -30.57 12.66
CA MET F 38 15.36 -30.06 13.90
C MET F 38 15.85 -28.65 14.19
N GLY F 39 17.14 -28.41 13.99
CA GLY F 39 17.68 -27.08 14.25
C GLY F 39 17.04 -26.01 13.37
N LEU F 40 16.91 -26.31 12.08
CA LEU F 40 16.29 -25.34 11.18
C LEU F 40 14.84 -25.10 11.57
N ALA F 41 14.12 -26.16 11.94
CA ALA F 41 12.73 -25.99 12.32
C ALA F 41 12.59 -25.03 13.51
N VAL F 42 13.33 -25.30 14.58
CA VAL F 42 13.22 -24.46 15.76
C VAL F 42 13.66 -23.04 15.45
N GLY F 43 14.77 -22.89 14.72
CA GLY F 43 15.26 -21.55 14.44
C GLY F 43 14.30 -20.70 13.62
N LEU F 44 13.72 -21.29 12.56
CA LEU F 44 12.83 -20.52 11.70
C LEU F 44 11.53 -20.19 12.43
N ALA F 45 11.00 -21.12 13.22
CA ALA F 45 9.82 -20.78 14.01
C ALA F 45 10.11 -19.67 15.01
N ALA F 46 11.31 -19.69 15.62
CA ALA F 46 11.68 -18.61 16.53
C ALA F 46 11.74 -17.28 15.81
N LEU F 47 12.32 -17.26 14.61
CA LEU F 47 12.38 -16.00 13.87
C LEU F 47 10.98 -15.49 13.55
N GLY F 48 10.05 -16.39 13.20
CA GLY F 48 8.69 -15.95 12.94
C GLY F 48 8.04 -15.34 14.16
N THR F 49 8.17 -16.02 15.31
CA THR F 49 7.60 -15.48 16.53
C THR F 49 8.20 -14.12 16.88
N GLY F 50 9.51 -13.97 16.72
CA GLY F 50 10.14 -12.69 17.00
C GLY F 50 9.64 -11.60 16.08
N VAL F 51 9.48 -11.91 14.80
CA VAL F 51 9.02 -10.90 13.85
C VAL F 51 7.62 -10.42 14.23
N ALA F 52 6.74 -11.33 14.61
CA ALA F 52 5.41 -10.89 15.06
C ALA F 52 5.51 -10.07 16.34
N GLN F 53 6.32 -10.53 17.29
CA GLN F 53 6.35 -9.90 18.61
C GLN F 53 6.91 -8.50 18.54
N ALA F 54 7.78 -8.20 17.59
CA ALA F 54 8.33 -6.84 17.53
C ALA F 54 7.23 -5.80 17.41
N ARG F 55 6.44 -5.87 16.34
CA ARG F 55 5.37 -4.91 16.14
C ARG F 55 4.29 -5.03 17.22
N ILE F 56 3.94 -6.25 17.60
CA ILE F 56 2.89 -6.38 18.62
C ILE F 56 3.33 -5.70 19.92
N GLY F 57 4.59 -5.89 20.30
CA GLY F 57 5.09 -5.31 21.52
C GLY F 57 5.20 -3.80 21.44
N ALA F 58 5.60 -3.27 20.29
CA ALA F 58 5.62 -1.81 20.17
C ALA F 58 4.23 -1.21 20.35
N ALA F 59 3.22 -1.83 19.73
CA ALA F 59 1.86 -1.34 19.91
C ALA F 59 1.42 -1.43 21.36
N GLY F 60 1.76 -2.54 22.02
CA GLY F 60 1.39 -2.68 23.43
C GLY F 60 2.07 -1.67 24.32
N VAL F 61 3.37 -1.45 24.13
CA VAL F 61 4.12 -0.49 24.92
C VAL F 61 3.69 0.94 24.65
N GLY F 62 3.02 1.19 23.53
CA GLY F 62 2.38 2.47 23.36
C GLY F 62 1.07 2.57 24.12
N ALA F 63 0.21 1.56 23.91
CA ALA F 63 -1.16 1.64 24.44
C ALA F 63 -1.17 1.63 25.97
N ILE F 64 -0.38 0.75 26.59
CA ILE F 64 -0.38 0.68 28.04
C ILE F 64 0.23 1.92 28.66
N ALA F 65 1.25 2.51 28.05
CA ALA F 65 1.84 3.76 28.52
C ALA F 65 0.84 4.93 28.40
N GLU F 66 0.01 4.94 27.34
CA GLU F 66 -1.03 5.96 27.23
C GLU F 66 -2.14 5.74 28.26
N ASP F 67 -2.57 4.50 28.49
CA ASP F 67 -3.61 4.20 29.46
C ASP F 67 -3.23 2.89 30.15
N ARG F 68 -2.86 3.00 31.43
CA ARG F 68 -2.33 1.85 32.15
C ARG F 68 -3.40 0.78 32.42
N SER F 69 -4.65 1.04 32.04
CA SER F 69 -5.69 0.05 32.27
C SER F 69 -5.64 -1.09 31.27
N ASN F 70 -4.97 -0.90 30.12
CA ASN F 70 -5.06 -1.86 29.04
C ASN F 70 -3.96 -2.92 29.09
N PHE F 71 -3.12 -2.93 30.12
CA PHE F 71 -2.04 -3.91 30.18
C PHE F 71 -2.57 -5.34 30.13
N GLY F 72 -3.73 -5.58 30.74
CA GLY F 72 -4.28 -6.92 30.76
C GLY F 72 -4.61 -7.46 29.38
N THR F 73 -4.76 -6.57 28.41
CA THR F 73 -4.99 -6.99 27.02
C THR F 73 -3.73 -6.89 26.17
N ALA F 74 -2.90 -5.88 26.43
CA ALA F 74 -1.66 -5.77 25.68
C ALA F 74 -0.73 -6.95 25.95
N LEU F 75 -0.67 -7.44 27.18
CA LEU F 75 0.13 -8.62 27.47
C LEU F 75 -0.38 -9.83 26.72
N ILE F 76 -1.70 -10.00 26.65
CA ILE F 76 -2.25 -11.13 25.90
C ILE F 76 -1.88 -11.01 24.43
N PHE F 77 -2.04 -9.83 23.85
CA PHE F 77 -1.77 -9.65 22.43
C PHE F 77 -0.29 -9.64 22.10
N LEU F 78 0.59 -9.55 23.10
CA LEU F 78 2.01 -9.74 22.86
C LEU F 78 2.49 -11.13 23.23
N LEU F 79 1.68 -11.90 23.96
CA LEU F 79 2.02 -13.27 24.31
C LEU F 79 1.30 -14.31 23.48
N LEU F 80 0.45 -13.90 22.56
CA LEU F 80 -0.19 -14.86 21.66
C LEU F 80 0.77 -15.42 20.61
N PRO F 81 1.71 -14.66 20.04
CA PRO F 81 2.62 -15.23 19.04
C PRO F 81 3.53 -16.35 19.53
N GLU F 82 3.40 -16.83 20.76
CA GLU F 82 4.23 -17.93 21.24
C GLU F 82 3.79 -19.27 20.68
N THR F 83 2.62 -19.35 20.05
CA THR F 83 2.19 -20.59 19.45
C THR F 83 3.13 -21.05 18.35
N LEU F 84 3.81 -20.11 17.68
CA LEU F 84 4.78 -20.48 16.65
C LEU F 84 5.91 -21.30 17.24
N VAL F 85 6.53 -20.80 18.31
CA VAL F 85 7.60 -21.54 18.94
C VAL F 85 7.08 -22.83 19.57
N ILE F 86 5.85 -22.82 20.09
CA ILE F 86 5.30 -24.05 20.67
C ILE F 86 5.21 -25.13 19.61
N PHE F 87 4.67 -24.79 18.43
CA PHE F 87 4.57 -25.77 17.36
C PHE F 87 5.96 -26.21 16.86
N GLY F 88 6.87 -25.26 16.73
CA GLY F 88 8.22 -25.61 16.28
C GLY F 88 8.90 -26.59 17.22
N LEU F 89 8.79 -26.33 18.53
CA LEU F 89 9.36 -27.25 19.51
C LEU F 89 8.64 -28.59 19.50
N LEU F 90 7.34 -28.61 19.24
CA LEU F 90 6.65 -29.89 19.12
C LEU F 90 7.25 -30.73 17.99
N ILE F 91 7.45 -30.10 16.83
CA ILE F 91 8.03 -30.83 15.70
C ILE F 91 9.44 -31.29 16.04
N ALA F 92 10.23 -30.41 16.67
CA ALA F 92 11.60 -30.79 17.04
C ALA F 92 11.60 -31.95 18.01
N PHE F 93 10.67 -31.96 18.97
CA PHE F 93 10.60 -33.06 19.92
C PHE F 93 10.22 -34.36 19.23
N ILE F 94 9.30 -34.30 18.26
CA ILE F 94 8.96 -35.51 17.52
C ILE F 94 10.18 -36.03 16.77
N LEU F 95 10.94 -35.13 16.16
CA LEU F 95 12.14 -35.55 15.45
C LEU F 95 13.16 -36.17 16.39
N ASN F 96 13.36 -35.57 17.57
CA ASN F 96 14.29 -36.12 18.54
C ASN F 96 13.84 -37.50 19.01
N GLY F 97 12.56 -37.66 19.28
CA GLY F 97 12.05 -38.96 19.68
C GLY F 97 12.23 -40.01 18.59
N ARG F 98 12.13 -39.59 17.33
CA ARG F 98 12.43 -40.52 16.24
C ARG F 98 13.91 -40.87 16.19
N LEU F 99 14.78 -39.92 16.54
CA LEU F 99 16.23 -40.16 16.49
C LEU F 99 16.66 -41.26 17.44
N GLY G 27 18.63 -48.36 4.02
CA GLY G 27 18.17 -47.22 4.77
C GLY G 27 19.20 -46.11 4.83
N GLY G 28 19.40 -45.43 3.70
CA GLY G 28 20.46 -44.45 3.56
C GLY G 28 20.08 -43.09 4.12
N LEU G 29 20.52 -42.05 3.41
CA LEU G 29 20.30 -40.68 3.88
C LEU G 29 18.84 -40.28 3.84
N ASP G 30 17.98 -41.09 3.22
CA ASP G 30 16.58 -40.70 3.04
C ASP G 30 15.92 -40.36 4.37
N ARG G 31 16.18 -41.16 5.41
CA ARG G 31 15.57 -40.91 6.71
C ARG G 31 16.01 -39.57 7.27
N GLY G 32 17.09 -39.00 6.75
CA GLY G 32 17.55 -37.69 7.19
C GLY G 32 17.03 -36.55 6.35
N LEU G 33 17.01 -36.74 5.02
CA LEU G 33 16.46 -35.72 4.15
C LEU G 33 14.97 -35.52 4.44
N ILE G 34 14.28 -36.58 4.85
CA ILE G 34 12.88 -36.43 5.24
C ILE G 34 12.77 -35.49 6.41
N ALA G 35 13.64 -35.64 7.40
CA ALA G 35 13.62 -34.76 8.56
C ALA G 35 13.95 -33.32 8.17
N VAL G 36 14.93 -33.12 7.30
CA VAL G 36 15.27 -31.77 6.88
C VAL G 36 14.08 -31.13 6.19
N GLY G 37 13.37 -31.89 5.35
CA GLY G 37 12.20 -31.34 4.70
C GLY G 37 11.12 -30.96 5.68
N MET G 38 10.84 -31.83 6.65
CA MET G 38 9.83 -31.51 7.65
C MET G 38 10.20 -30.25 8.41
N GLY G 39 11.47 -30.13 8.78
CA GLY G 39 11.91 -28.96 9.52
C GLY G 39 11.75 -27.68 8.73
N LEU G 40 12.18 -27.70 7.46
CA LEU G 40 12.04 -26.50 6.63
C LEU G 40 10.58 -26.14 6.44
N ALA G 41 9.71 -27.13 6.25
CA ALA G 41 8.30 -26.85 6.07
C ALA G 41 7.72 -26.14 7.29
N VAL G 42 7.90 -26.74 8.47
CA VAL G 42 7.32 -26.14 9.69
C VAL G 42 7.91 -24.76 9.92
N GLY G 43 9.23 -24.62 9.76
CA GLY G 43 9.86 -23.35 10.00
C GLY G 43 9.38 -22.23 9.10
N LEU G 44 9.33 -22.47 7.79
CA LEU G 44 8.89 -21.40 6.91
C LEU G 44 7.41 -21.09 7.10
N ALA G 45 6.59 -22.10 7.38
CA ALA G 45 5.18 -21.82 7.66
C ALA G 45 5.04 -20.93 8.89
N ALA G 46 5.81 -21.21 9.94
CA ALA G 46 5.76 -20.37 11.13
C ALA G 46 6.25 -18.97 10.83
N LEU G 47 7.31 -18.83 10.03
CA LEU G 47 7.80 -17.49 9.70
C LEU G 47 6.73 -16.68 8.99
N GLY G 48 6.01 -17.31 8.07
CA GLY G 48 4.92 -16.60 7.40
C GLY G 48 3.81 -16.20 8.36
N THR G 49 3.40 -17.13 9.22
CA THR G 49 2.34 -16.80 10.17
C THR G 49 2.77 -15.65 11.07
N GLY G 50 4.04 -15.61 11.46
CA GLY G 50 4.52 -14.49 12.26
C GLY G 50 4.52 -13.19 11.51
N VAL G 51 4.98 -13.20 10.26
CA VAL G 51 5.01 -11.97 9.47
C VAL G 51 3.62 -11.44 9.23
N ALA G 52 2.60 -12.30 9.27
CA ALA G 52 1.23 -11.79 9.19
C ALA G 52 0.76 -11.26 10.55
N GLN G 53 0.92 -12.06 11.59
CA GLN G 53 0.44 -11.68 12.91
C GLN G 53 1.06 -10.39 13.40
N ALA G 54 2.24 -10.02 12.90
CA ALA G 54 2.84 -8.75 13.30
C ALA G 54 1.90 -7.58 13.03
N ARG G 55 1.61 -7.30 11.76
CA ARG G 55 0.75 -6.18 11.43
C ARG G 55 -0.67 -6.40 11.93
N ILE G 56 -1.18 -7.64 11.81
CA ILE G 56 -2.56 -7.87 12.24
C ILE G 56 -2.73 -7.54 13.72
N GLY G 57 -1.80 -8.00 14.56
CA GLY G 57 -1.92 -7.77 15.98
C GLY G 57 -1.60 -6.35 16.39
N ALA G 58 -0.68 -5.68 15.68
CA ALA G 58 -0.46 -4.28 15.98
C ALA G 58 -1.73 -3.46 15.74
N ALA G 59 -2.38 -3.68 14.59
CA ALA G 59 -3.63 -2.97 14.34
C ALA G 59 -4.70 -3.37 15.35
N GLY G 60 -4.79 -4.64 15.69
CA GLY G 60 -5.79 -5.08 16.65
C GLY G 60 -5.59 -4.45 18.01
N VAL G 61 -4.35 -4.36 18.46
CA VAL G 61 -4.05 -3.75 19.75
C VAL G 61 -4.41 -2.28 19.72
N GLY G 62 -4.06 -1.59 18.62
CA GLY G 62 -4.45 -0.20 18.51
C GLY G 62 -5.94 0.01 18.61
N ALA G 63 -6.71 -0.80 17.88
CA ALA G 63 -8.16 -0.64 17.90
C ALA G 63 -8.75 -0.99 19.26
N ILE G 64 -8.25 -2.04 19.90
CA ILE G 64 -8.78 -2.43 21.21
C ILE G 64 -8.45 -1.37 22.25
N ALA G 65 -7.27 -0.74 22.14
CA ALA G 65 -6.96 0.38 23.02
C ALA G 65 -7.89 1.55 22.75
N GLU G 66 -8.25 1.79 21.49
CA GLU G 66 -9.22 2.84 21.18
C GLU G 66 -10.57 2.53 21.82
N ASP G 67 -10.99 1.28 21.79
CA ASP G 67 -12.24 0.88 22.44
C ASP G 67 -12.12 -0.58 22.84
N ARG G 68 -12.38 -0.88 24.12
CA ARG G 68 -12.28 -2.24 24.59
C ARG G 68 -13.37 -3.14 24.05
N SER G 69 -14.38 -2.58 23.37
CA SER G 69 -15.46 -3.40 22.86
C SER G 69 -15.02 -4.30 21.71
N ASN G 70 -14.11 -3.81 20.86
CA ASN G 70 -13.75 -4.50 19.63
C ASN G 70 -12.85 -5.72 19.86
N PHE G 71 -12.70 -6.17 21.11
CA PHE G 71 -11.77 -7.26 21.38
C PHE G 71 -12.14 -8.52 20.60
N GLY G 72 -13.43 -8.76 20.37
CA GLY G 72 -13.80 -9.94 19.61
C GLY G 72 -13.30 -9.91 18.18
N THR G 73 -13.50 -8.78 17.50
CA THR G 73 -13.00 -8.65 16.13
C THR G 73 -11.48 -8.72 16.10
N ALA G 74 -10.82 -8.10 17.09
CA ALA G 74 -9.36 -8.19 17.15
C ALA G 74 -8.91 -9.63 17.30
N LEU G 75 -9.58 -10.40 18.15
CA LEU G 75 -9.21 -11.80 18.34
C LEU G 75 -9.42 -12.59 17.07
N ILE G 76 -10.54 -12.37 16.38
CA ILE G 76 -10.82 -13.11 15.16
C ILE G 76 -9.73 -12.84 14.13
N PHE G 77 -9.42 -11.56 13.92
CA PHE G 77 -8.41 -11.21 12.91
C PHE G 77 -7.03 -11.71 13.30
N LEU G 78 -6.67 -11.65 14.58
CA LEU G 78 -5.33 -12.05 14.99
C LEU G 78 -5.15 -13.56 14.99
N LEU G 79 -6.20 -14.33 15.27
CA LEU G 79 -6.08 -15.78 15.34
C LEU G 79 -6.48 -16.47 14.05
N LEU G 80 -7.01 -15.74 13.06
CA LEU G 80 -7.26 -16.38 11.77
C LEU G 80 -5.99 -16.89 11.08
N PRO G 81 -4.90 -16.13 10.97
CA PRO G 81 -3.75 -16.63 10.20
C PRO G 81 -3.07 -17.85 10.79
N GLU G 82 -3.59 -18.44 11.87
CA GLU G 82 -3.02 -19.69 12.33
C GLU G 82 -3.36 -20.85 11.40
N THR G 83 -4.20 -20.63 10.40
CA THR G 83 -4.52 -21.67 9.44
C THR G 83 -3.29 -22.13 8.69
N LEU G 84 -2.42 -21.19 8.31
CA LEU G 84 -1.20 -21.56 7.59
C LEU G 84 -0.30 -22.45 8.45
N VAL G 85 -0.14 -22.10 9.72
CA VAL G 85 0.69 -22.91 10.60
C VAL G 85 0.08 -24.29 10.81
N ILE G 86 -1.25 -24.34 10.92
CA ILE G 86 -1.91 -25.63 11.07
C ILE G 86 -1.65 -26.50 9.85
N PHE G 87 -1.75 -25.92 8.65
CA PHE G 87 -1.50 -26.69 7.43
C PHE G 87 -0.05 -27.16 7.37
N GLY G 88 0.89 -26.30 7.77
CA GLY G 88 2.29 -26.70 7.79
C GLY G 88 2.53 -27.87 8.73
N LEU G 89 1.93 -27.82 9.93
CA LEU G 89 2.05 -28.94 10.85
C LEU G 89 1.40 -30.18 10.27
N LEU G 90 0.30 -30.04 9.53
CA LEU G 90 -0.32 -31.20 8.89
C LEU G 90 0.64 -31.87 7.92
N ILE G 91 1.29 -31.08 7.07
CA ILE G 91 2.22 -31.65 6.10
C ILE G 91 3.41 -32.28 6.81
N ALA G 92 3.91 -31.62 7.85
CA ALA G 92 5.04 -32.18 8.59
C ALA G 92 4.67 -33.52 9.23
N PHE G 93 3.49 -33.60 9.82
CA PHE G 93 3.06 -34.86 10.42
C PHE G 93 2.86 -35.93 9.37
N ILE G 94 2.38 -35.57 8.19
CA ILE G 94 2.25 -36.55 7.11
C ILE G 94 3.61 -37.14 6.76
N LEU G 95 4.60 -36.27 6.56
CA LEU G 95 5.94 -36.76 6.23
C LEU G 95 6.52 -37.61 7.36
N ASN G 96 6.36 -37.16 8.61
CA ASN G 96 6.91 -37.90 9.74
C ASN G 96 6.29 -39.28 9.86
N GLY G 97 4.95 -39.35 9.73
CA GLY G 97 4.29 -40.64 9.76
C GLY G 97 4.70 -41.55 8.63
N ARG G 98 4.97 -40.96 7.45
CA ARG G 98 5.52 -41.76 6.36
C ARG G 98 6.89 -42.31 6.73
N LEU G 99 7.70 -41.52 7.41
CA LEU G 99 9.00 -41.99 7.89
C LEU G 99 8.84 -43.08 8.94
N GLY H 27 13.72 -46.26 0.11
CA GLY H 27 14.07 -45.40 -0.99
C GLY H 27 15.42 -44.74 -0.81
N GLY H 28 16.11 -44.50 -1.92
CA GLY H 28 17.41 -43.86 -1.88
C GLY H 28 17.33 -42.35 -1.89
N LEU H 29 18.15 -41.70 -2.72
CA LEU H 29 18.15 -40.24 -2.78
C LEU H 29 16.81 -39.69 -3.24
N ASP H 30 16.08 -40.44 -4.05
CA ASP H 30 14.79 -39.96 -4.55
C ASP H 30 13.80 -39.76 -3.39
N ARG H 31 13.61 -40.81 -2.59
CA ARG H 31 12.65 -40.72 -1.50
C ARG H 31 13.07 -39.68 -0.48
N GLY H 32 14.36 -39.37 -0.42
CA GLY H 32 14.84 -38.33 0.46
C GLY H 32 14.51 -36.95 -0.08
N LEU H 33 15.11 -36.59 -1.22
CA LEU H 33 15.00 -35.23 -1.71
C LEU H 33 13.58 -34.87 -2.15
N ILE H 34 12.70 -35.86 -2.38
CA ILE H 34 11.31 -35.51 -2.64
C ILE H 34 10.70 -34.81 -1.44
N ALA H 35 11.05 -35.24 -0.23
CA ALA H 35 10.55 -34.57 0.97
C ALA H 35 11.08 -33.15 1.07
N VAL H 36 12.37 -32.94 0.72
CA VAL H 36 12.92 -31.60 0.75
C VAL H 36 12.17 -30.70 -0.22
N GLY H 37 11.85 -31.23 -1.40
CA GLY H 37 11.06 -30.45 -2.34
C GLY H 37 9.70 -30.09 -1.80
N MET H 38 9.01 -31.07 -1.21
CA MET H 38 7.67 -30.82 -0.68
C MET H 38 7.71 -29.75 0.41
N GLY H 39 8.70 -29.84 1.30
CA GLY H 39 8.82 -28.85 2.36
C GLY H 39 9.14 -27.46 1.82
N LEU H 40 10.10 -27.37 0.90
CA LEU H 40 10.45 -26.08 0.34
C LEU H 40 9.30 -25.47 -0.45
N ALA H 41 8.36 -26.29 -0.92
CA ALA H 41 7.18 -25.74 -1.58
C ALA H 41 6.18 -25.21 -0.57
N VAL H 42 5.76 -26.06 0.37
CA VAL H 42 4.70 -25.67 1.30
C VAL H 42 5.15 -24.49 2.15
N GLY H 43 6.39 -24.51 2.64
CA GLY H 43 6.84 -23.44 3.50
C GLY H 43 6.91 -22.10 2.79
N LEU H 44 7.48 -22.07 1.59
CA LEU H 44 7.57 -20.81 0.87
C LEU H 44 6.20 -20.30 0.47
N ALA H 45 5.27 -21.20 0.13
CA ALA H 45 3.91 -20.77 -0.15
C ALA H 45 3.26 -20.15 1.08
N ALA H 46 3.48 -20.76 2.25
CA ALA H 46 2.94 -20.20 3.48
C ALA H 46 3.54 -18.83 3.76
N LEU H 47 4.84 -18.66 3.53
CA LEU H 47 5.45 -17.35 3.73
C LEU H 47 4.84 -16.32 2.80
N GLY H 48 4.60 -16.70 1.53
CA GLY H 48 3.98 -15.77 0.61
C GLY H 48 2.58 -15.38 1.04
N THR H 49 1.78 -16.36 1.46
CA THR H 49 0.44 -16.05 1.93
C THR H 49 0.46 -15.15 3.15
N GLY H 50 1.40 -15.39 4.07
CA GLY H 50 1.48 -14.51 5.23
C GLY H 50 1.87 -13.09 4.87
N VAL H 51 2.89 -12.94 4.03
CA VAL H 51 3.33 -11.61 3.64
C VAL H 51 2.24 -10.87 2.88
N ALA H 52 1.39 -11.60 2.16
CA ALA H 52 0.27 -10.96 1.49
C ALA H 52 -0.81 -10.58 2.49
N GLN H 53 -1.14 -11.47 3.42
CA GLN H 53 -2.25 -11.22 4.33
C GLN H 53 -1.94 -10.21 5.41
N ALA H 54 -0.66 -9.92 5.67
CA ALA H 54 -0.32 -8.99 6.75
C ALA H 54 -0.92 -7.60 6.59
N ARG H 55 -0.48 -6.88 5.55
CA ARG H 55 -0.92 -5.49 5.39
C ARG H 55 -2.42 -5.42 5.14
N ILE H 56 -2.96 -6.39 4.39
CA ILE H 56 -4.39 -6.41 4.14
C ILE H 56 -5.16 -6.58 5.43
N GLY H 57 -4.71 -7.45 6.33
CA GLY H 57 -5.38 -7.61 7.59
C GLY H 57 -5.28 -6.37 8.47
N ALA H 58 -4.13 -5.70 8.44
CA ALA H 58 -4.00 -4.46 9.21
C ALA H 58 -5.00 -3.41 8.74
N ALA H 59 -5.08 -3.21 7.42
CA ALA H 59 -6.03 -2.23 6.90
C ALA H 59 -7.47 -2.64 7.18
N GLY H 60 -7.76 -3.94 7.08
CA GLY H 60 -9.11 -4.40 7.38
C GLY H 60 -9.51 -4.15 8.82
N VAL H 61 -8.60 -4.42 9.76
CA VAL H 61 -8.90 -4.17 11.16
C VAL H 61 -9.10 -2.68 11.40
N GLY H 62 -8.27 -1.85 10.77
CA GLY H 62 -8.46 -0.41 10.90
C GLY H 62 -9.82 0.05 10.41
N ALA H 63 -10.23 -0.43 9.24
CA ALA H 63 -11.50 -0.01 8.68
C ALA H 63 -12.69 -0.56 9.47
N ILE H 64 -12.59 -1.80 9.96
CA ILE H 64 -13.67 -2.34 10.78
C ILE H 64 -13.78 -1.58 12.08
N ALA H 65 -12.65 -1.12 12.63
CA ALA H 65 -12.72 -0.24 13.80
C ALA H 65 -13.38 1.09 13.43
N GLU H 66 -13.08 1.60 12.23
CA GLU H 66 -13.68 2.86 11.80
C GLU H 66 -15.20 2.74 11.69
N ASP H 67 -15.68 1.60 11.19
CA ASP H 67 -17.12 1.38 11.08
C ASP H 67 -17.41 -0.11 11.21
N ARG H 68 -18.32 -0.47 12.10
CA ARG H 68 -18.59 -1.88 12.39
C ARG H 68 -19.65 -2.44 11.44
N SER H 69 -19.47 -2.21 10.15
CA SER H 69 -20.33 -2.78 9.13
C SER H 69 -19.58 -3.41 7.97
N ASN H 70 -18.38 -2.97 7.67
CA ASN H 70 -17.59 -3.44 6.55
C ASN H 70 -16.89 -4.76 6.84
N PHE H 71 -17.33 -5.54 7.82
CA PHE H 71 -16.66 -6.81 8.12
C PHE H 71 -16.65 -7.73 6.91
N GLY H 72 -17.78 -7.79 6.20
CA GLY H 72 -17.83 -8.63 5.00
C GLY H 72 -16.84 -8.18 3.95
N THR H 73 -16.82 -6.88 3.66
CA THR H 73 -15.91 -6.38 2.64
C THR H 73 -14.45 -6.51 3.06
N ALA H 74 -14.19 -6.54 4.37
CA ALA H 74 -12.83 -6.75 4.84
C ALA H 74 -12.41 -8.21 4.68
N LEU H 75 -13.31 -9.14 5.04
CA LEU H 75 -12.97 -10.55 4.89
C LEU H 75 -12.83 -10.93 3.43
N ILE H 76 -13.63 -10.31 2.55
CA ILE H 76 -13.63 -10.66 1.14
C ILE H 76 -12.33 -10.21 0.47
N PHE H 77 -11.45 -9.59 1.24
CA PHE H 77 -10.10 -9.32 0.76
C PHE H 77 -9.01 -9.86 1.66
N LEU H 78 -9.32 -10.19 2.92
CA LEU H 78 -8.34 -10.87 3.76
C LEU H 78 -8.23 -12.35 3.43
N LEU H 79 -9.34 -13.00 3.07
CA LEU H 79 -9.33 -14.45 2.85
C LEU H 79 -9.04 -14.84 1.40
N LEU H 80 -8.98 -13.87 0.48
CA LEU H 80 -8.61 -14.19 -0.89
C LEU H 80 -7.20 -14.76 -1.03
N PRO H 81 -6.15 -14.23 -0.38
CA PRO H 81 -4.80 -14.76 -0.64
C PRO H 81 -4.56 -16.18 -0.13
N GLU H 82 -5.58 -16.88 0.37
CA GLU H 82 -5.38 -18.28 0.74
C GLU H 82 -5.13 -19.15 -0.48
N THR H 83 -5.35 -18.60 -1.68
CA THR H 83 -5.16 -19.36 -2.91
C THR H 83 -3.72 -19.85 -3.02
N LEU H 84 -2.77 -19.02 -2.61
CA LEU H 84 -1.37 -19.44 -2.70
C LEU H 84 -1.09 -20.65 -1.82
N VAL H 85 -1.61 -20.65 -0.59
CA VAL H 85 -1.40 -21.80 0.29
C VAL H 85 -2.11 -23.02 -0.26
N ILE H 86 -3.29 -22.84 -0.84
CA ILE H 86 -4.00 -23.97 -1.43
C ILE H 86 -3.19 -24.57 -2.57
N PHE H 87 -2.60 -23.73 -3.43
CA PHE H 87 -1.76 -24.23 -4.51
C PHE H 87 -0.52 -24.93 -3.99
N GLY H 88 0.09 -24.39 -2.93
CA GLY H 88 1.23 -25.06 -2.33
C GLY H 88 0.88 -26.44 -1.83
N LEU H 89 -0.25 -26.56 -1.14
CA LEU H 89 -0.69 -27.86 -0.66
C LEU H 89 -0.99 -28.80 -1.82
N LEU H 90 -1.54 -28.27 -2.91
CA LEU H 90 -1.81 -29.13 -4.07
C LEU H 90 -0.53 -29.71 -4.64
N ILE H 91 0.48 -28.87 -4.85
CA ILE H 91 1.75 -29.37 -5.40
C ILE H 91 2.39 -30.36 -4.44
N ALA H 92 2.31 -30.08 -3.14
CA ALA H 92 2.90 -30.99 -2.16
C ALA H 92 2.21 -32.34 -2.18
N PHE H 93 0.87 -32.36 -2.22
CA PHE H 93 0.16 -33.62 -2.25
C PHE H 93 0.47 -34.38 -3.54
N ILE H 94 0.63 -33.67 -4.65
CA ILE H 94 0.97 -34.34 -5.91
C ILE H 94 2.33 -35.01 -5.78
N LEU H 95 3.32 -34.30 -5.23
CA LEU H 95 4.64 -34.90 -5.06
C LEU H 95 4.59 -36.09 -4.12
N ASN H 96 3.83 -35.99 -3.03
CA ASN H 96 3.72 -37.11 -2.10
C ASN H 96 3.11 -38.33 -2.78
N GLY H 97 2.06 -38.12 -3.59
CA GLY H 97 1.51 -39.22 -4.35
C GLY H 97 2.52 -39.83 -5.29
N ARG H 98 3.33 -38.99 -5.94
CA ARG H 98 4.36 -39.47 -6.85
C ARG H 98 5.53 -40.13 -6.14
N LEU H 99 5.63 -40.00 -4.81
CA LEU H 99 6.67 -40.70 -4.08
C LEU H 99 6.23 -41.06 -2.66
N GLY I 27 18.05 -45.77 -12.01
CA GLY I 27 17.56 -44.81 -11.04
C GLY I 27 18.60 -43.75 -10.69
N GLY I 28 18.39 -43.06 -9.58
CA GLY I 28 19.33 -42.07 -9.14
C GLY I 28 18.64 -40.92 -8.44
N LEU I 29 19.41 -39.86 -8.24
CA LEU I 29 18.90 -38.66 -7.60
C LEU I 29 18.13 -37.77 -8.58
N ASP I 30 17.87 -38.24 -9.80
CA ASP I 30 17.13 -37.43 -10.75
C ASP I 30 15.77 -37.03 -10.21
N ARG I 31 15.03 -38.00 -9.67
CA ARG I 31 13.70 -37.72 -9.15
C ARG I 31 13.76 -36.72 -8.01
N GLY I 32 14.73 -36.88 -7.11
CA GLY I 32 14.82 -35.96 -5.98
C GLY I 32 15.14 -34.54 -6.42
N LEU I 33 16.12 -34.39 -7.30
CA LEU I 33 16.48 -33.04 -7.73
C LEU I 33 15.37 -32.40 -8.53
N ILE I 34 14.61 -33.20 -9.30
CA ILE I 34 13.45 -32.65 -9.99
C ILE I 34 12.41 -32.17 -8.99
N ALA I 35 12.21 -32.94 -7.92
CA ALA I 35 11.27 -32.50 -6.89
C ALA I 35 11.71 -31.20 -6.25
N VAL I 36 13.01 -31.07 -5.99
CA VAL I 36 13.52 -29.82 -5.40
C VAL I 36 13.30 -28.66 -6.34
N GLY I 37 13.57 -28.86 -7.65
CA GLY I 37 13.34 -27.78 -8.59
C GLY I 37 11.87 -27.36 -8.65
N MET I 38 10.97 -28.33 -8.68
CA MET I 38 9.55 -28.01 -8.71
C MET I 38 9.14 -27.24 -7.47
N GLY I 39 9.61 -27.69 -6.30
CA GLY I 39 9.26 -27.00 -5.07
C GLY I 39 9.78 -25.58 -5.05
N LEU I 40 11.02 -25.37 -5.48
CA LEU I 40 11.58 -24.03 -5.47
C LEU I 40 10.80 -23.11 -6.39
N ALA I 41 10.44 -23.59 -7.58
CA ALA I 41 9.68 -22.76 -8.50
C ALA I 41 8.34 -22.35 -7.91
N VAL I 42 7.58 -23.33 -7.42
CA VAL I 42 6.26 -23.03 -6.89
C VAL I 42 6.37 -22.07 -5.71
N GLY I 43 7.31 -22.33 -4.80
CA GLY I 43 7.41 -21.51 -3.61
C GLY I 43 7.82 -20.09 -3.90
N LEU I 44 8.83 -19.90 -4.75
CA LEU I 44 9.27 -18.55 -5.06
C LEU I 44 8.17 -17.78 -5.79
N ALA I 45 7.44 -18.45 -6.70
CA ALA I 45 6.34 -17.77 -7.37
C ALA I 45 5.28 -17.36 -6.37
N ALA I 46 4.95 -18.23 -5.42
CA ALA I 46 3.94 -17.90 -4.42
C ALA I 46 4.39 -16.70 -3.59
N LEU I 47 5.67 -16.66 -3.20
CA LEU I 47 6.16 -15.53 -2.42
C LEU I 47 6.05 -14.24 -3.21
N GLY I 48 6.39 -14.26 -4.50
CA GLY I 48 6.27 -13.05 -5.29
C GLY I 48 4.83 -12.58 -5.43
N THR I 49 3.91 -13.51 -5.68
CA THR I 49 2.50 -13.14 -5.78
C THR I 49 2.01 -12.54 -4.47
N GLY I 50 2.42 -13.12 -3.34
CA GLY I 50 2.05 -12.56 -2.06
C GLY I 50 2.62 -11.17 -1.84
N VAL I 51 3.87 -10.96 -2.25
CA VAL I 51 4.50 -9.66 -2.05
C VAL I 51 3.72 -8.58 -2.78
N ALA I 52 3.34 -8.84 -4.02
CA ALA I 52 2.57 -7.84 -4.76
C ALA I 52 1.16 -7.67 -4.16
N GLN I 53 0.46 -8.78 -3.94
CA GLN I 53 -0.90 -8.71 -3.44
C GLN I 53 -1.00 -8.00 -2.10
N ALA I 54 0.06 -8.03 -1.28
CA ALA I 54 0.00 -7.34 0.00
C ALA I 54 -0.31 -5.86 -0.14
N ARG I 55 0.59 -5.12 -0.78
CA ARG I 55 0.38 -3.68 -0.94
C ARG I 55 -0.84 -3.38 -1.80
N ILE I 56 -1.05 -4.17 -2.87
CA ILE I 56 -2.20 -3.89 -3.72
C ILE I 56 -3.50 -3.99 -2.93
N GLY I 57 -3.66 -5.08 -2.18
CA GLY I 57 -4.86 -5.26 -1.39
C GLY I 57 -5.00 -4.26 -0.27
N ALA I 58 -3.89 -3.84 0.33
CA ALA I 58 -3.98 -2.81 1.37
C ALA I 58 -4.55 -1.52 0.82
N ALA I 59 -3.99 -1.03 -0.28
CA ALA I 59 -4.49 0.20 -0.88
C ALA I 59 -5.95 0.03 -1.31
N GLY I 60 -6.28 -1.12 -1.88
CA GLY I 60 -7.65 -1.35 -2.30
C GLY I 60 -8.63 -1.36 -1.14
N VAL I 61 -8.25 -2.00 -0.04
CA VAL I 61 -9.13 -2.03 1.12
C VAL I 61 -9.35 -0.62 1.65
N GLY I 62 -8.29 0.18 1.70
CA GLY I 62 -8.45 1.56 2.14
C GLY I 62 -9.42 2.33 1.26
N ALA I 63 -9.25 2.24 -0.05
CA ALA I 63 -10.12 2.99 -0.97
C ALA I 63 -11.56 2.50 -0.90
N ILE I 64 -11.77 1.18 -0.81
CA ILE I 64 -13.11 0.64 -0.72
C ILE I 64 -13.76 1.05 0.58
N ALA I 65 -13.00 1.15 1.66
CA ALA I 65 -13.54 1.66 2.91
C ALA I 65 -13.96 3.11 2.78
N GLU I 66 -13.13 3.90 2.10
CA GLU I 66 -13.46 5.32 1.91
C GLU I 66 -14.72 5.48 1.07
N ASP I 67 -14.90 4.63 0.05
CA ASP I 67 -16.09 4.68 -0.78
C ASP I 67 -16.35 3.28 -1.30
N ARG I 68 -17.52 2.72 -0.95
CA ARG I 68 -17.83 1.33 -1.26
C ARG I 68 -18.21 1.15 -2.73
N SER I 69 -17.96 2.16 -3.55
CA SER I 69 -18.21 2.05 -4.98
C SER I 69 -16.98 1.60 -5.76
N ASN I 70 -15.78 1.76 -5.19
CA ASN I 70 -14.59 1.24 -5.84
C ASN I 70 -14.37 -0.25 -5.56
N PHE I 71 -15.39 -0.96 -5.06
CA PHE I 71 -15.26 -2.38 -4.80
C PHE I 71 -15.02 -3.18 -6.07
N GLY I 72 -15.27 -2.59 -7.22
CA GLY I 72 -14.95 -3.23 -8.47
C GLY I 72 -13.50 -3.03 -8.87
N THR I 73 -13.07 -1.77 -8.95
CA THR I 73 -11.70 -1.49 -9.37
C THR I 73 -10.69 -2.07 -8.40
N ALA I 74 -11.02 -2.11 -7.10
CA ALA I 74 -10.11 -2.70 -6.14
C ALA I 74 -9.88 -4.17 -6.42
N LEU I 75 -10.95 -4.95 -6.59
CA LEU I 75 -10.80 -6.37 -6.90
C LEU I 75 -10.11 -6.58 -8.24
N ILE I 76 -10.42 -5.74 -9.22
CA ILE I 76 -9.82 -5.90 -10.55
C ILE I 76 -8.32 -5.69 -10.48
N PHE I 77 -7.87 -4.64 -9.79
CA PHE I 77 -6.44 -4.41 -9.70
C PHE I 77 -5.77 -5.27 -8.62
N LEU I 78 -6.54 -6.01 -7.83
CA LEU I 78 -5.94 -6.89 -6.83
C LEU I 78 -5.80 -8.33 -7.30
N LEU I 79 -6.68 -8.81 -8.16
CA LEU I 79 -6.56 -10.19 -8.65
C LEU I 79 -5.62 -10.29 -9.84
N LEU I 80 -5.23 -9.18 -10.43
CA LEU I 80 -4.25 -9.20 -11.52
C LEU I 80 -2.89 -9.78 -11.13
N PRO I 81 -2.30 -9.46 -9.97
CA PRO I 81 -0.97 -10.01 -9.66
C PRO I 81 -0.93 -11.53 -9.55
N GLU I 82 -2.07 -12.19 -9.37
CA GLU I 82 -2.06 -13.63 -9.16
C GLU I 82 -1.57 -14.42 -10.36
N THR I 83 -1.12 -13.74 -11.42
CA THR I 83 -0.61 -14.46 -12.59
C THR I 83 0.70 -15.16 -12.31
N LEU I 84 1.51 -14.63 -11.39
CA LEU I 84 2.84 -15.20 -11.15
C LEU I 84 2.75 -16.62 -10.57
N VAL I 85 1.78 -16.87 -9.70
CA VAL I 85 1.63 -18.20 -9.12
C VAL I 85 1.35 -19.22 -10.22
N ILE I 86 0.46 -18.89 -11.15
CA ILE I 86 0.15 -19.80 -12.24
C ILE I 86 1.34 -19.95 -13.19
N PHE I 87 2.02 -18.84 -13.49
CA PHE I 87 3.18 -18.89 -14.37
C PHE I 87 4.36 -19.60 -13.75
N GLY I 88 4.33 -19.86 -12.45
CA GLY I 88 5.32 -20.74 -11.85
C GLY I 88 4.85 -22.18 -11.80
N LEU I 89 3.57 -22.38 -11.45
CA LEU I 89 3.02 -23.72 -11.40
C LEU I 89 3.06 -24.39 -12.77
N LEU I 90 3.11 -23.62 -13.85
CA LEU I 90 3.27 -24.22 -15.17
C LEU I 90 4.59 -24.97 -15.29
N ILE I 91 5.70 -24.28 -14.98
CA ILE I 91 7.00 -24.94 -15.04
C ILE I 91 7.07 -26.08 -14.04
N ALA I 92 6.43 -25.90 -12.87
CA ALA I 92 6.42 -26.97 -11.89
C ALA I 92 5.72 -28.21 -12.43
N PHE I 93 4.58 -28.05 -13.10
CA PHE I 93 3.88 -29.20 -13.66
C PHE I 93 4.65 -29.80 -14.83
N ILE I 94 5.36 -28.98 -15.61
CA ILE I 94 6.18 -29.53 -16.67
C ILE I 94 7.26 -30.44 -16.11
N LEU I 95 7.94 -29.99 -15.05
CA LEU I 95 8.95 -30.84 -14.43
C LEU I 95 8.31 -32.09 -13.83
N ASN I 96 7.14 -31.95 -13.19
CA ASN I 96 6.48 -33.12 -12.62
C ASN I 96 6.15 -34.14 -13.70
N GLY I 97 5.78 -33.68 -14.89
CA GLY I 97 5.59 -34.60 -15.99
C GLY I 97 6.88 -35.26 -16.43
N ARG I 98 7.95 -34.48 -16.53
CA ARG I 98 9.24 -35.03 -16.95
C ARG I 98 9.86 -35.95 -15.90
N LEU I 99 9.34 -35.98 -14.68
CA LEU I 99 9.83 -36.91 -13.67
C LEU I 99 9.15 -38.27 -13.79
N GLY J 27 20.42 -39.25 -17.25
CA GLY J 27 19.64 -39.30 -16.02
C GLY J 27 20.43 -38.90 -14.79
N GLY J 28 19.73 -38.75 -13.67
CA GLY J 28 20.38 -38.41 -12.42
C GLY J 28 20.64 -36.93 -12.26
N LEU J 29 21.82 -36.64 -11.71
CA LEU J 29 22.23 -35.25 -11.52
C LEU J 29 22.30 -34.50 -12.85
N ASP J 30 22.62 -35.19 -13.94
CA ASP J 30 22.78 -34.52 -15.23
C ASP J 30 21.51 -33.80 -15.65
N ARG J 31 20.34 -34.28 -15.23
CA ARG J 31 19.09 -33.61 -15.52
C ARG J 31 18.58 -32.82 -14.31
N GLY J 32 18.86 -33.33 -13.11
CA GLY J 32 18.39 -32.63 -11.92
C GLY J 32 18.99 -31.25 -11.76
N LEU J 33 20.28 -31.11 -12.04
CA LEU J 33 20.94 -29.82 -11.94
C LEU J 33 20.67 -28.93 -13.14
N ILE J 34 19.82 -29.37 -14.08
CA ILE J 34 19.25 -28.44 -15.04
C ILE J 34 17.86 -28.02 -14.59
N ALA J 35 17.10 -28.96 -14.03
CA ALA J 35 15.78 -28.63 -13.52
C ALA J 35 15.86 -27.59 -12.40
N VAL J 36 16.84 -27.74 -11.50
CA VAL J 36 16.98 -26.78 -10.41
C VAL J 36 17.30 -25.40 -10.96
N GLY J 37 18.17 -25.32 -11.98
CA GLY J 37 18.47 -24.02 -12.57
C GLY J 37 17.27 -23.37 -13.19
N MET J 38 16.46 -24.16 -13.91
CA MET J 38 15.25 -23.60 -14.50
C MET J 38 14.31 -23.08 -13.42
N GLY J 39 14.12 -23.86 -12.36
CA GLY J 39 13.26 -23.41 -11.28
C GLY J 39 13.74 -22.14 -10.63
N LEU J 40 15.06 -22.03 -10.42
CA LEU J 40 15.62 -20.82 -9.82
C LEU J 40 15.39 -19.62 -10.72
N ALA J 41 15.62 -19.76 -12.02
CA ALA J 41 15.42 -18.64 -12.94
C ALA J 41 13.97 -18.16 -12.91
N VAL J 42 13.02 -19.10 -13.01
CA VAL J 42 11.61 -18.71 -13.01
C VAL J 42 11.23 -18.05 -11.70
N GLY J 43 11.65 -18.64 -10.57
CA GLY J 43 11.24 -18.09 -9.29
C GLY J 43 11.83 -16.72 -9.01
N LEU J 44 13.11 -16.52 -9.33
CA LEU J 44 13.71 -15.23 -9.09
C LEU J 44 13.11 -14.16 -9.99
N ALA J 45 12.82 -14.49 -11.24
CA ALA J 45 12.13 -13.52 -12.09
C ALA J 45 10.76 -13.18 -11.52
N ALA J 46 10.04 -14.18 -11.01
CA ALA J 46 8.72 -13.93 -10.44
C ALA J 46 8.79 -13.00 -9.23
N LEU J 47 9.74 -13.24 -8.33
CA LEU J 47 9.87 -12.36 -7.17
C LEU J 47 10.25 -10.95 -7.59
N GLY J 48 11.14 -10.82 -8.57
CA GLY J 48 11.49 -9.50 -9.06
C GLY J 48 10.30 -8.75 -9.61
N THR J 49 9.47 -9.44 -10.40
CA THR J 49 8.28 -8.80 -10.93
C THR J 49 7.30 -8.42 -9.82
N GLY J 50 7.15 -9.27 -8.82
CA GLY J 50 6.25 -8.94 -7.72
C GLY J 50 6.69 -7.70 -6.97
N VAL J 51 7.99 -7.60 -6.68
CA VAL J 51 8.50 -6.41 -6.00
C VAL J 51 8.30 -5.18 -6.87
N ALA J 52 8.53 -5.31 -8.18
CA ALA J 52 8.35 -4.17 -9.07
C ALA J 52 6.89 -3.74 -9.14
N GLN J 53 5.97 -4.69 -9.01
CA GLN J 53 4.56 -4.41 -9.24
C GLN J 53 3.84 -3.91 -8.00
N ALA J 54 4.32 -4.24 -6.80
CA ALA J 54 3.57 -3.86 -5.60
C ALA J 54 3.41 -2.34 -5.49
N ARG J 55 4.52 -1.61 -5.56
CA ARG J 55 4.46 -0.16 -5.36
C ARG J 55 3.69 0.52 -6.48
N ILE J 56 3.95 0.14 -7.73
CA ILE J 56 3.24 0.75 -8.84
C ILE J 56 1.75 0.45 -8.76
N GLY J 57 1.38 -0.75 -8.32
CA GLY J 57 -0.03 -1.05 -8.17
C GLY J 57 -0.69 -0.20 -7.09
N ALA J 58 0.00 0.01 -5.97
CA ALA J 58 -0.57 0.87 -4.94
C ALA J 58 -0.75 2.29 -5.44
N ALA J 59 0.27 2.83 -6.11
CA ALA J 59 0.17 4.19 -6.63
C ALA J 59 -0.96 4.31 -7.65
N GLY J 60 -1.07 3.33 -8.53
CA GLY J 60 -2.14 3.36 -9.51
C GLY J 60 -3.51 3.28 -8.87
N VAL J 61 -3.67 2.44 -7.85
CA VAL J 61 -4.95 2.36 -7.17
C VAL J 61 -5.30 3.70 -6.55
N GLY J 62 -4.30 4.37 -5.97
CA GLY J 62 -4.56 5.69 -5.41
C GLY J 62 -5.01 6.69 -6.46
N ALA J 63 -4.30 6.74 -7.59
CA ALA J 63 -4.65 7.70 -8.63
C ALA J 63 -6.02 7.41 -9.25
N ILE J 64 -6.34 6.13 -9.45
CA ILE J 64 -7.65 5.78 -10.02
C ILE J 64 -8.76 6.11 -9.03
N ALA J 65 -8.53 5.90 -7.73
CA ALA J 65 -9.52 6.31 -6.75
C ALA J 65 -9.73 7.81 -6.77
N GLU J 66 -8.64 8.58 -6.90
CA GLU J 66 -8.77 10.03 -6.96
C GLU J 66 -9.53 10.48 -8.20
N ASP J 67 -9.27 9.84 -9.35
CA ASP J 67 -9.96 10.19 -10.58
C ASP J 67 -10.05 8.95 -11.46
N ARG J 68 -11.28 8.53 -11.77
CA ARG J 68 -11.50 7.32 -12.56
C ARG J 68 -11.14 7.48 -14.00
N SER J 69 -10.57 8.61 -14.40
CA SER J 69 -10.16 8.81 -15.79
C SER J 69 -8.70 8.47 -16.02
N ASN J 70 -8.00 7.96 -15.01
CA ASN J 70 -6.59 7.60 -15.13
C ASN J 70 -6.36 6.09 -15.16
N PHE J 71 -7.41 5.29 -15.30
CA PHE J 71 -7.25 3.84 -15.32
C PHE J 71 -6.36 3.41 -16.48
N GLY J 72 -6.39 4.11 -17.61
CA GLY J 72 -5.57 3.81 -18.77
C GLY J 72 -4.09 3.90 -18.46
N THR J 73 -3.63 5.01 -17.89
CA THR J 73 -2.23 5.15 -17.52
C THR J 73 -1.87 4.24 -16.36
N ALA J 74 -2.79 4.04 -15.42
CA ALA J 74 -2.53 3.16 -14.29
C ALA J 74 -2.23 1.74 -14.75
N LEU J 75 -3.09 1.18 -15.59
CA LEU J 75 -2.86 -0.18 -16.08
C LEU J 75 -1.62 -0.24 -16.96
N ILE J 76 -1.40 0.78 -17.80
CA ILE J 76 -0.24 0.76 -18.69
C ILE J 76 1.05 0.75 -17.89
N PHE J 77 1.10 1.47 -16.76
CA PHE J 77 2.30 1.44 -15.95
C PHE J 77 2.37 0.19 -15.06
N LEU J 78 1.22 -0.36 -14.67
CA LEU J 78 1.24 -1.51 -13.76
C LEU J 78 1.65 -2.79 -14.48
N LEU J 79 1.13 -3.03 -15.68
CA LEU J 79 1.40 -4.30 -16.34
C LEU J 79 2.68 -4.29 -17.15
N LEU J 80 3.42 -3.18 -17.17
CA LEU J 80 4.68 -3.16 -17.89
C LEU J 80 5.73 -4.11 -17.34
N PRO J 81 5.96 -4.22 -16.02
CA PRO J 81 7.07 -5.07 -15.54
C PRO J 81 6.85 -6.57 -15.73
N GLU J 82 5.78 -7.01 -16.37
CA GLU J 82 5.64 -8.44 -16.63
C GLU J 82 6.68 -8.93 -17.62
N THR J 83 7.38 -8.01 -18.29
CA THR J 83 8.45 -8.39 -19.20
C THR J 83 9.53 -9.20 -18.49
N LEU J 84 9.77 -8.93 -17.22
CA LEU J 84 10.76 -9.70 -16.48
C LEU J 84 10.37 -11.16 -16.38
N VAL J 85 9.14 -11.43 -15.96
CA VAL J 85 8.68 -12.82 -15.88
C VAL J 85 8.67 -13.44 -17.27
N ILE J 86 8.36 -12.66 -18.29
CA ILE J 86 8.36 -13.20 -19.65
C ILE J 86 9.75 -13.68 -20.04
N PHE J 87 10.75 -12.83 -19.84
CA PHE J 87 12.11 -13.22 -20.19
C PHE J 87 12.58 -14.41 -19.37
N GLY J 88 12.24 -14.44 -18.08
CA GLY J 88 12.59 -15.58 -17.26
C GLY J 88 11.99 -16.87 -17.77
N LEU J 89 10.71 -16.84 -18.13
CA LEU J 89 10.08 -18.02 -18.69
C LEU J 89 10.72 -18.42 -20.01
N LEU J 90 11.18 -17.44 -20.79
CA LEU J 90 11.87 -17.78 -22.04
C LEU J 90 13.15 -18.55 -21.75
N ILE J 91 13.93 -18.09 -20.78
CA ILE J 91 15.16 -18.80 -20.45
C ILE J 91 14.85 -20.18 -19.89
N ALA J 92 13.77 -20.30 -19.11
CA ALA J 92 13.38 -21.60 -18.57
C ALA J 92 13.01 -22.57 -19.69
N PHE J 93 12.25 -22.10 -20.68
CA PHE J 93 11.89 -22.96 -21.78
C PHE J 93 13.10 -23.34 -22.63
N ILE J 94 14.04 -22.41 -22.81
CA ILE J 94 15.26 -22.74 -23.54
C ILE J 94 16.02 -23.85 -22.82
N LEU J 95 16.12 -23.75 -21.50
CA LEU J 95 16.79 -24.80 -20.74
C LEU J 95 16.05 -26.13 -20.87
N ASN J 96 14.73 -26.11 -20.74
CA ASN J 96 13.96 -27.35 -20.88
C ASN J 96 14.13 -27.96 -22.26
N GLY J 97 14.30 -27.13 -23.29
CA GLY J 97 14.65 -27.65 -24.60
C GLY J 97 16.03 -28.28 -24.62
N ARG J 98 17.00 -27.61 -23.99
CA ARG J 98 18.36 -28.15 -23.94
C ARG J 98 18.43 -29.44 -23.15
N LEU J 99 17.43 -29.73 -22.33
CA LEU J 99 17.36 -31.01 -21.63
C LEU J 99 16.17 -31.83 -22.11
N GLY K 27 30.70 -34.22 -19.41
CA GLY K 27 29.28 -34.05 -19.19
C GLY K 27 28.89 -34.25 -17.74
N GLY K 28 27.66 -34.68 -17.52
CA GLY K 28 27.19 -34.90 -16.16
C GLY K 28 27.03 -33.59 -15.43
N LEU K 29 27.95 -33.32 -14.51
CA LEU K 29 27.88 -32.09 -13.73
C LEU K 29 28.22 -30.86 -14.57
N ASP K 30 29.08 -31.02 -15.59
CA ASP K 30 29.51 -29.87 -16.38
C ASP K 30 28.35 -29.19 -17.09
N ARG K 31 27.23 -29.89 -17.26
CA ARG K 31 26.06 -29.28 -17.89
C ARG K 31 25.15 -28.63 -16.85
N GLY K 32 24.81 -29.38 -15.80
CA GLY K 32 23.88 -28.86 -14.82
C GLY K 32 24.40 -27.62 -14.11
N LEU K 33 25.69 -27.60 -13.83
CA LEU K 33 26.26 -26.42 -13.18
C LEU K 33 26.17 -25.19 -14.08
N ILE K 34 26.39 -25.35 -15.39
CA ILE K 34 26.24 -24.23 -16.30
C ILE K 34 24.79 -23.76 -16.34
N ALA K 35 23.86 -24.73 -16.31
CA ALA K 35 22.44 -24.37 -16.29
C ALA K 35 22.09 -23.57 -15.03
N VAL K 36 22.59 -24.01 -13.87
CA VAL K 36 22.32 -23.29 -12.63
C VAL K 36 22.95 -21.90 -12.69
N GLY K 37 24.16 -21.80 -13.21
CA GLY K 37 24.80 -20.49 -13.33
C GLY K 37 23.97 -19.53 -14.16
N MET K 38 23.51 -19.99 -15.32
CA MET K 38 22.70 -19.14 -16.18
C MET K 38 21.39 -18.74 -15.50
N GLY K 39 20.71 -19.71 -14.89
CA GLY K 39 19.45 -19.40 -14.23
C GLY K 39 19.61 -18.39 -13.11
N LEU K 40 20.65 -18.57 -12.29
CA LEU K 40 20.89 -17.61 -11.22
C LEU K 40 21.19 -16.23 -11.76
N ALA K 41 21.99 -16.14 -12.82
CA ALA K 41 22.31 -14.83 -13.38
C ALA K 41 21.06 -14.12 -13.87
N VAL K 42 20.24 -14.82 -14.66
CA VAL K 42 19.04 -14.19 -15.20
C VAL K 42 18.10 -13.79 -14.07
N GLY K 43 17.90 -14.69 -13.11
CA GLY K 43 16.96 -14.39 -12.03
C GLY K 43 17.38 -13.20 -11.19
N LEU K 44 18.68 -13.13 -10.84
CA LEU K 44 19.14 -12.03 -10.03
C LEU K 44 19.07 -10.71 -10.80
N ALA K 45 19.37 -10.74 -12.09
CA ALA K 45 19.20 -9.51 -12.87
C ALA K 45 17.74 -9.07 -12.92
N ALA K 46 16.81 -10.03 -13.05
CA ALA K 46 15.40 -9.68 -13.01
C ALA K 46 15.01 -9.05 -11.68
N LEU K 47 15.50 -9.61 -10.58
CA LEU K 47 15.17 -9.02 -9.28
C LEU K 47 15.73 -7.61 -9.16
N GLY K 48 16.96 -7.38 -9.65
CA GLY K 48 17.50 -6.04 -9.60
C GLY K 48 16.67 -5.05 -10.39
N THR K 49 16.29 -5.41 -11.60
CA THR K 49 15.47 -4.52 -12.41
C THR K 49 14.14 -4.25 -11.74
N GLY K 50 13.51 -5.27 -11.18
CA GLY K 50 12.26 -5.05 -10.47
C GLY K 50 12.40 -4.10 -9.31
N VAL K 51 13.47 -4.25 -8.54
CA VAL K 51 13.69 -3.39 -7.38
C VAL K 51 13.79 -1.93 -7.81
N ALA K 52 14.55 -1.66 -8.88
CA ALA K 52 14.64 -0.26 -9.32
C ALA K 52 13.31 0.24 -9.91
N GLN K 53 12.66 -0.61 -10.70
CA GLN K 53 11.46 -0.20 -11.40
C GLN K 53 10.31 0.12 -10.45
N ALA K 54 10.25 -0.53 -9.29
CA ALA K 54 9.16 -0.21 -8.37
C ALA K 54 9.15 1.27 -8.01
N ARG K 55 10.28 1.78 -7.54
CA ARG K 55 10.35 3.18 -7.13
C ARG K 55 10.21 4.11 -8.34
N ILE K 56 10.93 3.83 -9.43
CA ILE K 56 10.86 4.76 -10.55
C ILE K 56 9.45 4.82 -11.11
N GLY K 57 8.78 3.68 -11.27
CA GLY K 57 7.43 3.68 -11.80
C GLY K 57 6.42 4.32 -10.87
N ALA K 58 6.58 4.14 -9.55
CA ALA K 58 5.67 4.81 -8.63
C ALA K 58 5.79 6.32 -8.74
N ALA K 59 7.02 6.83 -8.78
CA ALA K 59 7.21 8.28 -8.93
C ALA K 59 6.61 8.76 -10.24
N GLY K 60 6.83 8.02 -11.33
CA GLY K 60 6.27 8.43 -12.61
C GLY K 60 4.76 8.43 -12.61
N VAL K 61 4.13 7.43 -12.00
CA VAL K 61 2.67 7.39 -11.94
C VAL K 61 2.16 8.60 -11.19
N GLY K 62 2.79 8.93 -10.06
CA GLY K 62 2.38 10.12 -9.33
C GLY K 62 2.49 11.37 -10.17
N ALA K 63 3.61 11.54 -10.86
CA ALA K 63 3.82 12.75 -11.64
C ALA K 63 2.82 12.86 -12.79
N ILE K 64 2.54 11.74 -13.46
CA ILE K 64 1.62 11.79 -14.59
C ILE K 64 0.21 12.06 -14.11
N ALA K 65 -0.18 11.49 -12.97
CA ALA K 65 -1.49 11.80 -12.42
C ALA K 65 -1.58 13.26 -11.97
N GLU K 66 -0.46 13.86 -11.56
CA GLU K 66 -0.45 15.29 -11.28
C GLU K 66 -0.65 16.09 -12.55
N ASP K 67 0.02 15.71 -13.63
CA ASP K 67 -0.08 16.43 -14.90
C ASP K 67 0.23 15.48 -16.04
N ARG K 68 -0.60 15.46 -17.06
CA ARG K 68 -0.41 14.53 -18.18
C ARG K 68 0.65 14.99 -19.14
N SER K 69 1.39 16.05 -18.87
CA SER K 69 2.48 16.49 -19.73
C SER K 69 3.82 15.91 -19.31
N ASN K 70 3.84 15.03 -18.33
CA ASN K 70 5.07 14.40 -17.86
C ASN K 70 5.23 12.96 -18.35
N PHE K 71 4.32 12.47 -19.20
CA PHE K 71 4.40 11.10 -19.68
C PHE K 71 5.55 10.87 -20.63
N GLY K 72 6.23 11.93 -21.06
CA GLY K 72 7.47 11.76 -21.78
C GLY K 72 8.61 11.35 -20.86
N THR K 73 8.99 12.26 -19.97
CA THR K 73 10.07 11.99 -19.02
C THR K 73 9.70 10.95 -17.98
N ALA K 74 8.47 10.43 -18.01
CA ALA K 74 8.16 9.26 -17.20
C ALA K 74 8.81 8.03 -17.80
N LEU K 75 8.42 7.66 -19.01
CA LEU K 75 9.01 6.48 -19.64
C LEU K 75 10.47 6.70 -19.99
N ILE K 76 10.85 7.93 -20.37
CA ILE K 76 12.21 8.23 -20.81
C ILE K 76 13.21 8.05 -19.70
N PHE K 77 12.74 7.69 -18.51
CA PHE K 77 13.61 7.34 -17.40
C PHE K 77 13.23 5.98 -16.84
N LEU K 78 11.95 5.61 -16.92
CA LEU K 78 11.55 4.31 -16.41
C LEU K 78 12.08 3.17 -17.26
N LEU K 79 12.47 3.44 -18.51
CA LEU K 79 12.99 2.38 -19.36
C LEU K 79 14.50 2.23 -19.24
N LEU K 80 15.22 3.25 -18.79
CA LEU K 80 16.67 3.14 -18.69
C LEU K 80 17.16 1.99 -17.81
N PRO K 81 16.54 1.65 -16.67
CA PRO K 81 17.03 0.52 -15.89
C PRO K 81 16.95 -0.82 -16.61
N GLU K 82 16.32 -0.90 -17.78
CA GLU K 82 16.26 -2.16 -18.51
C GLU K 82 17.63 -2.59 -19.02
N THR K 83 18.60 -1.68 -19.06
CA THR K 83 19.97 -2.08 -19.37
C THR K 83 20.52 -3.06 -18.36
N LEU K 84 20.11 -2.94 -17.08
CA LEU K 84 20.55 -3.85 -16.03
C LEU K 84 19.99 -5.26 -16.22
N VAL K 85 18.99 -5.45 -17.07
CA VAL K 85 18.53 -6.78 -17.43
C VAL K 85 19.07 -7.20 -18.79
N ILE K 86 19.32 -6.23 -19.66
CA ILE K 86 19.92 -6.54 -20.95
C ILE K 86 21.30 -7.15 -20.75
N PHE K 87 22.09 -6.61 -19.83
CA PHE K 87 23.41 -7.18 -19.58
C PHE K 87 23.32 -8.62 -19.06
N GLY K 88 22.38 -8.87 -18.15
CA GLY K 88 22.19 -10.23 -17.66
C GLY K 88 21.77 -11.19 -18.75
N LEU K 89 20.86 -10.75 -19.64
CA LEU K 89 20.47 -11.60 -20.76
C LEU K 89 21.64 -11.85 -21.71
N LEU K 90 22.53 -10.86 -21.86
CA LEU K 90 23.72 -11.07 -22.69
C LEU K 90 24.62 -12.13 -22.08
N ILE K 91 24.83 -12.08 -20.76
CA ILE K 91 25.63 -13.11 -20.12
C ILE K 91 24.97 -14.48 -20.29
N ALA K 92 23.65 -14.53 -20.17
CA ALA K 92 22.94 -15.79 -20.34
C ALA K 92 23.12 -16.33 -21.75
N PHE K 93 23.03 -15.46 -22.75
CA PHE K 93 23.20 -15.91 -24.13
C PHE K 93 24.62 -16.42 -24.39
N ILE K 94 25.62 -15.73 -23.84
CA ILE K 94 26.99 -16.20 -24.01
C ILE K 94 27.17 -17.57 -23.37
N LEU K 95 26.61 -17.77 -22.18
CA LEU K 95 26.69 -19.08 -21.55
C LEU K 95 25.98 -20.15 -22.38
N ASN K 96 24.79 -19.85 -22.89
CA ASN K 96 24.08 -20.82 -23.72
C ASN K 96 24.83 -21.13 -25.01
N GLY K 97 25.55 -20.16 -25.55
CA GLY K 97 26.39 -20.42 -26.69
C GLY K 97 27.51 -21.37 -26.35
N ARG K 98 28.21 -21.11 -25.25
CA ARG K 98 29.29 -22.01 -24.87
C ARG K 98 28.79 -23.36 -24.37
N LEU K 99 27.49 -23.51 -24.14
CA LEU K 99 26.94 -24.80 -23.73
C LEU K 99 26.47 -25.61 -24.93
N GLY L 27 36.61 -30.43 -18.18
CA GLY L 27 36.44 -31.68 -17.45
C GLY L 27 35.02 -31.80 -16.89
N GLY L 28 34.89 -31.98 -15.61
CA GLY L 28 33.59 -32.07 -14.97
C GLY L 28 33.14 -30.78 -14.33
N LEU L 29 33.46 -30.62 -13.05
CA LEU L 29 33.09 -29.39 -12.36
C LEU L 29 33.96 -28.21 -12.77
N ASP L 30 35.11 -28.47 -13.39
CA ASP L 30 36.11 -27.44 -13.63
C ASP L 30 35.59 -26.31 -14.50
N ARG L 31 34.53 -26.55 -15.27
CA ARG L 31 33.91 -25.50 -16.08
C ARG L 31 32.58 -25.04 -15.50
N GLY L 32 31.78 -25.97 -14.99
CA GLY L 32 30.48 -25.62 -14.46
C GLY L 32 30.56 -24.69 -13.27
N LEU L 33 31.51 -24.93 -12.37
CA LEU L 33 31.64 -24.04 -11.22
C LEU L 33 32.10 -22.65 -11.64
N ILE L 34 32.95 -22.56 -12.66
CA ILE L 34 33.32 -21.24 -13.20
C ILE L 34 32.10 -20.54 -13.77
N ALA L 35 31.24 -21.27 -14.47
CA ALA L 35 30.01 -20.69 -14.98
C ALA L 35 29.15 -20.16 -13.85
N VAL L 36 29.01 -20.94 -12.77
CA VAL L 36 28.21 -20.51 -11.63
C VAL L 36 28.80 -19.26 -11.02
N GLY L 37 30.13 -19.19 -10.93
CA GLY L 37 30.76 -18.01 -10.38
C GLY L 37 30.47 -16.77 -11.20
N MET L 38 30.57 -16.89 -12.52
CA MET L 38 30.27 -15.75 -13.38
C MET L 38 28.81 -15.32 -13.22
N GLY L 39 27.89 -16.28 -13.17
CA GLY L 39 26.48 -15.94 -13.03
C GLY L 39 26.18 -15.22 -11.73
N LEU L 40 26.73 -15.73 -10.62
CA LEU L 40 26.52 -15.08 -9.34
C LEU L 40 27.11 -13.67 -9.32
N ALA L 41 28.30 -13.50 -9.89
CA ALA L 41 28.90 -12.17 -9.94
C ALA L 41 27.99 -11.18 -10.66
N VAL L 42 27.56 -11.53 -11.87
CA VAL L 42 26.73 -10.61 -12.65
C VAL L 42 25.43 -10.33 -11.91
N GLY L 43 24.81 -11.36 -11.33
CA GLY L 43 23.54 -11.16 -10.67
C GLY L 43 23.63 -10.24 -9.48
N LEU L 44 24.64 -10.44 -8.63
CA LEU L 44 24.75 -9.59 -7.44
C LEU L 44 25.10 -8.15 -7.82
N ALA L 45 25.99 -7.94 -8.80
CA ALA L 45 26.31 -6.58 -9.22
C ALA L 45 25.12 -5.89 -9.88
N ALA L 46 24.25 -6.62 -10.58
CA ALA L 46 23.03 -6.03 -11.13
C ALA L 46 22.06 -5.65 -10.02
N LEU L 47 21.95 -6.51 -8.99
CA LEU L 47 21.10 -6.17 -7.86
C LEU L 47 21.57 -4.90 -7.18
N GLY L 48 22.88 -4.75 -7.02
CA GLY L 48 23.39 -3.53 -6.40
C GLY L 48 23.07 -2.29 -7.21
N THR L 49 23.30 -2.33 -8.52
CA THR L 49 23.02 -1.21 -9.40
C THR L 49 21.53 -0.88 -9.47
N GLY L 50 20.63 -1.87 -9.37
CA GLY L 50 19.20 -1.60 -9.27
C GLY L 50 18.81 -0.97 -7.95
N VAL L 51 19.42 -1.43 -6.86
CA VAL L 51 19.12 -0.86 -5.54
C VAL L 51 19.47 0.62 -5.52
N ALA L 52 20.63 0.98 -6.06
CA ALA L 52 21.05 2.37 -6.25
C ALA L 52 20.07 3.13 -7.16
N GLN L 53 19.75 2.57 -8.32
CA GLN L 53 18.91 3.25 -9.31
C GLN L 53 17.49 3.51 -8.80
N ALA L 54 16.95 2.74 -7.87
CA ALA L 54 15.57 2.96 -7.42
C ALA L 54 15.40 4.35 -6.81
N ARG L 55 16.12 4.62 -5.72
CA ARG L 55 16.02 5.91 -5.06
C ARG L 55 16.52 7.03 -5.96
N ILE L 56 17.67 6.87 -6.62
CA ILE L 56 18.24 7.97 -7.43
C ILE L 56 17.36 8.30 -8.63
N GLY L 57 16.62 7.32 -9.17
CA GLY L 57 15.63 7.51 -10.22
C GLY L 57 14.35 8.17 -9.71
N ALA L 58 13.88 7.81 -8.52
CA ALA L 58 12.69 8.41 -7.94
C ALA L 58 12.91 9.90 -7.69
N ALA L 59 14.06 10.24 -7.10
CA ALA L 59 14.35 11.65 -6.86
C ALA L 59 14.47 12.41 -8.17
N GLY L 60 15.09 11.81 -9.18
CA GLY L 60 15.19 12.47 -10.47
C GLY L 60 13.83 12.75 -11.09
N VAL L 61 12.94 11.77 -11.05
CA VAL L 61 11.61 11.95 -11.63
C VAL L 61 10.87 13.05 -10.91
N GLY L 62 10.95 13.07 -9.57
CA GLY L 62 10.29 14.11 -8.82
C GLY L 62 10.81 15.50 -9.17
N ALA L 63 12.13 15.65 -9.19
CA ALA L 63 12.70 16.96 -9.47
C ALA L 63 12.38 17.43 -10.88
N ILE L 64 12.45 16.52 -11.85
CA ILE L 64 12.14 16.90 -13.22
C ILE L 64 10.68 17.29 -13.35
N ALA L 65 9.76 16.53 -12.74
CA ALA L 65 8.35 16.87 -12.82
C ALA L 65 8.07 18.21 -12.16
N GLU L 66 8.76 18.53 -11.06
CA GLU L 66 8.58 19.85 -10.46
C GLU L 66 9.11 20.94 -11.39
N ASP L 67 10.33 20.79 -11.88
CA ASP L 67 10.92 21.75 -12.79
C ASP L 67 11.74 21.03 -13.85
N ARG L 68 11.54 21.40 -15.11
CA ARG L 68 12.24 20.76 -16.21
C ARG L 68 13.63 21.32 -16.43
N SER L 69 14.11 22.19 -15.55
CA SER L 69 15.43 22.78 -15.72
C SER L 69 16.55 21.95 -15.13
N ASN L 70 16.22 20.93 -14.34
CA ASN L 70 17.22 20.09 -13.68
C ASN L 70 17.38 18.75 -14.36
N PHE L 71 16.94 18.62 -15.62
CA PHE L 71 16.97 17.33 -16.29
C PHE L 71 18.40 16.82 -16.46
N GLY L 72 19.33 17.70 -16.80
CA GLY L 72 20.70 17.28 -17.05
C GLY L 72 21.41 16.72 -15.83
N THR L 73 21.34 17.46 -14.72
CA THR L 73 21.90 17.03 -13.47
C THR L 73 21.19 15.78 -12.94
N ALA L 74 19.86 15.69 -13.08
CA ALA L 74 19.12 14.49 -12.70
C ALA L 74 19.54 13.25 -13.50
N LEU L 75 19.78 13.38 -14.82
CA LEU L 75 20.26 12.28 -15.66
C LEU L 75 21.68 11.83 -15.29
N ILE L 76 22.63 12.75 -15.10
CA ILE L 76 23.99 12.40 -14.66
C ILE L 76 24.01 11.72 -13.29
N PHE L 77 23.17 12.14 -12.35
CA PHE L 77 22.98 11.45 -11.07
C PHE L 77 22.27 10.09 -11.19
N LEU L 78 21.55 9.82 -12.27
CA LEU L 78 21.00 8.49 -12.58
C LEU L 78 22.04 7.55 -13.18
N LEU L 79 22.89 8.05 -14.08
CA LEU L 79 23.84 7.24 -14.84
C LEU L 79 25.05 6.80 -14.03
N LEU L 80 25.62 7.65 -13.18
CA LEU L 80 26.83 7.34 -12.42
C LEU L 80 26.85 5.99 -11.70
N PRO L 81 25.83 5.58 -10.93
CA PRO L 81 25.83 4.27 -10.24
C PRO L 81 25.76 3.05 -11.16
N GLU L 82 25.45 3.21 -12.44
CA GLU L 82 25.59 2.12 -13.42
C GLU L 82 27.06 1.71 -13.65
N THR L 83 28.05 2.49 -13.22
CA THR L 83 29.44 2.06 -13.18
C THR L 83 29.67 0.82 -12.32
N LEU L 84 28.78 0.52 -11.35
CA LEU L 84 28.79 -0.74 -10.61
C LEU L 84 28.51 -1.96 -11.50
N VAL L 85 27.45 -1.94 -12.32
CA VAL L 85 27.16 -2.98 -13.29
C VAL L 85 28.19 -3.03 -14.42
N ILE L 86 28.77 -1.90 -14.82
CA ILE L 86 29.86 -1.87 -15.79
C ILE L 86 31.12 -2.56 -15.27
N PHE L 87 31.49 -2.34 -14.00
CA PHE L 87 32.59 -3.05 -13.37
C PHE L 87 32.29 -4.55 -13.22
N GLY L 88 31.10 -4.91 -12.77
CA GLY L 88 30.69 -6.31 -12.56
C GLY L 88 30.74 -7.15 -13.83
N LEU L 89 30.25 -6.64 -14.95
CA LEU L 89 30.30 -7.35 -16.24
C LEU L 89 31.72 -7.50 -16.81
N LEU L 90 32.64 -6.59 -16.51
CA LEU L 90 34.06 -6.75 -16.88
C LEU L 90 34.67 -7.96 -16.19
N ILE L 91 34.39 -8.13 -14.89
CA ILE L 91 34.94 -9.28 -14.17
C ILE L 91 34.39 -10.58 -14.73
N ALA L 92 33.08 -10.62 -15.00
CA ALA L 92 32.50 -11.83 -15.57
C ALA L 92 33.11 -12.16 -16.91
N PHE L 93 33.34 -11.14 -17.74
CA PHE L 93 33.95 -11.37 -19.04
C PHE L 93 35.36 -11.91 -18.89
N ILE L 94 36.12 -11.39 -17.92
CA ILE L 94 37.48 -11.88 -17.71
C ILE L 94 37.45 -13.36 -17.34
N LEU L 95 36.55 -13.74 -16.43
CA LEU L 95 36.46 -15.14 -16.04
C LEU L 95 36.05 -16.01 -17.23
N ASN L 96 35.09 -15.54 -18.04
CA ASN L 96 34.65 -16.32 -19.19
C ASN L 96 35.77 -16.50 -20.20
N GLY L 97 36.54 -15.44 -20.46
CA GLY L 97 37.68 -15.58 -21.34
C GLY L 97 38.70 -16.56 -20.80
N ARG L 98 38.86 -16.60 -19.47
CA ARG L 98 39.71 -17.62 -18.87
C ARG L 98 39.15 -19.02 -19.12
N LEU L 99 37.83 -19.14 -19.23
CA LEU L 99 37.22 -20.44 -19.54
C LEU L 99 37.63 -20.91 -20.93
N GLY M 27 41.37 -34.10 -10.75
CA GLY M 27 40.22 -33.28 -10.43
C GLY M 27 40.25 -31.92 -11.12
N GLY M 28 39.11 -31.24 -11.10
CA GLY M 28 39.02 -29.92 -11.69
C GLY M 28 38.36 -28.89 -10.80
N LEU M 29 37.98 -29.29 -9.59
CA LEU M 29 37.19 -28.42 -8.72
C LEU M 29 37.99 -27.23 -8.21
N ASP M 30 39.30 -27.20 -8.41
CA ASP M 30 40.12 -26.11 -7.86
C ASP M 30 39.72 -24.78 -8.48
N ARG M 31 39.98 -24.60 -9.77
CA ARG M 31 39.67 -23.33 -10.41
C ARG M 31 38.17 -23.06 -10.45
N GLY M 32 37.35 -24.10 -10.47
CA GLY M 32 35.91 -23.91 -10.45
C GLY M 32 35.44 -23.18 -9.20
N LEU M 33 35.93 -23.60 -8.04
CA LEU M 33 35.59 -22.91 -6.79
C LEU M 33 36.31 -21.58 -6.68
N ILE M 34 37.54 -21.50 -7.19
CA ILE M 34 38.27 -20.23 -7.18
C ILE M 34 37.50 -19.18 -7.97
N ALA M 35 36.73 -19.60 -8.97
CA ALA M 35 35.93 -18.65 -9.73
C ALA M 35 34.75 -18.13 -8.91
N VAL M 36 34.01 -19.04 -8.26
CA VAL M 36 32.86 -18.64 -7.48
C VAL M 36 33.28 -17.72 -6.35
N GLY M 37 34.48 -17.89 -5.83
CA GLY M 37 34.95 -16.98 -4.79
C GLY M 37 35.03 -15.54 -5.27
N MET M 38 35.73 -15.31 -6.39
CA MET M 38 35.84 -13.96 -6.92
C MET M 38 34.47 -13.42 -7.35
N GLY M 39 33.60 -14.30 -7.86
CA GLY M 39 32.26 -13.86 -8.19
C GLY M 39 31.50 -13.35 -7.00
N LEU M 40 31.53 -14.10 -5.89
CA LEU M 40 30.86 -13.66 -4.67
C LEU M 40 31.45 -12.35 -4.18
N ALA M 41 32.78 -12.22 -4.23
CA ALA M 41 33.42 -11.01 -3.76
C ALA M 41 32.94 -9.80 -4.55
N VAL M 42 33.04 -9.86 -5.88
CA VAL M 42 32.68 -8.71 -6.69
C VAL M 42 31.21 -8.39 -6.56
N GLY M 43 30.35 -9.42 -6.55
CA GLY M 43 28.93 -9.16 -6.46
C GLY M 43 28.55 -8.51 -5.15
N LEU M 44 29.09 -9.00 -4.03
CA LEU M 44 28.74 -8.42 -2.74
C LEU M 44 29.28 -7.00 -2.61
N ALA M 45 30.49 -6.74 -3.12
CA ALA M 45 31.01 -5.38 -3.09
C ALA M 45 30.13 -4.44 -3.89
N ALA M 46 29.68 -4.84 -5.08
CA ALA M 46 28.83 -4.01 -5.90
C ALA M 46 27.50 -3.77 -5.20
N LEU M 47 26.92 -4.76 -4.52
CA LEU M 47 25.68 -4.56 -3.78
C LEU M 47 25.87 -3.52 -2.69
N GLY M 48 26.99 -3.59 -1.98
CA GLY M 48 27.23 -2.62 -0.91
C GLY M 48 27.39 -1.20 -1.42
N THR M 49 28.19 -1.03 -2.47
CA THR M 49 28.38 0.31 -3.02
C THR M 49 27.06 0.89 -3.51
N GLY M 50 26.21 0.04 -4.12
CA GLY M 50 24.88 0.43 -4.55
C GLY M 50 23.96 0.80 -3.39
N VAL M 51 24.04 0.09 -2.28
CA VAL M 51 23.23 0.37 -1.10
C VAL M 51 23.59 1.73 -0.53
N ALA M 52 24.86 2.08 -0.54
CA ALA M 52 25.26 3.42 -0.09
C ALA M 52 24.80 4.48 -1.07
N GLN M 53 25.13 4.29 -2.35
CA GLN M 53 24.89 5.27 -3.39
C GLN M 53 23.41 5.65 -3.56
N ALA M 54 22.46 4.82 -3.12
CA ALA M 54 21.04 5.17 -3.23
C ALA M 54 20.72 6.42 -2.41
N ARG M 55 20.86 6.34 -1.09
CA ARG M 55 20.55 7.49 -0.24
C ARG M 55 21.53 8.63 -0.48
N ILE M 56 22.82 8.31 -0.57
CA ILE M 56 23.79 9.39 -0.67
C ILE M 56 23.67 10.12 -1.99
N GLY M 57 22.87 9.61 -2.92
CA GLY M 57 22.62 10.31 -4.15
C GLY M 57 21.26 10.97 -4.21
N ALA M 58 20.25 10.36 -3.57
CA ALA M 58 18.95 11.01 -3.51
C ALA M 58 19.05 12.35 -2.78
N ALA M 59 19.78 12.37 -1.65
CA ALA M 59 19.95 13.64 -0.95
C ALA M 59 20.66 14.66 -1.81
N GLY M 60 21.69 14.24 -2.54
CA GLY M 60 22.40 15.17 -3.40
C GLY M 60 21.52 15.70 -4.52
N VAL M 61 20.64 14.86 -5.07
CA VAL M 61 19.72 15.31 -6.11
C VAL M 61 18.78 16.37 -5.57
N GLY M 62 18.26 16.15 -4.36
CA GLY M 62 17.43 17.17 -3.75
C GLY M 62 18.16 18.49 -3.57
N ALA M 63 19.38 18.42 -3.06
CA ALA M 63 20.15 19.64 -2.82
C ALA M 63 20.44 20.37 -4.13
N ILE M 64 20.79 19.61 -5.17
CA ILE M 64 21.07 20.22 -6.45
C ILE M 64 19.82 20.89 -7.01
N ALA M 65 18.66 20.25 -6.84
CA ALA M 65 17.42 20.86 -7.30
C ALA M 65 17.14 22.17 -6.58
N GLU M 66 17.33 22.18 -5.25
CA GLU M 66 17.08 23.41 -4.50
C GLU M 66 18.04 24.52 -4.92
N ASP M 67 19.32 24.20 -5.13
CA ASP M 67 20.27 25.19 -5.62
C ASP M 67 21.34 24.47 -6.41
N ARG M 68 21.48 24.84 -7.68
CA ARG M 68 22.40 24.13 -8.58
C ARG M 68 23.83 24.14 -8.05
N SER M 69 24.18 25.14 -7.24
CA SER M 69 25.53 25.19 -6.67
C SER M 69 25.78 24.08 -5.66
N ASN M 70 24.75 23.34 -5.25
CA ASN M 70 24.95 22.20 -4.37
C ASN M 70 25.49 20.98 -5.12
N PHE M 71 25.43 20.99 -6.46
CA PHE M 71 25.88 19.84 -7.22
C PHE M 71 27.36 19.54 -7.00
N GLY M 72 28.17 20.59 -6.79
CA GLY M 72 29.59 20.38 -6.61
C GLY M 72 29.91 19.49 -5.42
N THR M 73 29.27 19.76 -4.28
CA THR M 73 29.45 18.90 -3.12
C THR M 73 28.69 17.61 -3.27
N ALA M 74 27.57 17.62 -3.99
CA ALA M 74 26.81 16.38 -4.16
C ALA M 74 27.61 15.33 -4.92
N LEU M 75 28.42 15.77 -5.90
CA LEU M 75 29.24 14.82 -6.64
C LEU M 75 30.29 14.18 -5.75
N ILE M 76 30.98 14.99 -4.94
CA ILE M 76 31.97 14.42 -4.03
C ILE M 76 31.29 13.56 -2.99
N PHE M 77 30.00 13.78 -2.76
CA PHE M 77 29.26 12.92 -1.84
C PHE M 77 28.90 11.58 -2.47
N LEU M 78 28.55 11.57 -3.75
CA LEU M 78 28.14 10.32 -4.40
C LEU M 78 29.31 9.55 -4.99
N LEU M 79 30.49 10.15 -5.07
CA LEU M 79 31.64 9.45 -5.62
C LEU M 79 32.44 8.71 -4.56
N LEU M 80 32.34 9.11 -3.30
CA LEU M 80 33.04 8.38 -2.25
C LEU M 80 32.63 6.92 -2.14
N PRO M 81 31.36 6.53 -2.21
CA PRO M 81 31.00 5.12 -2.03
C PRO M 81 31.54 4.17 -3.08
N GLU M 82 32.35 4.64 -4.04
CA GLU M 82 32.96 3.71 -4.99
C GLU M 82 34.12 2.96 -4.36
N THR M 83 34.57 3.37 -3.18
CA THR M 83 35.75 2.82 -2.53
C THR M 83 35.51 1.45 -1.92
N LEU M 84 34.39 0.79 -2.22
CA LEU M 84 34.19 -0.59 -1.81
C LEU M 84 34.16 -1.53 -3.02
N VAL M 85 33.46 -1.16 -4.10
CA VAL M 85 33.55 -1.85 -5.38
C VAL M 85 34.96 -1.73 -5.94
N ILE M 86 35.68 -0.65 -5.67
CA ILE M 86 37.07 -0.50 -6.08
C ILE M 86 38.03 -1.28 -5.21
N PHE M 87 37.52 -2.04 -4.23
CA PHE M 87 38.33 -3.00 -3.50
C PHE M 87 37.91 -4.43 -3.80
N GLY M 88 36.60 -4.64 -3.97
CA GLY M 88 36.12 -5.94 -4.42
C GLY M 88 36.69 -6.32 -5.77
N LEU M 89 36.83 -5.33 -6.67
CA LEU M 89 37.50 -5.60 -7.94
C LEU M 89 38.93 -6.01 -7.73
N LEU M 90 39.65 -5.38 -6.80
CA LEU M 90 41.04 -5.76 -6.55
C LEU M 90 41.14 -7.19 -6.05
N ILE M 91 40.26 -7.58 -5.12
CA ILE M 91 40.32 -8.94 -4.60
C ILE M 91 39.96 -9.94 -5.70
N ALA M 92 38.95 -9.63 -6.52
CA ALA M 92 38.63 -10.52 -7.62
C ALA M 92 39.78 -10.62 -8.61
N PHE M 93 40.49 -9.51 -8.84
CA PHE M 93 41.64 -9.54 -9.73
C PHE M 93 42.74 -10.42 -9.17
N ILE M 94 42.99 -10.35 -7.86
CA ILE M 94 44.01 -11.20 -7.26
C ILE M 94 43.63 -12.67 -7.38
N LEU M 95 42.37 -12.98 -7.08
CA LEU M 95 41.92 -14.37 -7.17
C LEU M 95 42.01 -14.89 -8.60
N ASN M 96 41.65 -14.07 -9.58
CA ASN M 96 41.81 -14.48 -10.97
C ASN M 96 43.28 -14.66 -11.33
N GLY M 97 44.14 -13.80 -10.79
CA GLY M 97 45.57 -13.94 -11.04
C GLY M 97 46.11 -15.26 -10.53
N ARG M 98 45.60 -15.71 -9.38
CA ARG M 98 45.98 -17.02 -8.87
C ARG M 98 45.20 -18.15 -9.54
N LEU M 99 44.59 -17.91 -10.70
CA LEU M 99 43.90 -18.95 -11.44
C LEU M 99 44.68 -19.32 -12.70
N GLY N 27 46.44 -24.85 -4.62
CA GLY N 27 45.81 -25.71 -5.61
C GLY N 27 44.90 -26.77 -5.02
N GLY N 28 43.94 -27.24 -5.81
CA GLY N 28 43.03 -28.28 -5.38
C GLY N 28 41.73 -27.73 -4.80
N LEU N 29 40.89 -28.67 -4.37
CA LEU N 29 39.64 -28.30 -3.73
C LEU N 29 39.88 -27.47 -2.49
N ASP N 30 40.98 -27.74 -1.77
CA ASP N 30 41.32 -26.91 -0.61
C ASP N 30 41.51 -25.45 -1.03
N ARG N 31 42.31 -25.22 -2.07
CA ARG N 31 42.52 -23.85 -2.53
C ARG N 31 41.21 -23.22 -3.03
N GLY N 32 40.39 -24.01 -3.71
CA GLY N 32 39.13 -23.49 -4.19
C GLY N 32 38.21 -23.04 -3.06
N LEU N 33 38.05 -23.89 -2.06
CA LEU N 33 37.22 -23.51 -0.93
C LEU N 33 37.80 -22.33 -0.18
N ILE N 34 39.13 -22.26 -0.10
CA ILE N 34 39.75 -21.12 0.56
C ILE N 34 39.43 -19.84 -0.20
N ALA N 35 39.46 -19.90 -1.53
CA ALA N 35 39.12 -18.72 -2.33
C ALA N 35 37.67 -18.32 -2.12
N VAL N 36 36.76 -19.29 -2.08
CA VAL N 36 35.36 -18.97 -1.81
C VAL N 36 35.22 -18.28 -0.47
N GLY N 37 35.91 -18.79 0.55
CA GLY N 37 35.82 -18.18 1.87
C GLY N 37 36.35 -16.76 1.90
N MET N 38 37.52 -16.54 1.29
CA MET N 38 38.08 -15.18 1.26
C MET N 38 37.13 -14.22 0.56
N GLY N 39 36.57 -14.64 -0.57
CA GLY N 39 35.63 -13.79 -1.27
C GLY N 39 34.42 -13.47 -0.41
N LEU N 40 33.87 -14.49 0.26
CA LEU N 40 32.69 -14.24 1.08
C LEU N 40 32.98 -13.24 2.17
N ALA N 41 34.13 -13.36 2.82
CA ALA N 41 34.47 -12.45 3.90
C ALA N 41 34.56 -11.01 3.40
N VAL N 42 35.37 -10.80 2.35
CA VAL N 42 35.55 -9.43 1.87
C VAL N 42 34.23 -8.85 1.39
N GLY N 43 33.45 -9.64 0.67
CA GLY N 43 32.19 -9.15 0.16
C GLY N 43 31.18 -8.79 1.22
N LEU N 44 31.00 -9.66 2.22
CA LEU N 44 30.06 -9.35 3.27
C LEU N 44 30.50 -8.10 4.03
N ALA N 45 31.80 -7.97 4.29
CA ALA N 45 32.27 -6.78 4.99
C ALA N 45 31.98 -5.52 4.18
N ALA N 46 32.19 -5.57 2.87
CA ALA N 46 31.89 -4.42 2.04
C ALA N 46 30.40 -4.09 2.04
N LEU N 47 29.54 -5.11 2.01
CA LEU N 47 28.11 -4.85 2.08
C LEU N 47 27.74 -4.15 3.39
N GLY N 48 28.34 -4.59 4.50
CA GLY N 48 28.05 -3.94 5.77
C GLY N 48 28.49 -2.49 5.80
N THR N 49 29.71 -2.22 5.32
CA THR N 49 30.19 -0.85 5.28
C THR N 49 29.29 0.02 4.41
N GLY N 50 28.84 -0.53 3.28
CA GLY N 50 27.93 0.23 2.43
C GLY N 50 26.63 0.53 3.14
N VAL N 51 26.09 -0.45 3.85
CA VAL N 51 24.81 -0.24 4.53
C VAL N 51 24.92 0.91 5.52
N ALA N 52 26.04 0.98 6.24
CA ALA N 52 26.22 2.09 7.17
C ALA N 52 26.36 3.41 6.42
N GLN N 53 27.27 3.45 5.45
CA GLN N 53 27.55 4.69 4.74
C GLN N 53 26.34 5.25 4.03
N ALA N 54 25.34 4.44 3.72
CA ALA N 54 24.14 4.96 3.07
C ALA N 54 23.46 6.05 3.91
N ARG N 55 22.93 5.66 5.06
CA ARG N 55 22.22 6.62 5.89
C ARG N 55 23.17 7.69 6.41
N ILE N 56 24.41 7.32 6.76
CA ILE N 56 25.29 8.36 7.25
C ILE N 56 25.52 9.42 6.18
N GLY N 57 25.73 9.01 4.92
CA GLY N 57 25.96 9.98 3.87
C GLY N 57 24.74 10.82 3.58
N ALA N 58 23.55 10.23 3.63
CA ALA N 58 22.36 11.03 3.37
C ALA N 58 22.22 12.14 4.42
N ALA N 59 22.32 11.79 5.69
CA ALA N 59 22.19 12.81 6.73
C ALA N 59 23.29 13.85 6.62
N GLY N 60 24.53 13.42 6.38
CA GLY N 60 25.62 14.38 6.24
C GLY N 60 25.42 15.30 5.06
N VAL N 61 24.87 14.78 3.96
CA VAL N 61 24.59 15.62 2.81
C VAL N 61 23.58 16.69 3.18
N GLY N 62 22.54 16.30 3.90
CA GLY N 62 21.56 17.27 4.35
C GLY N 62 22.19 18.37 5.20
N ALA N 63 23.02 17.99 6.15
CA ALA N 63 23.62 18.98 7.04
C ALA N 63 24.56 19.92 6.28
N ILE N 64 25.41 19.35 5.41
CA ILE N 64 26.33 20.20 4.66
C ILE N 64 25.58 21.10 3.71
N ALA N 65 24.42 20.66 3.21
CA ALA N 65 23.58 21.54 2.42
C ALA N 65 23.02 22.69 3.26
N GLU N 66 22.59 22.39 4.48
CA GLU N 66 22.11 23.45 5.36
C GLU N 66 23.21 24.47 5.61
N ASP N 67 24.43 24.01 5.83
CA ASP N 67 25.57 24.92 5.99
C ASP N 67 26.82 24.17 5.58
N ARG N 68 27.61 24.76 4.70
CA ARG N 68 28.87 24.15 4.30
C ARG N 68 29.90 24.17 5.41
N SER N 69 29.63 24.87 6.51
CA SER N 69 30.62 24.97 7.58
C SER N 69 30.81 23.64 8.30
N ASN N 70 29.83 22.75 8.24
CA ASN N 70 29.89 21.52 9.01
C ASN N 70 30.51 20.36 8.25
N PHE N 71 31.05 20.57 7.05
CA PHE N 71 31.66 19.48 6.29
C PHE N 71 32.82 18.85 7.05
N GLY N 72 33.54 19.65 7.86
CA GLY N 72 34.56 19.10 8.72
C GLY N 72 34.04 18.11 9.73
N THR N 73 32.73 18.12 9.99
CA THR N 73 32.12 17.07 10.79
C THR N 73 31.48 16.00 9.94
N ALA N 74 30.90 16.37 8.79
CA ALA N 74 30.25 15.39 7.92
C ALA N 74 31.24 14.38 7.34
N LEU N 75 32.35 14.85 6.77
CA LEU N 75 33.35 13.93 6.25
C LEU N 75 33.99 13.14 7.37
N ILE N 76 34.30 13.79 8.49
CA ILE N 76 34.93 13.15 9.62
C ILE N 76 34.03 12.11 10.25
N PHE N 77 32.73 12.17 10.00
CA PHE N 77 31.80 11.14 10.48
C PHE N 77 31.48 10.09 9.42
N LEU N 78 31.56 10.43 8.14
CA LEU N 78 31.28 9.43 7.11
C LEU N 78 32.49 8.57 6.77
N LEU N 79 33.71 9.05 7.03
CA LEU N 79 34.90 8.25 6.75
C LEU N 79 35.22 7.26 7.86
N LEU N 80 34.56 7.37 9.00
CA LEU N 80 34.77 6.40 10.08
C LEU N 80 34.39 4.98 9.69
N PRO N 81 33.25 4.71 9.05
CA PRO N 81 32.85 3.30 8.82
C PRO N 81 33.78 2.52 7.90
N GLU N 82 34.90 3.08 7.45
CA GLU N 82 35.84 2.29 6.65
C GLU N 82 36.44 1.15 7.45
N THR N 83 36.27 1.16 8.77
CA THR N 83 36.83 0.12 9.60
C THR N 83 36.32 -1.26 9.22
N LEU N 84 35.03 -1.38 8.86
CA LEU N 84 34.49 -2.69 8.54
C LEU N 84 35.20 -3.30 7.34
N VAL N 85 35.29 -2.55 6.25
CA VAL N 85 35.92 -3.09 5.05
C VAL N 85 37.42 -3.27 5.26
N ILE N 86 38.06 -2.40 6.04
CA ILE N 86 39.49 -2.60 6.29
C ILE N 86 39.75 -3.87 7.08
N PHE N 87 38.94 -4.14 8.10
CA PHE N 87 39.10 -5.39 8.85
C PHE N 87 38.79 -6.61 7.98
N GLY N 88 37.77 -6.52 7.14
CA GLY N 88 37.51 -7.61 6.21
C GLY N 88 38.67 -7.85 5.26
N LEU N 89 39.28 -6.77 4.78
CA LEU N 89 40.46 -6.92 3.93
C LEU N 89 41.61 -7.55 4.69
N LEU N 90 41.75 -7.22 5.97
CA LEU N 90 42.79 -7.86 6.77
C LEU N 90 42.57 -9.36 6.85
N ILE N 91 41.34 -9.79 7.14
CA ILE N 91 41.07 -11.22 7.24
C ILE N 91 41.31 -11.89 5.90
N ALA N 92 40.89 -11.23 4.81
CA ALA N 92 41.07 -11.81 3.48
C ALA N 92 42.55 -11.94 3.13
N PHE N 93 43.37 -10.93 3.46
CA PHE N 93 44.79 -11.01 3.18
C PHE N 93 45.46 -12.09 4.02
N ILE N 94 45.03 -12.26 5.27
CA ILE N 94 45.55 -13.35 6.09
C ILE N 94 45.22 -14.70 5.44
N LEU N 95 43.99 -14.86 4.98
CA LEU N 95 43.61 -16.09 4.30
C LEU N 95 44.42 -16.29 3.03
N ASN N 96 44.67 -15.21 2.29
CA ASN N 96 45.47 -15.33 1.08
C ASN N 96 46.88 -15.77 1.39
N GLY N 97 47.46 -15.22 2.45
CA GLY N 97 48.78 -15.65 2.86
C GLY N 97 48.83 -17.11 3.26
N ARG N 98 47.86 -17.54 4.07
CA ARG N 98 47.80 -18.94 4.46
C ARG N 98 47.43 -19.87 3.31
N LEU N 99 46.93 -19.34 2.21
CA LEU N 99 46.58 -20.16 1.05
C LEU N 99 47.17 -19.59 -0.23
#